data_3OL9
#
_entry.id   3OL9
#
_cell.length_a   60.499
_cell.length_b   60.555
_cell.length_c   192.353
_cell.angle_alpha   83.69
_cell.angle_beta   83.67
_cell.angle_gamma   77.45
#
_symmetry.space_group_name_H-M   'P 1'
#
loop_
_entity.id
_entity.type
_entity.pdbx_description
1 polymer Polymerase
2 polymer "RNA (5'-R(*AP*AP*GP*UP*CP*UP*CP*CP*AP*GP*GP*UP*CP*UP*CP*UP*CP*GP*UP*CP*CP*GP*GP*AP*AP*A)-3')"
3 polymer "RNA (5'-R(*GP*CP*CP*CP*GP*GP*AP*CP*GP*AP*GP*AP*GP*AP*(O2C))-3')"
4 polymer "RNA (5'-R(*GP*GP*GP*AP*GP*AP*UP*GP*A)-3')"
5 non-polymer 'PYROPHOSPHATE 2-'
6 non-polymer 'ISOPROPYL ALCOHOL'
7 non-polymer 'ZINC ION'
8 water water
#
loop_
_entity_poly.entity_id
_entity_poly.type
_entity_poly.pdbx_seq_one_letter_code
_entity_poly.pdbx_strand_id
1 'polypeptide(L)'
;GEIQWMRPSKEVGYPIINAPSKTKLEPSAFHYVFEGVKEPAVLTKNDPRLKTDFEEAIFSKYVGNKITEVDEYMKEAVDH
YAGQLMSLDINTEQMCLEDAMYGTDGLEALDLSTSAGYPYVAMGKKKRDILNKQTRDTKEMQKLLDTYGINLPLVTYVKD
ELRSKTKVEQGKSRLIEASSLNDSVAMRMAFGNLYAAFHKNPGVITGSAVGCDPDLFWSKIPVLMEEKLFAFDYTGYDAS
LSPAWFEALKMVLEKIGFGDRVDYIDYLNHSHHLYKNKTYCVKGGMPSGCSGTSIFNSMINNLIIRTLLLKTYKGIDLDH
LKMIAYGDDVIASYPHEVDASLLAQSGKDYGLTMTPADKSATFETVTWENVTFLKRFFRADEKYPFLIHPVMPMKEIHES
IRWTKDPRNTQDHVRSLCLLAWHNGEEEYNKFLAKIRSVPIGRALDLPEYSTLYRRWLDSFGSSSHHHHHH
;
A,E,I,M
2 'polyribonucleotide' AAGUCUCCAGGUCUCUCGUCCGGAAA B,F,J,N
3 'polyribonucleotide' GCCCGGACGAGAGA(O2C) C,G,K,O
4 'polyribonucleotide' GGGAGAUGA D,H,L,P
#
loop_
_chem_comp.id
_chem_comp.type
_chem_comp.name
_chem_comp.formula
A RNA linking ADENOSINE-5'-MONOPHOSPHATE 'C10 H14 N5 O7 P'
C RNA linking CYTIDINE-5'-MONOPHOSPHATE 'C9 H14 N3 O8 P'
G RNA linking GUANOSINE-5'-MONOPHOSPHATE 'C10 H14 N5 O8 P'
IPA non-polymer 'ISOPROPYL ALCOHOL' 'C3 H8 O'
O2C RNA linking 3'-DEOXY-CYTIDINE-5'-MONOPHOSPHATE 'C9 H14 N3 O7 P'
POP non-polymer 'PYROPHOSPHATE 2-' 'H2 O7 P2 -2'
U RNA linking URIDINE-5'-MONOPHOSPHATE 'C9 H13 N2 O9 P'
ZN non-polymer 'ZINC ION' 'Zn 2'
#
# COMPACT_ATOMS: atom_id res chain seq x y z
N GLY A 1 -33.20 11.39 95.81
CA GLY A 1 -32.00 11.53 96.62
C GLY A 1 -32.14 12.61 97.66
N GLU A 2 -31.39 12.50 98.75
CA GLU A 2 -31.44 13.48 99.83
C GLU A 2 -30.13 13.55 100.58
N ILE A 3 -29.67 14.77 100.85
CA ILE A 3 -28.49 14.97 101.65
C ILE A 3 -28.80 14.59 103.10
N GLN A 4 -27.86 13.90 103.73
CA GLN A 4 -28.07 13.42 105.09
C GLN A 4 -27.29 14.30 106.04
N TRP A 5 -26.27 14.99 105.52
CA TRP A 5 -25.48 15.90 106.33
C TRP A 5 -24.32 16.51 105.59
N MET A 6 -23.98 17.74 105.95
CA MET A 6 -22.77 18.42 105.47
C MET A 6 -21.87 18.73 106.65
N ARG A 7 -20.62 19.09 106.38
CA ARG A 7 -19.69 19.41 107.46
C ARG A 7 -18.26 19.52 106.98
N PRO A 8 -17.57 20.59 107.39
CA PRO A 8 -16.16 20.74 107.01
C PRO A 8 -15.44 19.40 107.05
N SER A 9 -15.05 18.90 105.89
CA SER A 9 -14.38 17.62 105.80
C SER A 9 -13.15 17.58 106.67
N LYS A 10 -12.63 18.76 107.00
CA LYS A 10 -11.48 18.88 107.88
C LYS A 10 -11.80 18.28 109.24
N GLU A 11 -13.08 18.30 109.60
CA GLU A 11 -13.52 17.78 110.88
C GLU A 11 -13.93 16.30 110.81
N VAL A 12 -13.79 15.70 109.63
CA VAL A 12 -14.07 14.27 109.47
C VAL A 12 -12.88 13.55 108.81
N GLY A 13 -11.79 14.29 108.66
CA GLY A 13 -10.54 13.71 108.19
C GLY A 13 -10.24 13.86 106.71
N TYR A 14 -11.22 14.28 105.92
CA TYR A 14 -11.06 14.35 104.48
C TYR A 14 -10.35 15.61 103.99
N PRO A 15 -9.54 15.47 102.93
CA PRO A 15 -8.75 16.58 102.38
C PRO A 15 -9.66 17.62 101.73
N ILE A 16 -9.14 18.82 101.57
CA ILE A 16 -9.83 19.83 100.78
C ILE A 16 -9.38 19.71 99.33
N ILE A 17 -10.32 19.52 98.42
CA ILE A 17 -10.01 19.59 97.00
C ILE A 17 -10.72 20.80 96.43
N ASN A 18 -9.94 21.69 95.83
CA ASN A 18 -10.51 22.88 95.22
C ASN A 18 -10.51 22.78 93.70
N ALA A 19 -11.68 22.98 93.11
CA ALA A 19 -11.81 22.95 91.65
C ALA A 19 -11.47 24.31 91.07
N PRO A 20 -11.06 24.34 89.78
CA PRO A 20 -10.86 25.62 89.13
C PRO A 20 -12.13 26.44 89.20
N SER A 21 -12.02 27.74 88.97
CA SER A 21 -13.14 28.64 89.16
C SER A 21 -13.47 29.39 87.88
N LYS A 22 -12.61 29.21 86.88
CA LYS A 22 -12.73 29.93 85.62
C LYS A 22 -13.22 28.99 84.52
N THR A 23 -14.15 29.48 83.72
CA THR A 23 -14.67 28.69 82.61
C THR A 23 -13.60 28.57 81.53
N LYS A 24 -13.65 27.47 80.79
CA LYS A 24 -12.67 27.23 79.74
C LYS A 24 -13.26 27.70 78.41
N LEU A 25 -14.54 28.06 78.45
CA LEU A 25 -15.31 28.44 77.26
C LEU A 25 -15.12 29.92 76.91
N GLU A 26 -14.81 30.18 75.65
CA GLU A 26 -14.57 31.54 75.16
C GLU A 26 -15.31 31.75 73.84
N PRO A 27 -15.67 33.02 73.55
CA PRO A 27 -16.41 33.30 72.31
C PRO A 27 -15.62 32.85 71.11
N SER A 28 -16.33 32.28 70.15
CA SER A 28 -15.76 31.73 68.94
C SER A 28 -15.44 32.85 67.97
N ALA A 29 -14.70 32.52 66.92
CA ALA A 29 -14.63 33.37 65.74
C ALA A 29 -16.02 33.50 65.11
N PHE A 30 -16.94 32.66 65.53
CA PHE A 30 -18.26 32.64 64.91
C PHE A 30 -19.34 33.17 65.84
N HIS A 31 -18.90 33.84 66.89
CA HIS A 31 -19.76 34.23 68.00
C HIS A 31 -20.78 35.29 67.58
N TYR A 32 -20.47 36.05 66.54
CA TYR A 32 -21.37 37.11 66.09
C TYR A 32 -22.00 36.80 64.74
N VAL A 33 -21.49 35.77 64.09
CA VAL A 33 -22.06 35.33 62.84
C VAL A 33 -23.40 34.63 63.09
N PHE A 34 -23.50 33.89 64.19
CA PHE A 34 -24.72 33.17 64.52
C PHE A 34 -25.35 33.70 65.79
N GLU A 35 -26.67 33.62 65.87
CA GLU A 35 -27.40 34.00 67.06
C GLU A 35 -27.34 32.88 68.10
N GLY A 36 -27.51 33.25 69.37
CA GLY A 36 -27.51 32.28 70.46
C GLY A 36 -27.81 32.93 71.80
N VAL A 37 -28.37 32.14 72.73
CA VAL A 37 -28.73 32.65 74.05
C VAL A 37 -27.91 32.02 75.18
N LYS A 38 -27.19 30.94 74.90
CA LYS A 38 -26.50 30.19 75.95
C LYS A 38 -25.14 30.78 76.30
N GLU A 39 -24.78 30.64 77.58
CA GLU A 39 -23.47 31.08 78.06
C GLU A 39 -22.93 30.08 79.07
N PRO A 40 -21.62 30.13 79.32
CA PRO A 40 -20.98 29.19 80.25
C PRO A 40 -21.67 29.21 81.61
N ALA A 41 -21.79 28.03 82.23
CA ALA A 41 -22.52 27.91 83.49
C ALA A 41 -21.75 28.58 84.61
N VAL A 42 -22.48 28.99 85.65
CA VAL A 42 -21.86 29.51 86.86
C VAL A 42 -20.95 28.45 87.49
N LEU A 43 -19.70 28.81 87.73
CA LEU A 43 -18.75 27.89 88.35
C LEU A 43 -18.48 28.18 89.84
N THR A 44 -18.84 29.37 90.31
CA THR A 44 -18.59 29.80 91.69
C THR A 44 -19.70 30.68 92.26
N LYS A 45 -19.68 30.91 93.57
CA LYS A 45 -20.65 31.79 94.23
C LYS A 45 -20.43 33.24 93.87
N ASN A 46 -19.16 33.65 93.83
CA ASN A 46 -18.81 35.02 93.50
C ASN A 46 -18.91 35.32 91.98
N ASP A 47 -20.03 34.91 91.39
CA ASP A 47 -20.29 35.14 89.98
C ASP A 47 -21.37 36.21 89.86
N PRO A 48 -21.06 37.30 89.12
CA PRO A 48 -21.94 38.45 88.89
C PRO A 48 -23.34 38.07 88.39
N ARG A 49 -23.40 37.13 87.45
CA ARG A 49 -24.64 36.83 86.76
C ARG A 49 -25.72 36.24 87.66
N LEU A 50 -25.35 35.87 88.88
CA LEU A 50 -26.25 35.17 89.79
C LEU A 50 -27.36 36.05 90.37
N LYS A 51 -28.58 35.55 90.32
CA LYS A 51 -29.73 36.22 90.94
C LYS A 51 -30.40 35.34 92.00
N THR A 52 -29.58 34.62 92.76
CA THR A 52 -30.03 33.72 93.83
C THR A 52 -28.79 33.03 94.38
N ASP A 53 -28.88 32.38 95.53
CA ASP A 53 -27.69 31.78 96.14
C ASP A 53 -27.25 30.51 95.44
N PHE A 54 -25.96 30.44 95.11
CA PHE A 54 -25.42 29.36 94.28
C PHE A 54 -25.57 27.98 94.92
N GLU A 55 -24.86 27.75 96.01
CA GLU A 55 -24.85 26.44 96.64
C GLU A 55 -26.25 25.95 97.01
N GLU A 56 -27.16 26.86 97.31
CA GLU A 56 -28.55 26.47 97.56
C GLU A 56 -29.12 25.87 96.29
N ALA A 57 -28.81 26.52 95.17
CA ALA A 57 -29.33 26.12 93.87
C ALA A 57 -28.79 24.78 93.40
N ILE A 58 -27.47 24.62 93.45
CA ILE A 58 -26.84 23.44 92.87
C ILE A 58 -27.10 22.17 93.68
N PHE A 59 -27.54 22.33 94.93
CA PHE A 59 -27.83 21.18 95.76
C PHE A 59 -29.32 20.97 95.97
N SER A 60 -30.11 21.91 95.49
CA SER A 60 -31.56 21.85 95.67
C SER A 60 -32.19 20.70 94.90
N LYS A 61 -31.40 20.01 94.08
CA LYS A 61 -31.94 18.96 93.21
C LYS A 61 -32.40 17.71 93.97
N TYR A 62 -31.84 17.49 95.15
CA TYR A 62 -32.16 16.31 95.96
C TYR A 62 -33.57 16.40 96.58
N VAL A 63 -34.57 16.04 95.77
CA VAL A 63 -35.97 16.36 96.06
C VAL A 63 -36.71 15.45 97.06
N GLY A 64 -36.05 14.40 97.55
CA GLY A 64 -36.68 13.48 98.49
C GLY A 64 -37.01 12.12 97.88
N ASN A 65 -37.54 11.22 98.70
CA ASN A 65 -37.84 9.86 98.23
C ASN A 65 -39.27 9.38 98.51
N LYS A 66 -40.08 9.34 97.45
CA LYS A 66 -41.46 8.88 97.54
C LYS A 66 -41.55 7.44 98.05
N ILE A 67 -40.95 6.50 97.32
CA ILE A 67 -41.13 5.11 97.63
C ILE A 67 -39.87 4.45 98.14
N THR A 68 -40.07 3.31 98.79
CA THR A 68 -38.98 2.44 99.21
C THR A 68 -39.39 0.99 98.95
N GLU A 69 -40.69 0.77 98.76
CA GLU A 69 -41.21 -0.57 98.58
C GLU A 69 -41.46 -0.91 97.13
N VAL A 70 -41.02 -2.09 96.73
CA VAL A 70 -41.32 -2.59 95.40
C VAL A 70 -42.70 -3.26 95.40
N ASP A 71 -43.69 -2.58 94.83
CA ASP A 71 -45.04 -3.13 94.76
C ASP A 71 -45.26 -4.10 93.61
N GLU A 72 -46.51 -4.51 93.45
CA GLU A 72 -46.88 -5.61 92.57
C GLU A 72 -46.67 -5.30 91.09
N TYR A 73 -46.81 -4.02 90.75
CA TYR A 73 -46.64 -3.56 89.37
C TYR A 73 -45.15 -3.50 89.03
N MET A 74 -44.36 -2.90 89.92
CA MET A 74 -42.91 -2.89 89.76
C MET A 74 -42.41 -4.31 89.62
N LYS A 75 -42.94 -5.21 90.43
CA LYS A 75 -42.46 -6.60 90.42
C LYS A 75 -42.73 -7.25 89.09
N GLU A 76 -43.94 -7.04 88.57
CA GLU A 76 -44.28 -7.58 87.26
C GLU A 76 -43.39 -6.94 86.18
N ALA A 77 -43.10 -5.66 86.35
CA ALA A 77 -42.21 -4.92 85.42
C ALA A 77 -40.84 -5.58 85.41
N VAL A 78 -40.32 -5.84 86.61
CA VAL A 78 -39.06 -6.57 86.75
C VAL A 78 -39.08 -7.92 86.03
N ASP A 79 -40.12 -8.72 86.26
CA ASP A 79 -40.12 -10.06 85.69
C ASP A 79 -40.10 -9.95 84.19
N HIS A 80 -40.87 -8.99 83.67
CA HIS A 80 -40.99 -8.85 82.22
C HIS A 80 -39.69 -8.35 81.56
N TYR A 81 -39.07 -7.34 82.15
CA TYR A 81 -37.83 -6.81 81.61
C TYR A 81 -36.71 -7.85 81.73
N ALA A 82 -36.62 -8.49 82.89
CA ALA A 82 -35.58 -9.50 83.10
C ALA A 82 -35.68 -10.61 82.06
N GLY A 83 -36.91 -11.06 81.81
CA GLY A 83 -37.13 -12.12 80.83
C GLY A 83 -36.63 -11.70 79.47
N GLN A 84 -36.86 -10.44 79.12
CA GLN A 84 -36.34 -9.89 77.89
C GLN A 84 -34.83 -10.02 77.82
N LEU A 85 -34.15 -9.54 78.85
CA LEU A 85 -32.68 -9.54 78.86
C LEU A 85 -32.14 -10.97 78.75
N MET A 86 -32.87 -11.92 79.32
CA MET A 86 -32.48 -13.33 79.37
C MET A 86 -32.29 -13.88 77.96
N SER A 87 -33.03 -13.34 77.00
CA SER A 87 -32.92 -13.80 75.61
C SER A 87 -31.59 -13.44 74.96
N LEU A 88 -30.80 -12.62 75.63
CA LEU A 88 -29.53 -12.18 75.08
C LEU A 88 -28.37 -13.09 75.46
N ASP A 89 -28.55 -13.93 76.49
CA ASP A 89 -27.51 -14.84 76.96
C ASP A 89 -26.29 -14.07 77.46
N ILE A 90 -26.51 -13.20 78.42
CA ILE A 90 -25.46 -12.32 78.91
C ILE A 90 -24.48 -13.09 79.79
N ASN A 91 -23.21 -13.12 79.38
CA ASN A 91 -22.13 -13.71 80.17
C ASN A 91 -22.19 -13.11 81.57
N THR A 92 -22.45 -13.95 82.58
CA THR A 92 -22.65 -13.48 83.95
C THR A 92 -21.36 -13.46 84.76
N GLU A 93 -20.24 -13.74 84.12
CA GLU A 93 -19.00 -13.86 84.85
C GLU A 93 -18.34 -12.52 85.16
N GLN A 94 -17.54 -12.50 86.22
CA GLN A 94 -16.72 -11.33 86.48
C GLN A 94 -15.83 -11.10 85.29
N MET A 95 -15.45 -9.85 85.08
CA MET A 95 -14.49 -9.50 84.05
C MET A 95 -13.13 -9.42 84.72
N CYS A 96 -12.11 -10.01 84.10
CA CYS A 96 -10.76 -9.98 84.67
C CYS A 96 -10.29 -8.55 84.79
N LEU A 97 -9.39 -8.31 85.73
CA LEU A 97 -8.87 -6.97 85.96
C LEU A 97 -8.31 -6.33 84.68
N GLU A 98 -7.66 -7.12 83.83
CA GLU A 98 -7.00 -6.56 82.65
C GLU A 98 -8.02 -5.97 81.66
N ASP A 99 -9.10 -6.71 81.41
CA ASP A 99 -10.17 -6.25 80.52
C ASP A 99 -11.00 -5.15 81.17
N ALA A 100 -11.11 -5.13 82.49
CA ALA A 100 -11.93 -4.09 83.10
C ALA A 100 -11.17 -2.78 83.01
N MET A 101 -9.85 -2.84 83.03
CA MET A 101 -9.03 -1.64 82.94
C MET A 101 -8.83 -1.18 81.51
N TYR A 102 -8.49 -2.12 80.65
CA TYR A 102 -7.98 -1.79 79.33
C TYR A 102 -8.97 -1.98 78.19
N GLY A 103 -10.14 -2.53 78.47
CA GLY A 103 -11.15 -2.66 77.45
C GLY A 103 -11.17 -4.04 76.86
N THR A 104 -12.30 -4.42 76.30
CA THR A 104 -12.43 -5.68 75.58
C THR A 104 -13.47 -5.48 74.48
N ASP A 105 -13.92 -6.57 73.86
CA ASP A 105 -14.95 -6.42 72.83
C ASP A 105 -16.22 -5.84 73.46
N GLY A 106 -16.62 -4.66 73.05
CA GLY A 106 -17.85 -4.08 73.58
C GLY A 106 -17.65 -3.16 74.77
N LEU A 107 -16.41 -3.07 75.27
CA LEU A 107 -16.11 -2.19 76.39
C LEU A 107 -14.80 -1.47 76.13
N GLU A 108 -14.85 -0.14 76.12
CA GLU A 108 -13.67 0.69 75.94
C GLU A 108 -12.85 0.77 77.23
N ALA A 109 -11.56 1.03 77.05
CA ALA A 109 -10.66 1.22 78.17
C ALA A 109 -11.17 2.33 79.04
N LEU A 110 -10.69 2.34 80.27
CA LEU A 110 -10.83 3.50 81.12
C LEU A 110 -10.26 4.71 80.40
N ASP A 111 -10.82 5.88 80.67
CA ASP A 111 -10.35 7.11 80.05
C ASP A 111 -9.10 7.62 80.75
N LEU A 112 -7.95 7.52 80.12
CA LEU A 112 -6.70 7.95 80.77
C LEU A 112 -6.55 9.48 80.85
N SER A 113 -7.38 10.22 80.14
CA SER A 113 -7.25 11.66 80.13
C SER A 113 -8.07 12.35 81.22
N THR A 114 -8.76 11.58 82.04
CA THR A 114 -9.54 12.19 83.10
C THR A 114 -8.99 11.85 84.50
N SER A 115 -9.51 12.53 85.52
CA SER A 115 -9.05 12.38 86.90
C SER A 115 -9.18 10.96 87.43
N ALA A 116 -8.22 10.54 88.24
CA ALA A 116 -8.31 9.29 88.99
C ALA A 116 -9.17 9.42 90.24
N GLY A 117 -9.59 10.64 90.56
CA GLY A 117 -10.46 10.85 91.71
C GLY A 117 -9.77 10.57 93.05
N TYR A 118 -10.56 10.43 94.12
CA TYR A 118 -10.02 10.23 95.47
C TYR A 118 -9.46 8.83 95.69
N PRO A 119 -8.29 8.73 96.34
CA PRO A 119 -7.57 9.86 96.96
C PRO A 119 -6.41 10.32 96.09
N TYR A 120 -6.30 9.71 94.91
CA TYR A 120 -5.20 9.98 93.98
C TYR A 120 -5.12 11.45 93.64
N VAL A 121 -6.24 12.15 93.79
CA VAL A 121 -6.32 13.53 93.36
C VAL A 121 -5.72 14.44 94.43
N ALA A 122 -5.69 13.98 95.67
CA ALA A 122 -5.03 14.71 96.74
C ALA A 122 -3.56 14.30 96.82
N MET A 123 -3.23 13.19 96.17
CA MET A 123 -1.86 12.70 96.14
C MET A 123 -1.11 13.13 94.89
N GLY A 124 -1.79 13.85 94.00
CA GLY A 124 -1.23 14.24 92.72
C GLY A 124 -0.89 13.05 91.84
N LYS A 125 -1.69 11.99 91.97
CA LYS A 125 -1.50 10.77 91.19
C LYS A 125 -2.50 10.72 90.01
N LYS A 126 -2.03 10.35 88.82
CA LYS A 126 -2.86 10.39 87.61
C LYS A 126 -3.07 9.01 86.99
N LYS A 127 -4.13 8.85 86.21
CA LYS A 127 -4.42 7.54 85.62
C LYS A 127 -3.23 7.07 84.80
N ARG A 128 -2.62 7.99 84.06
CA ARG A 128 -1.46 7.66 83.24
C ARG A 128 -0.31 7.06 84.05
N ASP A 129 -0.17 7.53 85.29
CA ASP A 129 0.84 6.99 86.19
C ASP A 129 0.59 5.51 86.47
N ILE A 130 -0.67 5.16 86.70
CA ILE A 130 -1.06 3.81 87.09
C ILE A 130 -1.27 2.85 85.91
N LEU A 131 -1.85 3.35 84.82
CA LEU A 131 -2.19 2.51 83.66
C LEU A 131 -1.21 2.56 82.50
N ASN A 132 -1.01 1.44 81.84
CA ASN A 132 -0.26 1.43 80.59
C ASN A 132 -0.94 0.61 79.51
N LYS A 133 -1.51 1.28 78.51
CA LYS A 133 -2.27 0.60 77.48
C LYS A 133 -1.41 -0.36 76.69
N GLN A 134 -0.16 0.00 76.47
CA GLN A 134 0.72 -0.82 75.65
C GLN A 134 1.03 -2.15 76.33
N THR A 135 1.39 -2.11 77.61
CA THR A 135 1.64 -3.34 78.35
C THR A 135 0.38 -3.91 79.02
N ARG A 136 -0.66 -3.10 79.16
CA ARG A 136 -1.86 -3.56 79.86
C ARG A 136 -1.47 -4.09 81.23
N ASP A 137 -0.60 -3.36 81.90
CA ASP A 137 -0.10 -3.76 83.21
C ASP A 137 -1.16 -3.58 84.30
N THR A 138 -1.48 -4.68 84.98
CA THR A 138 -2.49 -4.67 86.03
C THR A 138 -1.86 -4.61 87.44
N LYS A 139 -0.56 -4.86 87.52
CA LYS A 139 0.14 -4.97 88.79
C LYS A 139 -0.07 -3.76 89.69
N GLU A 140 0.20 -2.57 89.17
CA GLU A 140 0.04 -1.36 89.99
C GLU A 140 -1.40 -1.14 90.45
N MET A 141 -2.35 -1.30 89.54
CA MET A 141 -3.76 -1.17 89.90
C MET A 141 -4.17 -2.16 90.99
N GLN A 142 -3.78 -3.42 90.83
CA GLN A 142 -4.08 -4.42 91.82
C GLN A 142 -3.60 -3.99 93.21
N LYS A 143 -2.36 -3.52 93.28
CA LYS A 143 -1.80 -2.99 94.51
C LYS A 143 -2.62 -1.84 95.13
N LEU A 144 -3.10 -0.94 94.30
CA LEU A 144 -3.90 0.19 94.80
C LEU A 144 -5.27 -0.25 95.30
N LEU A 145 -5.85 -1.26 94.65
CA LEU A 145 -7.08 -1.88 95.12
C LEU A 145 -6.86 -2.49 96.51
N ASP A 146 -5.76 -3.23 96.66
CA ASP A 146 -5.42 -3.84 97.94
C ASP A 146 -5.24 -2.76 98.97
N THR A 147 -4.56 -1.69 98.58
CA THR A 147 -4.24 -0.62 99.50
C THR A 147 -5.42 0.24 99.93
N TYR A 148 -6.23 0.70 98.97
CA TYR A 148 -7.28 1.67 99.27
C TYR A 148 -8.69 1.14 99.19
N GLY A 149 -8.82 -0.08 98.69
CA GLY A 149 -10.11 -0.75 98.70
C GLY A 149 -11.08 -0.10 97.74
N ILE A 150 -12.34 -0.40 97.93
CA ILE A 150 -13.39 0.22 97.15
C ILE A 150 -14.33 1.07 98.02
N ASN A 151 -15.37 1.60 97.40
CA ASN A 151 -16.39 2.33 98.10
C ASN A 151 -15.86 3.64 98.66
N LEU A 152 -15.07 4.33 97.86
CA LEU A 152 -14.44 5.55 98.29
C LEU A 152 -15.37 6.74 98.07
N PRO A 153 -15.04 7.89 98.68
CA PRO A 153 -15.91 9.03 98.43
C PRO A 153 -15.72 9.57 97.00
N LEU A 154 -16.78 10.18 96.47
CA LEU A 154 -16.73 10.86 95.16
C LEU A 154 -16.41 12.33 95.33
N VAL A 155 -15.73 12.90 94.35
CA VAL A 155 -15.34 14.29 94.42
C VAL A 155 -16.26 15.11 93.52
N THR A 156 -16.91 16.10 94.10
CA THR A 156 -17.89 16.88 93.40
C THR A 156 -17.23 18.02 92.65
N TYR A 157 -17.54 18.15 91.36
CA TYR A 157 -17.13 19.32 90.58
C TYR A 157 -18.34 19.91 89.86
N VAL A 158 -18.33 21.22 89.64
CA VAL A 158 -19.38 21.82 88.82
C VAL A 158 -19.00 21.68 87.35
N LYS A 159 -19.94 21.26 86.52
CA LYS A 159 -19.62 21.05 85.12
C LYS A 159 -19.45 22.38 84.37
N ASP A 160 -18.31 22.52 83.72
CA ASP A 160 -18.01 23.65 82.85
C ASP A 160 -18.61 23.43 81.45
N GLU A 161 -19.76 24.06 81.19
CA GLU A 161 -20.53 23.79 79.99
C GLU A 161 -21.49 24.95 79.72
N LEU A 162 -22.07 24.99 78.53
CA LEU A 162 -22.96 26.09 78.17
C LEU A 162 -24.34 25.88 78.78
N ARG A 163 -24.94 26.98 79.23
CA ARG A 163 -26.22 26.92 79.92
C ARG A 163 -27.10 28.08 79.46
N SER A 164 -28.42 27.87 79.39
CA SER A 164 -29.32 28.95 79.01
C SER A 164 -29.26 30.11 79.99
N LYS A 165 -29.89 31.22 79.63
CA LYS A 165 -29.84 32.44 80.43
C LYS A 165 -30.42 32.27 81.84
N THR A 166 -31.66 31.81 81.92
CA THR A 166 -32.29 31.65 83.22
C THR A 166 -31.51 30.69 84.11
N LYS A 167 -30.91 29.65 83.51
CA LYS A 167 -30.15 28.66 84.28
C LYS A 167 -28.85 29.25 84.80
N VAL A 168 -28.40 30.33 84.16
CA VAL A 168 -27.18 30.98 84.62
C VAL A 168 -27.50 31.95 85.76
N GLU A 169 -28.58 32.71 85.60
CA GLU A 169 -29.02 33.62 86.64
C GLU A 169 -29.50 32.83 87.85
N GLN A 170 -30.16 31.70 87.59
CA GLN A 170 -30.75 30.89 88.63
C GLN A 170 -29.75 29.93 89.27
N GLY A 171 -28.48 30.00 88.86
CA GLY A 171 -27.47 29.11 89.39
C GLY A 171 -27.68 27.61 89.19
N LYS A 172 -28.52 27.25 88.21
CA LYS A 172 -28.75 25.84 87.86
C LYS A 172 -27.57 25.20 87.12
N SER A 173 -26.35 25.35 87.65
CA SER A 173 -25.21 24.61 87.14
C SER A 173 -25.35 23.14 87.49
N ARG A 174 -24.84 22.27 86.63
CA ARG A 174 -24.92 20.84 86.90
C ARG A 174 -23.67 20.35 87.59
N LEU A 175 -23.85 19.35 88.45
CA LEU A 175 -22.77 18.79 89.22
C LEU A 175 -22.27 17.47 88.64
N ILE A 176 -20.97 17.31 88.74
CA ILE A 176 -20.27 16.11 88.36
C ILE A 176 -19.80 15.43 89.65
N GLU A 177 -19.96 14.11 89.77
CA GLU A 177 -19.36 13.33 90.86
C GLU A 177 -18.20 12.47 90.35
N ALA A 178 -16.97 12.89 90.59
CA ALA A 178 -15.85 12.12 90.07
C ALA A 178 -15.64 10.81 90.84
N SER A 179 -15.96 9.70 90.18
CA SER A 179 -15.73 8.37 90.70
C SER A 179 -14.25 8.11 90.92
N SER A 180 -13.95 7.29 91.92
CA SER A 180 -12.59 6.86 92.16
C SER A 180 -12.18 5.81 91.12
N LEU A 181 -10.94 5.88 90.69
CA LEU A 181 -10.37 4.86 89.81
C LEU A 181 -10.58 3.43 90.38
N ASN A 182 -10.48 3.27 91.71
CA ASN A 182 -10.74 1.97 92.36
C ASN A 182 -12.16 1.48 92.15
N ASP A 183 -13.10 2.40 92.30
CA ASP A 183 -14.50 2.06 92.18
C ASP A 183 -14.92 1.80 90.71
N SER A 184 -14.33 2.55 89.78
CA SER A 184 -14.57 2.33 88.34
C SER A 184 -14.08 0.96 87.91
N VAL A 185 -12.90 0.60 88.38
CA VAL A 185 -12.37 -0.70 88.08
C VAL A 185 -13.18 -1.82 88.73
N ALA A 186 -13.62 -1.62 89.97
CA ALA A 186 -14.37 -2.67 90.65
C ALA A 186 -15.76 -2.81 89.99
N MET A 187 -16.37 -1.67 89.66
CA MET A 187 -17.64 -1.71 88.92
C MET A 187 -17.50 -2.44 87.58
N ARG A 188 -16.38 -2.21 86.88
CA ARG A 188 -16.23 -2.83 85.57
C ARG A 188 -15.89 -4.32 85.66
N MET A 189 -15.14 -4.72 86.69
CA MET A 189 -14.92 -6.15 86.89
C MET A 189 -16.25 -6.86 87.17
N ALA A 190 -17.11 -6.20 87.95
CA ALA A 190 -18.39 -6.77 88.34
C ALA A 190 -19.36 -6.81 87.19
N PHE A 191 -19.45 -5.69 86.45
CA PHE A 191 -20.53 -5.55 85.46
C PHE A 191 -20.10 -5.43 84.02
N GLY A 192 -18.81 -5.50 83.73
CA GLY A 192 -18.32 -5.30 82.37
C GLY A 192 -19.00 -6.14 81.30
N ASN A 193 -19.28 -7.39 81.63
CA ASN A 193 -19.95 -8.26 80.66
C ASN A 193 -21.40 -7.84 80.44
N LEU A 194 -21.98 -7.17 81.42
CA LEU A 194 -23.29 -6.55 81.25
C LEU A 194 -23.20 -5.33 80.33
N TYR A 195 -22.32 -4.39 80.66
CA TYR A 195 -22.06 -3.25 79.80
C TYR A 195 -21.84 -3.68 78.34
N ALA A 196 -21.03 -4.71 78.14
CA ALA A 196 -20.65 -5.06 76.78
C ALA A 196 -21.84 -5.60 76.01
N ALA A 197 -22.67 -6.38 76.69
CA ALA A 197 -23.86 -6.95 76.08
C ALA A 197 -24.84 -5.85 75.70
N PHE A 198 -25.00 -4.86 76.56
CA PHE A 198 -25.80 -3.72 76.17
C PHE A 198 -25.24 -2.97 74.97
N HIS A 199 -23.93 -2.72 75.00
CA HIS A 199 -23.31 -1.93 73.94
C HIS A 199 -23.42 -2.65 72.62
N LYS A 200 -23.44 -3.97 72.66
CA LYS A 200 -23.50 -4.72 71.41
C LYS A 200 -24.93 -4.88 70.91
N ASN A 201 -25.92 -4.61 71.76
CA ASN A 201 -27.31 -4.83 71.38
C ASN A 201 -28.30 -3.69 71.59
N PRO A 202 -27.97 -2.50 71.06
CA PRO A 202 -28.93 -1.39 71.16
C PRO A 202 -30.20 -1.77 70.44
N GLY A 203 -31.36 -1.42 70.97
CA GLY A 203 -32.62 -1.82 70.35
C GLY A 203 -33.69 -2.09 71.37
N VAL A 204 -34.69 -2.87 70.97
CA VAL A 204 -35.89 -3.03 71.80
C VAL A 204 -35.84 -4.21 72.76
N ILE A 205 -34.84 -5.09 72.62
CA ILE A 205 -34.67 -6.16 73.60
C ILE A 205 -34.00 -5.63 74.87
N THR A 206 -32.88 -4.95 74.68
CA THR A 206 -32.25 -4.24 75.79
C THR A 206 -33.11 -3.04 76.21
N GLY A 207 -33.97 -2.60 75.28
CA GLY A 207 -34.66 -1.31 75.44
C GLY A 207 -33.68 -0.17 75.67
N SER A 208 -32.53 -0.24 75.02
CA SER A 208 -31.48 0.74 75.25
C SER A 208 -30.83 1.18 73.95
N ALA A 209 -30.46 2.45 73.87
CA ALA A 209 -29.81 2.97 72.68
C ALA A 209 -28.29 3.15 72.85
N VAL A 210 -27.76 2.92 74.05
CA VAL A 210 -26.31 2.98 74.27
C VAL A 210 -25.61 2.08 73.25
N GLY A 211 -24.67 2.65 72.51
CA GLY A 211 -23.97 1.91 71.47
C GLY A 211 -24.48 2.13 70.07
N CYS A 212 -25.58 2.86 69.90
CA CYS A 212 -26.12 3.08 68.56
C CYS A 212 -25.39 4.25 67.87
N ASP A 213 -25.40 4.24 66.55
CA ASP A 213 -25.01 5.40 65.76
C ASP A 213 -26.24 5.93 65.06
N PRO A 214 -26.73 7.11 65.49
CA PRO A 214 -27.96 7.69 64.95
C PRO A 214 -28.07 7.71 63.43
N ASP A 215 -26.99 8.04 62.73
CA ASP A 215 -27.07 8.14 61.28
C ASP A 215 -27.59 6.85 60.68
N LEU A 216 -27.31 5.70 61.31
CA LEU A 216 -27.74 4.42 60.76
C LEU A 216 -28.94 3.85 61.52
N PHE A 217 -28.99 4.16 62.79
CA PHE A 217 -29.93 3.54 63.71
C PHE A 217 -31.30 4.13 63.51
N TRP A 218 -31.34 5.38 63.05
CA TRP A 218 -32.61 6.06 62.87
C TRP A 218 -33.48 5.29 61.90
N SER A 219 -32.87 4.58 60.96
CA SER A 219 -33.63 3.84 59.96
C SER A 219 -34.23 2.55 60.53
N LYS A 220 -33.62 2.04 61.60
CA LYS A 220 -34.12 0.82 62.23
C LYS A 220 -35.26 1.10 63.18
N ILE A 221 -35.31 2.31 63.73
CA ILE A 221 -36.23 2.59 64.84
C ILE A 221 -37.71 2.48 64.48
N PRO A 222 -38.15 3.17 63.41
CA PRO A 222 -39.57 3.07 63.06
C PRO A 222 -39.99 1.63 62.82
N VAL A 223 -39.10 0.82 62.23
CA VAL A 223 -39.42 -0.58 62.01
C VAL A 223 -39.53 -1.33 63.32
N LEU A 224 -38.77 -0.91 64.32
CA LEU A 224 -38.80 -1.58 65.60
C LEU A 224 -40.02 -1.16 66.41
N MET A 225 -40.52 0.05 66.18
CA MET A 225 -41.62 0.56 66.97
C MET A 225 -42.95 -0.08 66.57
N GLU A 226 -43.86 -0.20 67.53
CA GLU A 226 -45.23 -0.58 67.25
C GLU A 226 -45.92 0.63 66.66
N GLU A 227 -47.18 0.45 66.27
CA GLU A 227 -47.87 1.47 65.47
C GLU A 227 -47.96 2.84 66.13
N LYS A 228 -48.20 2.87 67.44
CA LYS A 228 -48.53 4.11 68.13
C LYS A 228 -47.45 4.56 69.13
N LEU A 229 -46.85 5.71 68.84
CA LEU A 229 -45.78 6.25 69.67
C LEU A 229 -46.31 6.93 70.93
N PHE A 230 -45.50 6.95 71.98
CA PHE A 230 -45.72 7.85 73.10
C PHE A 230 -44.39 8.19 73.73
N ALA A 231 -44.37 9.27 74.49
CA ALA A 231 -43.15 9.81 75.04
C ALA A 231 -43.49 10.96 75.97
N PHE A 232 -42.50 11.36 76.77
CA PHE A 232 -42.66 12.42 77.75
C PHE A 232 -41.26 12.74 78.29
N ASP A 233 -41.15 13.82 79.04
CA ASP A 233 -39.91 14.18 79.70
C ASP A 233 -40.03 13.90 81.20
N TYR A 234 -38.90 13.68 81.85
CA TYR A 234 -38.85 13.68 83.31
C TYR A 234 -38.27 15.01 83.72
N THR A 235 -38.65 15.50 84.90
CA THR A 235 -37.92 16.59 85.52
C THR A 235 -37.01 15.98 86.59
N GLY A 236 -35.74 16.38 86.59
CA GLY A 236 -34.75 15.84 87.52
C GLY A 236 -34.84 14.35 87.74
N TYR A 237 -34.58 13.57 86.70
CA TYR A 237 -34.79 12.13 86.73
C TYR A 237 -33.95 11.42 87.79
N ASP A 238 -32.65 11.65 87.75
CA ASP A 238 -31.70 10.92 88.59
C ASP A 238 -31.96 11.22 90.05
N ALA A 239 -32.18 12.49 90.35
CA ALA A 239 -32.49 12.96 91.69
C ALA A 239 -33.84 12.46 92.23
N SER A 240 -34.80 12.20 91.35
CA SER A 240 -36.10 11.74 91.78
C SER A 240 -36.20 10.23 91.92
N LEU A 241 -35.11 9.52 91.61
CA LEU A 241 -35.13 8.06 91.70
C LEU A 241 -35.15 7.62 93.15
N SER A 242 -36.24 7.01 93.57
CA SER A 242 -36.38 6.55 94.96
C SER A 242 -35.71 5.19 95.12
N PRO A 243 -35.43 4.82 96.37
CA PRO A 243 -34.78 3.55 96.70
C PRO A 243 -35.51 2.32 96.13
N ALA A 244 -36.83 2.41 95.98
CA ALA A 244 -37.60 1.29 95.46
C ALA A 244 -37.14 0.95 94.04
N TRP A 245 -36.72 1.96 93.31
CA TRP A 245 -36.32 1.78 91.93
C TRP A 245 -35.00 1.05 91.83
N PHE A 246 -34.11 1.30 92.79
CA PHE A 246 -32.85 0.57 92.83
C PHE A 246 -33.02 -0.87 93.26
N GLU A 247 -33.96 -1.11 94.17
CA GLU A 247 -34.26 -2.47 94.60
C GLU A 247 -34.76 -3.26 93.42
N ALA A 248 -35.67 -2.66 92.68
CA ALA A 248 -36.20 -3.27 91.47
C ALA A 248 -35.03 -3.56 90.54
N LEU A 249 -34.08 -2.63 90.47
CA LEU A 249 -32.90 -2.81 89.60
C LEU A 249 -32.09 -4.03 90.05
N LYS A 250 -31.82 -4.11 91.35
CA LYS A 250 -31.11 -5.25 91.91
C LYS A 250 -31.85 -6.55 91.65
N MET A 251 -33.18 -6.52 91.73
CA MET A 251 -33.98 -7.67 91.33
C MET A 251 -33.77 -8.11 89.87
N VAL A 252 -33.67 -7.16 88.96
CA VAL A 252 -33.39 -7.51 87.57
C VAL A 252 -32.01 -8.13 87.50
N LEU A 253 -31.06 -7.56 88.24
CA LEU A 253 -29.71 -8.09 88.22
C LEU A 253 -29.65 -9.52 88.77
N GLU A 254 -30.32 -9.76 89.89
CA GLU A 254 -30.40 -11.12 90.43
C GLU A 254 -30.98 -12.07 89.40
N LYS A 255 -32.05 -11.63 88.73
CA LYS A 255 -32.75 -12.49 87.79
C LYS A 255 -31.92 -12.86 86.57
N ILE A 256 -31.05 -11.96 86.11
CA ILE A 256 -30.23 -12.27 84.95
C ILE A 256 -28.88 -12.84 85.33
N GLY A 257 -28.67 -13.09 86.62
CA GLY A 257 -27.52 -13.84 87.05
C GLY A 257 -26.39 -13.06 87.68
N PHE A 258 -26.62 -11.78 87.98
CA PHE A 258 -25.61 -10.93 88.64
C PHE A 258 -25.92 -10.77 90.11
N GLY A 259 -26.69 -11.73 90.65
CA GLY A 259 -27.20 -11.64 91.99
C GLY A 259 -26.13 -11.42 93.04
N ASP A 260 -24.95 -11.94 92.78
CA ASP A 260 -23.90 -11.88 93.77
C ASP A 260 -23.18 -10.51 93.83
N ARG A 261 -23.48 -9.61 92.90
CA ARG A 261 -22.85 -8.28 92.93
C ARG A 261 -23.81 -7.15 93.22
N VAL A 262 -25.06 -7.45 93.58
CA VAL A 262 -26.05 -6.41 93.75
C VAL A 262 -25.68 -5.46 94.88
N ASP A 263 -24.74 -5.87 95.71
CA ASP A 263 -24.30 -5.02 96.79
C ASP A 263 -23.68 -3.74 96.24
N TYR A 264 -23.21 -3.81 94.99
CA TYR A 264 -22.63 -2.65 94.37
C TYR A 264 -23.67 -1.54 94.23
N ILE A 265 -24.91 -1.92 93.92
CA ILE A 265 -25.98 -0.94 93.76
C ILE A 265 -26.24 -0.22 95.08
N ASP A 266 -26.17 -0.98 96.17
CA ASP A 266 -26.31 -0.42 97.52
C ASP A 266 -25.26 0.66 97.72
N TYR A 267 -24.02 0.35 97.35
CA TYR A 267 -22.92 1.30 97.50
C TYR A 267 -23.21 2.54 96.68
N LEU A 268 -23.80 2.35 95.51
CA LEU A 268 -24.18 3.45 94.63
C LEU A 268 -25.24 4.34 95.29
N ASN A 269 -25.89 3.80 96.33
CA ASN A 269 -27.01 4.45 97.00
C ASN A 269 -26.60 5.27 98.19
N HIS A 270 -25.62 4.78 98.92
CA HIS A 270 -25.14 5.50 100.08
C HIS A 270 -23.74 5.96 99.73
N SER A 271 -23.64 7.24 99.38
CA SER A 271 -22.40 7.76 98.83
C SER A 271 -21.92 8.96 99.60
N HIS A 272 -20.62 9.09 99.70
CA HIS A 272 -20.06 10.27 100.34
C HIS A 272 -19.32 11.10 99.31
N HIS A 273 -19.46 12.41 99.44
CA HIS A 273 -18.95 13.34 98.45
C HIS A 273 -18.09 14.37 99.13
N LEU A 274 -17.08 14.84 98.41
CA LEU A 274 -16.26 15.96 98.84
C LEU A 274 -16.46 17.13 97.90
N TYR A 275 -16.97 18.24 98.43
CA TYR A 275 -17.06 19.47 97.65
C TYR A 275 -16.24 20.57 98.33
N LYS A 276 -15.10 20.90 97.74
CA LYS A 276 -14.21 21.93 98.26
C LYS A 276 -13.79 21.67 99.71
N ASN A 277 -14.23 22.54 100.62
CA ASN A 277 -13.88 22.45 102.04
C ASN A 277 -14.87 21.62 102.85
N LYS A 278 -15.78 20.94 102.17
CA LYS A 278 -16.84 20.24 102.87
C LYS A 278 -16.94 18.75 102.52
N THR A 279 -17.86 18.06 103.18
CA THR A 279 -18.13 16.66 102.94
C THR A 279 -19.60 16.43 103.23
N TYR A 280 -20.29 15.77 102.32
CA TYR A 280 -21.67 15.40 102.58
C TYR A 280 -21.88 13.94 102.27
N CYS A 281 -23.11 13.49 102.44
CA CYS A 281 -23.41 12.09 102.31
C CYS A 281 -24.81 12.07 101.79
N VAL A 282 -25.05 11.17 100.84
CA VAL A 282 -26.32 11.13 100.19
C VAL A 282 -26.77 9.72 100.34
N LYS A 283 -28.03 9.56 100.70
CA LYS A 283 -28.64 8.24 100.74
C LYS A 283 -29.67 8.29 99.65
N GLY A 284 -29.76 7.21 98.88
CA GLY A 284 -30.61 7.19 97.71
C GLY A 284 -29.90 7.82 96.52
N GLY A 285 -30.38 7.50 95.34
CA GLY A 285 -29.79 8.08 94.15
C GLY A 285 -28.42 7.52 93.79
N MET A 286 -28.03 7.86 92.57
CA MET A 286 -26.89 7.24 91.92
C MET A 286 -26.09 8.32 91.21
N PRO A 287 -24.85 8.53 91.66
CA PRO A 287 -23.98 9.59 91.13
C PRO A 287 -23.76 9.41 89.64
N SER A 288 -23.96 10.46 88.84
CA SER A 288 -23.78 10.40 87.40
C SER A 288 -22.39 9.92 86.98
N GLY A 289 -21.39 10.25 87.79
CA GLY A 289 -20.01 9.96 87.49
C GLY A 289 -19.48 8.57 87.85
N CYS A 290 -20.37 7.65 88.24
CA CYS A 290 -19.96 6.27 88.48
C CYS A 290 -20.04 5.43 87.23
N SER A 291 -19.27 4.36 87.18
CA SER A 291 -19.31 3.44 86.05
C SER A 291 -20.70 2.83 85.96
N GLY A 292 -21.20 2.65 84.74
CA GLY A 292 -22.45 1.98 84.51
C GLY A 292 -23.75 2.79 84.63
N THR A 293 -23.65 4.02 85.12
CA THR A 293 -24.85 4.83 85.33
C THR A 293 -25.69 4.95 84.08
N SER A 294 -25.04 5.08 82.94
CA SER A 294 -25.76 5.16 81.68
C SER A 294 -26.62 3.93 81.43
N ILE A 295 -26.06 2.74 81.62
CA ILE A 295 -26.81 1.50 81.52
C ILE A 295 -27.90 1.38 82.62
N PHE A 296 -27.53 1.62 83.88
CA PHE A 296 -28.49 1.47 84.96
C PHE A 296 -29.67 2.41 84.80
N ASN A 297 -29.41 3.66 84.45
CA ASN A 297 -30.52 4.59 84.23
C ASN A 297 -31.48 4.12 83.13
N SER A 298 -30.93 3.55 82.07
CA SER A 298 -31.73 3.06 80.97
C SER A 298 -32.55 1.87 81.38
N MET A 299 -31.97 1.01 82.20
CA MET A 299 -32.64 -0.16 82.69
C MET A 299 -33.79 0.27 83.61
N ILE A 300 -33.54 1.26 84.45
CA ILE A 300 -34.60 1.73 85.35
C ILE A 300 -35.73 2.36 84.52
N ASN A 301 -35.38 3.09 83.46
CA ASN A 301 -36.40 3.66 82.59
C ASN A 301 -37.33 2.58 82.07
N ASN A 302 -36.76 1.45 81.66
CA ASN A 302 -37.55 0.32 81.19
C ASN A 302 -38.54 -0.23 82.20
N LEU A 303 -38.11 -0.27 83.46
CA LEU A 303 -38.92 -0.68 84.59
C LEU A 303 -39.99 0.34 84.83
N ILE A 304 -39.59 1.61 84.85
CA ILE A 304 -40.53 2.69 85.13
C ILE A 304 -41.69 2.69 84.16
N ILE A 305 -41.37 2.57 82.88
CA ILE A 305 -42.42 2.61 81.89
C ILE A 305 -43.32 1.39 81.91
N ARG A 306 -42.77 0.21 82.14
CA ARG A 306 -43.60 -0.98 82.28
C ARG A 306 -44.52 -0.83 83.50
N THR A 307 -43.98 -0.29 84.59
CA THR A 307 -44.75 -0.14 85.82
C THR A 307 -45.96 0.76 85.59
N LEU A 308 -45.71 1.94 85.02
CA LEU A 308 -46.79 2.89 84.77
C LEU A 308 -47.86 2.36 83.80
N LEU A 309 -47.46 1.56 82.82
CA LEU A 309 -48.44 1.01 81.90
C LEU A 309 -49.32 -0.03 82.60
N LEU A 310 -48.72 -0.79 83.52
CA LEU A 310 -49.48 -1.83 84.22
C LEU A 310 -50.47 -1.19 85.19
N LYS A 311 -50.01 -0.18 85.92
CA LYS A 311 -50.85 0.58 86.83
C LYS A 311 -51.96 1.32 86.10
N THR A 312 -51.64 1.94 84.97
CA THR A 312 -52.57 2.85 84.30
C THR A 312 -53.56 2.12 83.39
N TYR A 313 -53.08 1.13 82.63
CA TYR A 313 -53.93 0.38 81.71
C TYR A 313 -54.08 -1.08 82.13
N LYS A 314 -55.24 -1.41 82.69
CA LYS A 314 -55.50 -2.76 83.14
C LYS A 314 -55.45 -3.70 81.94
N GLY A 315 -54.75 -4.81 82.07
CA GLY A 315 -54.70 -5.81 81.02
C GLY A 315 -53.82 -5.45 79.82
N ILE A 316 -53.01 -4.42 79.97
CA ILE A 316 -52.03 -4.08 78.95
C ILE A 316 -51.04 -5.24 78.82
N ASP A 317 -50.68 -5.59 77.58
CA ASP A 317 -49.76 -6.69 77.31
C ASP A 317 -48.34 -6.15 77.03
N LEU A 318 -47.45 -6.31 78.00
CA LEU A 318 -46.10 -5.76 77.89
C LEU A 318 -45.27 -6.31 76.73
N ASP A 319 -45.64 -7.50 76.24
CA ASP A 319 -44.97 -8.07 75.07
C ASP A 319 -45.07 -7.19 73.83
N HIS A 320 -46.02 -6.26 73.83
CA HIS A 320 -46.25 -5.39 72.67
C HIS A 320 -45.81 -3.96 72.93
N LEU A 321 -45.17 -3.74 74.07
CA LEU A 321 -44.45 -2.50 74.31
C LEU A 321 -43.12 -2.56 73.56
N LYS A 322 -42.83 -1.53 72.77
CA LYS A 322 -41.53 -1.43 72.13
C LYS A 322 -40.97 -0.10 72.54
N MET A 323 -39.88 -0.12 73.28
CA MET A 323 -39.27 1.12 73.73
C MET A 323 -37.76 1.07 73.72
N ILE A 324 -37.17 2.25 73.59
CA ILE A 324 -35.73 2.38 73.57
C ILE A 324 -35.40 3.57 74.41
N ALA A 325 -34.57 3.35 75.42
CA ALA A 325 -34.18 4.45 76.30
C ALA A 325 -32.69 4.75 76.15
N TYR A 326 -32.33 6.00 76.41
CA TYR A 326 -30.95 6.34 76.65
C TYR A 326 -30.92 7.11 77.96
N GLY A 327 -30.63 6.42 79.05
CA GLY A 327 -30.81 7.00 80.38
C GLY A 327 -32.29 7.35 80.50
N ASP A 328 -32.60 8.61 80.77
CA ASP A 328 -34.02 8.96 80.94
C ASP A 328 -34.72 9.35 79.63
N ASP A 329 -33.94 9.51 78.57
CA ASP A 329 -34.53 9.81 77.28
C ASP A 329 -35.18 8.53 76.79
N VAL A 330 -36.26 8.65 76.02
CA VAL A 330 -36.98 7.46 75.60
C VAL A 330 -37.88 7.76 74.42
N ILE A 331 -37.95 6.78 73.53
CA ILE A 331 -38.99 6.72 72.50
C ILE A 331 -39.69 5.37 72.74
N ALA A 332 -41.02 5.41 72.85
CA ALA A 332 -41.77 4.20 73.16
C ALA A 332 -42.96 4.05 72.23
N SER A 333 -43.49 2.84 72.15
CA SER A 333 -44.60 2.58 71.25
C SER A 333 -45.47 1.44 71.75
N TYR A 334 -46.69 1.36 71.24
CA TYR A 334 -47.63 0.30 71.62
C TYR A 334 -48.66 0.21 70.49
N PRO A 335 -49.25 -0.99 70.28
CA PRO A 335 -50.11 -1.11 69.09
C PRO A 335 -51.35 -0.23 69.19
N HIS A 336 -51.70 0.17 70.41
CA HIS A 336 -52.83 1.07 70.62
C HIS A 336 -52.36 2.27 71.40
N GLU A 337 -53.03 3.40 71.19
CA GLU A 337 -52.57 4.66 71.74
C GLU A 337 -52.56 4.62 73.26
N VAL A 338 -51.47 5.11 73.85
CA VAL A 338 -51.37 5.25 75.28
C VAL A 338 -51.19 6.73 75.62
N ASP A 339 -51.82 7.15 76.69
CA ASP A 339 -51.96 8.56 77.02
C ASP A 339 -50.91 8.97 78.04
N ALA A 340 -49.94 9.76 77.62
CA ALA A 340 -48.81 10.11 78.48
C ALA A 340 -49.25 10.99 79.65
N SER A 341 -50.38 11.68 79.50
CA SER A 341 -50.94 12.44 80.61
C SER A 341 -51.43 11.50 81.71
N LEU A 342 -51.93 10.34 81.29
CA LEU A 342 -52.41 9.36 82.26
C LEU A 342 -51.23 8.66 82.91
N LEU A 343 -50.17 8.41 82.11
CA LEU A 343 -48.95 7.82 82.66
C LEU A 343 -48.27 8.76 83.64
N ALA A 344 -48.24 10.06 83.33
CA ALA A 344 -47.60 11.05 84.19
C ALA A 344 -48.36 11.16 85.50
N GLN A 345 -49.67 10.93 85.42
CA GLN A 345 -50.51 10.90 86.60
C GLN A 345 -50.03 9.80 87.55
N SER A 346 -50.00 8.56 87.06
CA SER A 346 -49.54 7.43 87.86
C SER A 346 -48.11 7.60 88.32
N GLY A 347 -47.32 8.39 87.59
CA GLY A 347 -45.92 8.56 87.91
C GLY A 347 -45.68 9.29 89.21
N LYS A 348 -46.55 10.25 89.50
CA LYS A 348 -46.55 10.99 90.77
C LYS A 348 -46.48 10.05 91.96
N ASP A 349 -47.26 8.98 91.93
CA ASP A 349 -47.31 8.03 93.03
C ASP A 349 -45.98 7.32 93.24
N TYR A 350 -45.08 7.39 92.25
CA TYR A 350 -43.78 6.76 92.42
C TYR A 350 -42.66 7.77 92.59
N GLY A 351 -43.02 9.03 92.78
CA GLY A 351 -42.05 10.09 92.92
C GLY A 351 -41.50 10.61 91.60
N LEU A 352 -42.18 10.30 90.50
CA LEU A 352 -41.72 10.72 89.17
C LEU A 352 -42.46 11.96 88.70
N THR A 353 -41.69 12.94 88.21
CA THR A 353 -42.26 14.15 87.67
C THR A 353 -42.12 14.14 86.15
N MET A 354 -43.23 13.82 85.48
CA MET A 354 -43.26 13.65 84.04
C MET A 354 -44.06 14.78 83.37
N THR A 355 -43.53 15.28 82.26
CA THR A 355 -44.13 16.40 81.53
C THR A 355 -44.17 16.13 80.01
N PRO A 356 -44.94 16.94 79.25
CA PRO A 356 -45.08 16.63 77.81
C PRO A 356 -43.72 16.60 77.12
N ALA A 357 -43.60 15.82 76.07
CA ALA A 357 -42.31 15.69 75.40
C ALA A 357 -41.85 17.03 74.82
N ASP A 358 -40.54 17.26 74.85
CA ASP A 358 -39.93 18.43 74.22
C ASP A 358 -40.49 19.75 74.72
N LYS A 359 -40.78 19.80 76.02
CA LYS A 359 -41.13 21.03 76.69
C LYS A 359 -42.44 21.66 76.18
N SER A 360 -43.23 20.89 75.45
CA SER A 360 -44.59 21.30 75.10
C SER A 360 -45.34 21.73 76.37
N ALA A 361 -46.26 22.67 76.21
CA ALA A 361 -47.03 23.15 77.36
C ALA A 361 -48.09 22.12 77.75
N THR A 362 -48.45 21.29 76.78
CA THR A 362 -49.51 20.30 76.97
C THR A 362 -49.10 18.98 76.35
N PHE A 363 -49.77 17.91 76.79
CA PHE A 363 -49.50 16.59 76.26
C PHE A 363 -50.25 16.44 74.97
N GLU A 364 -49.53 16.16 73.90
CA GLU A 364 -50.17 16.02 72.61
C GLU A 364 -49.76 14.72 71.97
N THR A 365 -50.54 14.29 70.99
CA THR A 365 -50.23 13.03 70.34
C THR A 365 -48.83 13.12 69.79
N VAL A 366 -48.06 12.06 70.02
CA VAL A 366 -46.72 11.97 69.50
C VAL A 366 -46.80 11.27 68.16
N THR A 367 -46.23 11.90 67.16
CA THR A 367 -46.23 11.41 65.79
C THR A 367 -44.81 11.34 65.29
N TRP A 368 -44.62 10.62 64.20
CA TRP A 368 -43.30 10.55 63.58
C TRP A 368 -42.78 11.93 63.21
N GLU A 369 -43.66 12.93 63.28
CA GLU A 369 -43.34 14.28 62.84
C GLU A 369 -42.82 15.13 64.00
N ASN A 370 -43.34 14.92 65.19
CA ASN A 370 -42.91 15.73 66.33
C ASN A 370 -42.01 14.99 67.32
N VAL A 371 -41.86 13.68 67.13
CA VAL A 371 -41.12 12.86 68.08
C VAL A 371 -39.62 13.13 68.00
N THR A 372 -38.96 13.22 69.16
CA THR A 372 -37.51 13.35 69.17
C THR A 372 -36.86 12.34 70.09
N PHE A 373 -35.62 11.98 69.78
CA PHE A 373 -34.84 11.09 70.61
C PHE A 373 -33.37 11.55 70.43
N LEU A 374 -32.63 11.65 71.52
CA LEU A 374 -31.27 12.16 71.48
C LEU A 374 -31.22 13.54 70.80
N LYS A 375 -32.27 14.33 70.99
CA LYS A 375 -32.37 15.68 70.42
C LYS A 375 -32.58 15.70 68.91
N ARG A 376 -32.71 14.55 68.27
CA ARG A 376 -32.90 14.51 66.83
C ARG A 376 -34.33 14.14 66.46
N PHE A 377 -34.80 14.74 65.37
CA PHE A 377 -36.10 14.43 64.83
C PHE A 377 -35.90 13.29 63.86
N PHE A 378 -37.00 12.76 63.34
CA PHE A 378 -36.97 11.69 62.35
C PHE A 378 -37.57 12.15 61.03
N ARG A 379 -36.77 12.16 59.97
CA ARG A 379 -37.27 12.61 58.66
C ARG A 379 -36.83 11.68 57.56
N ALA A 380 -37.80 11.06 56.89
CA ALA A 380 -37.50 10.19 55.76
C ALA A 380 -36.78 10.92 54.66
N ASP A 381 -35.78 10.28 54.08
CA ASP A 381 -35.12 10.83 52.90
C ASP A 381 -36.14 11.07 51.76
N GLU A 382 -36.00 12.17 51.04
CA GLU A 382 -36.88 12.43 49.91
C GLU A 382 -36.74 11.35 48.83
N LYS A 383 -35.51 11.04 48.49
CA LYS A 383 -35.22 10.05 47.45
C LYS A 383 -35.54 8.63 47.91
N TYR A 384 -35.07 8.26 49.10
CA TYR A 384 -35.23 6.89 49.61
C TYR A 384 -35.99 6.88 50.93
N PRO A 385 -37.32 6.75 50.88
CA PRO A 385 -38.24 6.84 52.02
C PRO A 385 -37.92 5.90 53.18
N PHE A 386 -37.39 4.72 52.90
CA PHE A 386 -37.05 3.78 53.98
C PHE A 386 -35.84 4.23 54.80
N LEU A 387 -35.04 5.14 54.25
CA LEU A 387 -33.85 5.63 54.96
C LEU A 387 -34.19 6.89 55.74
N ILE A 388 -33.91 6.87 57.03
CA ILE A 388 -34.36 7.95 57.92
C ILE A 388 -33.24 8.84 58.45
N HIS A 389 -33.41 10.14 58.29
CA HIS A 389 -32.43 11.12 58.73
C HIS A 389 -32.66 11.46 60.19
N PRO A 390 -31.60 11.39 61.02
CA PRO A 390 -31.71 11.98 62.36
C PRO A 390 -31.48 13.47 62.17
N VAL A 391 -32.50 14.27 62.47
CA VAL A 391 -32.41 15.67 62.14
C VAL A 391 -32.26 16.50 63.39
N MET A 392 -31.05 16.98 63.64
CA MET A 392 -30.83 17.89 64.75
C MET A 392 -31.07 19.33 64.31
N PRO A 393 -31.91 20.06 65.03
CA PRO A 393 -32.26 21.41 64.58
C PRO A 393 -31.06 22.33 64.67
N MET A 394 -31.03 23.33 63.80
CA MET A 394 -29.86 24.19 63.71
C MET A 394 -29.64 25.01 64.98
N LYS A 395 -30.71 25.37 65.68
CA LYS A 395 -30.59 26.18 66.88
C LYS A 395 -29.46 25.70 67.78
N GLU A 396 -29.44 24.39 68.01
CA GLU A 396 -28.46 23.74 68.87
C GLU A 396 -27.05 23.90 68.31
N ILE A 397 -26.94 23.71 67.01
CA ILE A 397 -25.65 23.77 66.34
C ILE A 397 -25.10 25.21 66.36
N HIS A 398 -25.98 26.19 66.17
CA HIS A 398 -25.59 27.60 66.25
C HIS A 398 -25.08 27.94 67.65
N GLU A 399 -25.74 27.39 68.67
CA GLU A 399 -25.30 27.61 70.06
C GLU A 399 -23.87 27.08 70.24
N SER A 400 -23.65 25.84 69.83
CA SER A 400 -22.32 25.26 69.93
C SER A 400 -21.22 26.04 69.20
N ILE A 401 -21.50 26.48 67.99
CA ILE A 401 -20.44 27.03 67.16
C ILE A 401 -19.93 28.37 67.67
N ARG A 402 -20.76 29.06 68.45
CA ARG A 402 -20.42 30.36 69.05
C ARG A 402 -19.34 30.33 70.13
N TRP A 403 -18.93 29.13 70.55
CA TRP A 403 -17.99 28.99 71.66
C TRP A 403 -16.93 27.97 71.37
N THR A 404 -15.78 28.12 72.02
CA THR A 404 -14.71 27.16 71.91
C THR A 404 -14.03 27.07 73.26
N LYS A 405 -13.41 25.92 73.53
CA LYS A 405 -12.62 25.72 74.74
C LYS A 405 -11.14 25.80 74.40
N ASP A 406 -10.86 25.81 73.11
CA ASP A 406 -9.51 26.03 72.61
C ASP A 406 -9.53 26.21 71.10
N PRO A 407 -9.34 27.46 70.63
CA PRO A 407 -9.49 27.76 69.21
C PRO A 407 -8.64 26.88 68.31
N ARG A 408 -7.65 26.18 68.85
CA ARG A 408 -6.90 25.25 68.01
C ARG A 408 -7.76 24.07 67.52
N ASN A 409 -9.01 24.00 67.99
CA ASN A 409 -9.88 22.88 67.66
C ASN A 409 -10.96 23.26 66.65
N THR A 410 -10.88 24.49 66.15
CA THR A 410 -11.95 25.11 65.39
C THR A 410 -12.36 24.25 64.21
N GLN A 411 -11.37 23.74 63.50
CA GLN A 411 -11.62 22.94 62.34
C GLN A 411 -12.42 21.67 62.72
N ASP A 412 -11.94 20.91 63.70
CA ASP A 412 -12.62 19.67 64.07
C ASP A 412 -14.03 19.97 64.56
N HIS A 413 -14.11 20.98 65.42
CA HIS A 413 -15.37 21.43 66.01
C HIS A 413 -16.40 21.72 64.91
N VAL A 414 -16.02 22.53 63.93
CA VAL A 414 -16.96 22.95 62.89
C VAL A 414 -17.27 21.81 61.93
N ARG A 415 -16.27 21.01 61.63
CA ARG A 415 -16.48 19.84 60.79
C ARG A 415 -17.53 18.94 61.46
N SER A 416 -17.39 18.73 62.77
CA SER A 416 -18.32 17.86 63.49
C SER A 416 -19.72 18.42 63.48
N LEU A 417 -19.85 19.75 63.61
CA LEU A 417 -21.18 20.36 63.52
C LEU A 417 -21.82 20.14 62.17
N CYS A 418 -20.99 20.15 61.13
CA CYS A 418 -21.44 19.90 59.76
C CYS A 418 -22.09 18.54 59.62
N LEU A 419 -21.54 17.53 60.28
CA LEU A 419 -22.03 16.16 60.14
C LEU A 419 -23.37 16.03 60.83
N LEU A 420 -23.63 16.97 61.73
CA LEU A 420 -24.90 17.00 62.40
C LEU A 420 -25.87 17.84 61.55
N ALA A 421 -25.34 18.89 60.93
CA ALA A 421 -26.15 19.94 60.29
C ALA A 421 -26.81 19.55 58.98
N TRP A 422 -26.12 18.77 58.17
CA TRP A 422 -26.56 18.54 56.79
C TRP A 422 -27.86 17.77 56.70
N HIS A 423 -28.22 17.08 57.76
CA HIS A 423 -29.44 16.30 57.76
C HIS A 423 -30.65 17.24 57.71
N ASN A 424 -30.44 18.52 57.98
CA ASN A 424 -31.50 19.51 57.84
C ASN A 424 -31.83 19.83 56.37
N GLY A 425 -31.11 19.22 55.45
CA GLY A 425 -31.33 19.44 54.03
C GLY A 425 -30.27 20.30 53.35
N GLU A 426 -30.22 20.22 52.03
CA GLU A 426 -29.20 20.89 51.24
C GLU A 426 -29.27 22.41 51.36
N GLU A 427 -30.49 22.94 51.41
CA GLU A 427 -30.68 24.38 51.47
C GLU A 427 -30.24 24.98 52.83
N GLU A 428 -30.71 24.39 53.92
CA GLU A 428 -30.28 24.80 55.25
C GLU A 428 -28.78 24.59 55.44
N TYR A 429 -28.25 23.50 54.90
CA TYR A 429 -26.82 23.23 55.00
C TYR A 429 -25.98 24.26 54.26
N ASN A 430 -26.31 24.53 52.99
CA ASN A 430 -25.56 25.49 52.20
C ASN A 430 -25.57 26.88 52.83
N LYS A 431 -26.67 27.21 53.49
CA LYS A 431 -26.74 28.45 54.24
C LYS A 431 -25.76 28.42 55.42
N PHE A 432 -25.68 27.28 56.12
CA PHE A 432 -24.76 27.12 57.24
C PHE A 432 -23.36 27.47 56.78
N LEU A 433 -22.93 26.86 55.68
CA LEU A 433 -21.59 27.09 55.16
C LEU A 433 -21.38 28.55 54.80
N ALA A 434 -22.35 29.12 54.10
CA ALA A 434 -22.21 30.50 53.65
C ALA A 434 -21.93 31.36 54.87
N LYS A 435 -22.68 31.14 55.95
CA LYS A 435 -22.49 31.90 57.18
C LYS A 435 -21.11 31.67 57.80
N ILE A 436 -20.71 30.41 57.89
CA ILE A 436 -19.34 30.08 58.33
C ILE A 436 -18.32 30.79 57.44
N ARG A 437 -18.59 30.79 56.14
CA ARG A 437 -17.62 31.34 55.21
C ARG A 437 -17.67 32.85 55.14
N SER A 438 -18.52 33.47 55.96
CA SER A 438 -18.68 34.92 55.91
C SER A 438 -17.65 35.64 56.78
N VAL A 439 -16.78 34.88 57.42
CA VAL A 439 -15.62 35.45 58.10
C VAL A 439 -14.36 34.72 57.72
N PRO A 440 -13.22 35.41 57.80
CA PRO A 440 -11.99 34.86 57.23
C PRO A 440 -11.59 33.49 57.80
N ILE A 441 -11.70 33.29 59.10
CA ILE A 441 -11.31 32.01 59.67
C ILE A 441 -12.18 30.88 59.11
N GLY A 442 -13.46 31.19 58.89
CA GLY A 442 -14.39 30.25 58.27
C GLY A 442 -13.98 29.88 56.87
N ARG A 443 -13.31 30.80 56.19
CA ARG A 443 -12.85 30.56 54.83
C ARG A 443 -11.56 29.78 54.76
N ALA A 444 -10.92 29.59 55.91
CA ALA A 444 -9.70 28.78 55.99
C ALA A 444 -10.02 27.33 56.36
N LEU A 445 -11.31 27.05 56.54
CA LEU A 445 -11.73 25.72 57.03
C LEU A 445 -12.12 24.81 55.87
N ASP A 446 -11.74 23.55 55.96
CA ASP A 446 -12.16 22.58 54.96
C ASP A 446 -13.46 21.91 55.42
N LEU A 447 -14.55 22.24 54.73
CA LEU A 447 -15.85 21.75 55.10
C LEU A 447 -16.43 20.86 54.01
N PRO A 448 -17.09 19.76 54.41
CA PRO A 448 -17.67 18.80 53.46
C PRO A 448 -18.86 19.40 52.71
N GLU A 449 -19.02 19.05 51.45
CA GLU A 449 -20.17 19.55 50.70
C GLU A 449 -21.34 18.61 50.90
N TYR A 450 -22.55 19.15 50.81
CA TYR A 450 -23.76 18.38 51.06
C TYR A 450 -23.74 17.05 50.35
N SER A 451 -23.30 17.09 49.09
CA SER A 451 -23.42 15.94 48.21
C SER A 451 -22.41 14.90 48.59
N THR A 452 -21.26 15.35 49.06
CA THR A 452 -20.30 14.42 49.63
C THR A 452 -20.89 13.71 50.85
N LEU A 453 -21.58 14.45 51.71
CA LEU A 453 -22.09 13.88 52.96
C LEU A 453 -23.24 12.92 52.64
N TYR A 454 -24.16 13.39 51.79
CA TYR A 454 -25.30 12.60 51.36
C TYR A 454 -24.84 11.28 50.75
N ARG A 455 -23.84 11.34 49.88
CA ARG A 455 -23.37 10.11 49.25
C ARG A 455 -22.74 9.18 50.28
N ARG A 456 -22.01 9.78 51.22
CA ARG A 456 -21.36 9.03 52.29
C ARG A 456 -22.43 8.31 53.11
N TRP A 457 -23.54 9.00 53.34
CA TRP A 457 -24.61 8.43 54.14
C TRP A 457 -25.29 7.27 53.37
N LEU A 458 -25.68 7.50 52.12
CA LEU A 458 -26.22 6.42 51.29
C LEU A 458 -25.29 5.20 51.28
N ASP A 459 -24.02 5.43 51.04
CA ASP A 459 -23.03 4.35 51.02
C ASP A 459 -22.90 3.60 52.34
N SER A 460 -23.11 4.28 53.45
CA SER A 460 -22.93 3.65 54.76
C SER A 460 -23.96 2.54 55.06
N PHE A 461 -25.03 2.48 54.27
CA PHE A 461 -26.02 1.41 54.42
C PHE A 461 -25.64 0.20 53.56
P O2C C 15 -30.85 13.76 79.69
O1P O2C C 15 -32.30 14.03 79.65
O2P O2C C 15 -29.97 15.00 79.14
O5' O2C C 15 -30.38 13.38 81.17
C5' O2C C 15 -29.24 13.96 81.78
C4' O2C C 15 -28.63 12.80 82.56
O4' O2C C 15 -27.69 12.14 81.69
C1' O2C C 15 -26.42 12.04 82.32
N1 O2C C 15 -25.48 13.05 81.85
C6 O2C C 15 -25.80 14.18 81.20
C2 O2C C 15 -24.14 12.78 82.17
O2 O2C C 15 -23.88 11.71 82.78
N3 O2C C 15 -23.15 13.63 81.84
C4 O2C C 15 -23.44 14.76 81.18
N4 O2C C 15 -22.41 15.59 80.86
C5 O2C C 15 -24.77 15.07 80.84
C2' O2C C 15 -26.67 12.35 83.79
O2' O2C C 15 -26.96 11.14 84.50
C3' O2C C 15 -27.89 13.25 83.80
N GLY E 1 12.99 -22.66 3.11
CA GLY E 1 13.33 -21.36 2.54
C GLY E 1 14.56 -21.43 1.67
N GLU E 2 14.67 -20.51 0.71
CA GLU E 2 15.81 -20.49 -0.19
C GLU E 2 16.08 -19.09 -0.70
N ILE E 3 17.36 -18.69 -0.69
CA ILE E 3 17.76 -17.42 -1.24
C ILE E 3 17.61 -17.48 -2.76
N GLN E 4 17.08 -16.40 -3.33
CA GLN E 4 16.83 -16.35 -4.76
C GLN E 4 17.90 -15.51 -5.42
N TRP E 5 18.56 -14.66 -4.64
CA TRP E 5 19.64 -13.83 -5.16
C TRP E 5 20.19 -12.84 -4.15
N MET E 6 21.48 -12.56 -4.25
CA MET E 6 22.13 -11.51 -3.48
C MET E 6 22.70 -10.46 -4.44
N ARG E 7 23.06 -9.31 -3.92
CA ARG E 7 23.62 -8.25 -4.76
C ARG E 7 23.74 -6.92 -4.03
N PRO E 8 24.90 -6.27 -4.15
CA PRO E 8 25.08 -4.96 -3.53
C PRO E 8 23.81 -4.13 -3.66
N SER E 9 23.16 -3.88 -2.53
CA SER E 9 21.91 -3.13 -2.52
C SER E 9 22.09 -1.78 -3.18
N LYS E 10 23.34 -1.32 -3.23
CA LYS E 10 23.66 -0.06 -3.89
C LYS E 10 23.28 -0.11 -5.36
N GLU E 11 23.29 -1.33 -5.92
CA GLU E 11 22.95 -1.51 -7.32
C GLU E 11 21.47 -1.82 -7.55
N VAL E 12 20.68 -1.81 -6.47
CA VAL E 12 19.23 -1.98 -6.58
C VAL E 12 18.50 -0.84 -5.85
N GLY E 13 19.26 0.16 -5.41
CA GLY E 13 18.69 1.36 -4.83
C GLY E 13 18.60 1.41 -3.32
N TYR E 14 18.83 0.28 -2.65
CA TYR E 14 18.67 0.21 -1.20
C TYR E 14 19.87 0.74 -0.42
N PRO E 15 19.61 1.39 0.73
CA PRO E 15 20.66 1.98 1.56
C PRO E 15 21.51 0.90 2.20
N ILE E 16 22.70 1.27 2.64
CA ILE E 16 23.52 0.39 3.44
C ILE E 16 23.18 0.62 4.91
N ILE E 17 22.79 -0.44 5.61
CA ILE E 17 22.65 -0.35 7.06
C ILE E 17 23.70 -1.24 7.68
N ASN E 18 24.52 -0.65 8.55
CA ASN E 18 25.57 -1.41 9.22
C ASN E 18 25.21 -1.63 10.69
N ALA E 19 25.23 -2.88 11.10
CA ALA E 19 24.96 -3.23 12.49
C ALA E 19 26.22 -3.11 13.33
N PRO E 20 26.06 -2.91 14.65
CA PRO E 20 27.22 -2.91 15.53
C PRO E 20 27.96 -4.23 15.36
N SER E 21 29.22 -4.28 15.82
CA SER E 21 30.07 -5.43 15.57
C SER E 21 30.57 -6.01 16.88
N LYS E 22 30.28 -5.30 17.97
CA LYS E 22 30.78 -5.67 19.29
C LYS E 22 29.64 -6.24 20.13
N THR E 23 29.92 -7.34 20.82
CA THR E 23 28.93 -7.95 21.70
C THR E 23 28.69 -7.05 22.91
N LYS E 24 27.49 -7.11 23.46
CA LYS E 24 27.14 -6.29 24.60
C LYS E 24 27.34 -7.11 25.87
N LEU E 25 27.62 -8.40 25.68
CA LEU E 25 27.77 -9.36 26.76
C LEU E 25 29.17 -9.36 27.38
N GLU E 26 29.24 -9.26 28.70
CA GLU E 26 30.51 -9.22 29.41
C GLU E 26 30.46 -10.18 30.60
N PRO E 27 31.63 -10.69 31.04
CA PRO E 27 31.66 -11.62 32.16
C PRO E 27 31.07 -10.98 33.39
N SER E 28 30.31 -11.79 34.12
CA SER E 28 29.61 -11.37 35.32
C SER E 28 30.57 -11.28 36.50
N ALA E 29 30.11 -10.70 37.59
CA ALA E 29 30.75 -10.88 38.88
C ALA E 29 30.69 -12.37 39.27
N PHE E 30 29.86 -13.14 38.57
CA PHE E 30 29.66 -14.53 38.96
C PHE E 30 30.26 -15.50 37.96
N HIS E 31 31.12 -14.97 37.10
CA HIS E 31 31.66 -15.68 35.96
C HIS E 31 32.58 -16.84 36.35
N TYR E 32 33.17 -16.77 37.54
CA TYR E 32 34.09 -17.81 37.98
C TYR E 32 33.52 -18.60 39.16
N VAL E 33 32.42 -18.11 39.71
CA VAL E 33 31.73 -18.84 40.77
C VAL E 33 31.02 -20.06 40.19
N PHE E 34 30.46 -19.91 38.98
CA PHE E 34 29.74 -21.02 38.35
C PHE E 34 30.43 -21.47 37.09
N GLU E 35 30.27 -22.76 36.78
CA GLU E 35 30.82 -23.31 35.56
C GLU E 35 29.89 -23.00 34.40
N GLY E 36 30.45 -22.99 33.18
CA GLY E 36 29.68 -22.77 31.97
C GLY E 36 30.52 -22.90 30.71
N VAL E 37 29.88 -23.24 29.59
CA VAL E 37 30.57 -23.43 28.32
C VAL E 37 30.19 -22.39 27.25
N LYS E 38 29.10 -21.65 27.48
CA LYS E 38 28.59 -20.74 26.47
C LYS E 38 29.32 -19.39 26.44
N GLU E 39 29.42 -18.82 25.24
CA GLU E 39 30.00 -17.51 25.06
C GLU E 39 29.22 -16.74 24.00
N PRO E 40 29.37 -15.41 23.99
CA PRO E 40 28.65 -14.55 23.05
C PRO E 40 28.84 -15.03 21.60
N ALA E 41 27.79 -14.95 20.79
CA ALA E 41 27.84 -15.45 19.43
C ALA E 41 28.74 -14.59 18.57
N VAL E 42 29.29 -15.18 17.52
CA VAL E 42 30.03 -14.43 16.51
C VAL E 42 29.14 -13.36 15.88
N LEU E 43 29.61 -12.11 15.91
CA LEU E 43 28.85 -11.00 15.33
C LEU E 43 29.40 -10.53 13.95
N THR E 44 30.64 -10.92 13.63
CA THR E 44 31.29 -10.50 12.38
C THR E 44 32.20 -11.58 11.78
N LYS E 45 32.63 -11.37 10.54
CA LYS E 45 33.55 -12.31 9.87
C LYS E 45 34.94 -12.27 10.50
N ASN E 46 35.40 -11.06 10.81
CA ASN E 46 36.71 -10.88 11.40
C ASN E 46 36.77 -11.23 12.90
N ASP E 47 36.19 -12.39 13.23
CA ASP E 47 36.18 -12.89 14.60
C ASP E 47 37.14 -14.06 14.70
N PRO E 48 38.10 -13.96 15.63
CA PRO E 48 39.15 -14.97 15.90
C PRO E 48 38.61 -16.38 16.10
N ARG E 49 37.53 -16.51 16.86
CA ARG E 49 37.04 -17.82 17.27
C ARG E 49 36.54 -18.69 16.12
N LEU E 50 36.40 -18.09 14.94
CA LEU E 50 35.81 -18.79 13.80
C LEU E 50 36.70 -19.86 13.19
N LYS E 51 36.13 -21.04 12.96
CA LYS E 51 36.83 -22.12 12.26
C LYS E 51 36.10 -22.54 10.98
N THR E 52 35.56 -21.55 10.27
CA THR E 52 34.83 -21.76 9.02
C THR E 52 34.31 -20.39 8.58
N ASP E 53 33.86 -20.26 7.34
CA ASP E 53 33.44 -18.93 6.85
C ASP E 53 32.09 -18.49 7.41
N PHE E 54 32.05 -17.27 7.94
CA PHE E 54 30.90 -16.79 8.67
C PHE E 54 29.63 -16.72 7.81
N GLU E 55 29.63 -15.82 6.82
CA GLU E 55 28.45 -15.60 6.01
C GLU E 55 27.93 -16.88 5.33
N GLU E 56 28.83 -17.81 5.04
CA GLU E 56 28.39 -19.11 4.50
C GLU E 56 27.57 -19.81 5.54
N ALA E 57 28.03 -19.74 6.78
CA ALA E 57 27.40 -20.42 7.90
C ALA E 57 26.03 -19.85 8.25
N ILE E 58 25.97 -18.53 8.40
CA ILE E 58 24.74 -17.89 8.88
C ILE E 58 23.61 -17.91 7.85
N PHE E 59 23.96 -18.17 6.60
CA PHE E 59 22.94 -18.22 5.55
C PHE E 59 22.68 -19.64 5.07
N SER E 60 23.48 -20.58 5.56
CA SER E 60 23.36 -21.97 5.13
C SER E 60 22.06 -22.61 5.61
N LYS E 61 21.29 -21.90 6.43
CA LYS E 61 20.08 -22.47 7.02
C LYS E 61 18.95 -22.70 6.01
N TYR E 62 18.96 -21.94 4.91
CA TYR E 62 17.93 -22.04 3.90
C TYR E 62 18.03 -23.33 3.07
N VAL E 63 17.48 -24.42 3.64
CA VAL E 63 17.75 -25.78 3.17
C VAL E 63 16.98 -26.27 1.94
N GLY E 64 16.07 -25.45 1.41
CA GLY E 64 15.28 -25.84 0.25
C GLY E 64 13.83 -26.14 0.58
N ASN E 65 13.04 -26.46 -0.45
CA ASN E 65 11.61 -26.72 -0.25
C ASN E 65 11.09 -28.04 -0.83
N LYS E 66 10.82 -29.00 0.07
CA LYS E 66 10.31 -30.30 -0.33
C LYS E 66 8.97 -30.20 -1.06
N ILE E 67 7.97 -29.63 -0.39
CA ILE E 67 6.63 -29.64 -0.94
C ILE E 67 6.14 -28.26 -1.33
N THR E 68 5.11 -28.25 -2.17
CA THR E 68 4.38 -27.04 -2.53
C THR E 68 2.90 -27.38 -2.57
N GLU E 69 2.58 -28.67 -2.63
CA GLU E 69 1.19 -29.09 -2.76
C GLU E 69 0.60 -29.52 -1.43
N VAL E 70 -0.61 -29.06 -1.17
CA VAL E 70 -1.34 -29.51 0.00
C VAL E 70 -2.08 -30.80 -0.32
N ASP E 71 -1.56 -31.92 0.18
CA ASP E 71 -2.19 -33.22 -0.08
C ASP E 71 -3.36 -33.53 0.86
N GLU E 72 -3.87 -34.76 0.74
CA GLU E 72 -5.11 -35.15 1.38
C GLU E 72 -5.02 -35.20 2.91
N TYR E 73 -3.82 -35.48 3.41
CA TYR E 73 -3.61 -35.59 4.85
C TYR E 73 -3.51 -34.18 5.44
N MET E 74 -2.70 -33.33 4.82
CA MET E 74 -2.65 -31.92 5.20
C MET E 74 -4.04 -31.33 5.20
N LYS E 75 -4.85 -31.65 4.18
CA LYS E 75 -6.17 -31.07 4.04
C LYS E 75 -7.05 -31.48 5.19
N GLU E 76 -7.02 -32.76 5.52
CA GLU E 76 -7.78 -33.25 6.67
C GLU E 76 -7.28 -32.60 7.97
N ALA E 77 -5.96 -32.39 8.05
CA ALA E 77 -5.35 -31.73 9.21
C ALA E 77 -5.93 -30.33 9.35
N VAL E 78 -5.97 -29.62 8.23
CA VAL E 78 -6.56 -28.28 8.19
C VAL E 78 -8.00 -28.29 8.68
N ASP E 79 -8.81 -29.22 8.19
CA ASP E 79 -10.23 -29.18 8.52
C ASP E 79 -10.36 -29.41 9.99
N HIS E 80 -9.55 -30.32 10.51
CA HIS E 80 -9.64 -30.66 11.92
C HIS E 80 -9.20 -29.54 12.85
N TYR E 81 -8.06 -28.93 12.54
CA TYR E 81 -7.56 -27.83 13.36
C TYR E 81 -8.50 -26.62 13.27
N ALA E 82 -8.95 -26.32 12.05
CA ALA E 82 -9.84 -25.18 11.86
C ALA E 82 -11.10 -25.35 12.68
N GLY E 83 -11.66 -26.55 12.66
CA GLY E 83 -12.88 -26.82 13.41
C GLY E 83 -12.65 -26.56 14.89
N GLN E 84 -11.47 -26.93 15.37
CA GLN E 84 -11.12 -26.68 16.76
C GLN E 84 -11.17 -25.19 17.07
N LEU E 85 -10.48 -24.39 16.27
CA LEU E 85 -10.40 -22.96 16.49
C LEU E 85 -11.79 -22.31 16.46
N MET E 86 -12.68 -22.87 15.62
CA MET E 86 -14.04 -22.35 15.44
C MET E 86 -14.81 -22.33 16.74
N SER E 87 -14.48 -23.24 17.65
CA SER E 87 -15.16 -23.32 18.94
C SER E 87 -14.83 -22.13 19.85
N LEU E 88 -13.86 -21.34 19.45
CA LEU E 88 -13.44 -20.21 20.28
C LEU E 88 -14.20 -18.92 19.96
N ASP E 89 -14.86 -18.88 18.80
CA ASP E 89 -15.62 -17.71 18.37
C ASP E 89 -14.71 -16.49 18.21
N ILE E 90 -13.70 -16.64 17.36
CA ILE E 90 -12.69 -15.61 17.20
C ILE E 90 -13.24 -14.44 16.38
N ASN E 91 -13.28 -13.26 16.99
CA ASN E 91 -13.65 -12.02 16.29
C ASN E 91 -12.83 -11.91 15.01
N THR E 92 -13.51 -11.94 13.87
CA THR E 92 -12.84 -11.97 12.56
C THR E 92 -12.59 -10.57 12.00
N GLU E 93 -12.91 -9.54 12.78
CA GLU E 93 -12.84 -8.20 12.26
C GLU E 93 -11.42 -7.62 12.26
N GLN E 94 -11.18 -6.68 11.37
CA GLN E 94 -9.93 -5.93 11.41
C GLN E 94 -9.86 -5.25 12.75
N MET E 95 -8.63 -5.02 13.21
CA MET E 95 -8.42 -4.25 14.43
C MET E 95 -8.15 -2.81 14.03
N CYS E 96 -8.77 -1.86 14.72
CA CYS E 96 -8.55 -0.46 14.38
C CYS E 96 -7.10 -0.10 14.57
N LEU E 97 -6.64 0.91 13.82
CA LEU E 97 -5.25 1.34 13.91
C LEU E 97 -4.82 1.63 15.35
N GLU E 98 -5.69 2.23 16.17
CA GLU E 98 -5.30 2.64 17.50
C GLU E 98 -4.93 1.43 18.38
N ASP E 99 -5.77 0.40 18.34
CA ASP E 99 -5.54 -0.83 19.09
C ASP E 99 -4.39 -1.65 18.51
N ALA E 100 -4.20 -1.59 17.20
CA ALA E 100 -3.10 -2.36 16.63
C ALA E 100 -1.78 -1.73 17.07
N MET E 101 -1.77 -0.42 17.25
CA MET E 101 -0.55 0.27 17.65
C MET E 101 -0.32 0.21 19.13
N TYR E 102 -1.36 0.48 19.90
CA TYR E 102 -1.20 0.77 21.32
C TYR E 102 -1.63 -0.37 22.23
N GLY E 103 -2.19 -1.43 21.66
CA GLY E 103 -2.56 -2.58 22.45
C GLY E 103 -4.02 -2.55 22.83
N THR E 104 -4.55 -3.72 23.16
CA THR E 104 -5.92 -3.85 23.64
C THR E 104 -5.98 -5.07 24.55
N ASP E 105 -7.17 -5.49 24.96
CA ASP E 105 -7.25 -6.70 25.80
C ASP E 105 -6.67 -7.89 25.03
N GLY E 106 -5.62 -8.49 25.56
CA GLY E 106 -5.02 -9.65 24.93
C GLY E 106 -3.88 -9.34 23.95
N LEU E 107 -3.63 -8.07 23.69
CA LEU E 107 -2.56 -7.69 22.77
C LEU E 107 -1.82 -6.49 23.35
N GLU E 108 -0.52 -6.66 23.55
CA GLU E 108 0.33 -5.58 24.03
C GLU E 108 0.66 -4.57 22.94
N ALA E 109 0.95 -3.35 23.36
CA ALA E 109 1.40 -2.31 22.47
C ALA E 109 2.61 -2.76 21.70
N LEU E 110 2.87 -2.09 20.60
CA LEU E 110 4.13 -2.21 19.91
C LEU E 110 5.23 -1.86 20.89
N ASP E 111 6.40 -2.46 20.72
CA ASP E 111 7.53 -2.22 21.59
C ASP E 111 8.24 -0.93 21.18
N LEU E 112 8.07 0.12 21.96
CA LEU E 112 8.69 1.40 21.63
C LEU E 112 10.21 1.44 21.81
N SER E 113 10.77 0.43 22.47
CA SER E 113 12.21 0.44 22.73
C SER E 113 13.02 -0.26 21.63
N THR E 114 12.36 -0.74 20.59
CA THR E 114 13.10 -1.40 19.52
C THR E 114 13.01 -0.63 18.20
N SER E 115 13.82 -1.05 17.23
CA SER E 115 13.93 -0.35 15.95
C SER E 115 12.62 -0.28 15.19
N ALA E 116 12.40 0.83 14.49
CA ALA E 116 11.28 0.97 13.57
C ALA E 116 11.57 0.30 12.22
N GLY E 117 12.80 -0.17 12.02
CA GLY E 117 13.14 -0.86 10.78
C GLY E 117 13.15 0.04 9.55
N TYR E 118 13.12 -0.56 8.35
CA TYR E 118 13.19 0.19 7.09
C TYR E 118 11.88 0.91 6.76
N PRO E 119 11.96 2.17 6.31
CA PRO E 119 13.20 2.88 6.01
C PRO E 119 13.59 3.83 7.12
N TYR E 120 12.80 3.81 8.19
CA TYR E 120 12.98 4.73 9.31
C TYR E 120 14.37 4.64 9.89
N VAL E 121 15.00 3.50 9.67
CA VAL E 121 16.29 3.24 10.28
C VAL E 121 17.40 3.92 9.49
N ALA E 122 17.16 4.18 8.21
CA ALA E 122 18.10 4.93 7.40
C ALA E 122 17.80 6.43 7.49
N MET E 123 16.63 6.75 8.02
CA MET E 123 16.21 8.14 8.19
C MET E 123 16.48 8.65 9.61
N GLY E 124 17.00 7.77 10.47
CA GLY E 124 17.19 8.09 11.86
C GLY E 124 15.89 8.39 12.59
N LYS E 125 14.83 7.73 12.17
CA LYS E 125 13.51 7.88 12.78
C LYS E 125 13.21 6.72 13.75
N LYS E 126 12.69 7.03 14.93
CA LYS E 126 12.48 6.02 15.99
C LYS E 126 11.00 5.85 16.34
N LYS E 127 10.65 4.69 16.89
CA LYS E 127 9.25 4.43 17.21
C LYS E 127 8.70 5.53 18.13
N ARG E 128 9.52 5.93 19.10
CA ARG E 128 9.13 6.97 20.05
C ARG E 128 8.74 8.26 19.34
N ASP E 129 9.40 8.56 18.23
CA ASP E 129 9.09 9.74 17.45
C ASP E 129 7.67 9.66 16.91
N ILE E 130 7.30 8.49 16.43
CA ILE E 130 6.01 8.28 15.76
C ILE E 130 4.85 7.99 16.72
N LEU E 131 5.11 7.20 17.76
CA LEU E 131 4.07 6.76 18.71
C LEU E 131 4.00 7.54 20.01
N ASN E 132 2.79 7.73 20.52
CA ASN E 132 2.64 8.27 21.87
C ASN E 132 1.58 7.50 22.66
N LYS E 133 2.05 6.74 23.65
CA LYS E 133 1.16 5.89 24.41
C LYS E 133 0.15 6.70 25.18
N GLN E 134 0.56 7.87 25.68
CA GLN E 134 -0.34 8.67 26.49
C GLN E 134 -1.54 9.18 25.68
N THR E 135 -1.25 9.72 24.49
CA THR E 135 -2.32 10.21 23.62
C THR E 135 -2.84 9.13 22.67
N ARG E 136 -2.07 8.06 22.48
CA ARG E 136 -2.49 7.01 21.53
C ARG E 136 -2.77 7.66 20.17
N ASP E 137 -1.86 8.54 19.77
CA ASP E 137 -2.03 9.29 18.53
C ASP E 137 -1.75 8.40 17.31
N THR E 138 -2.75 8.28 16.45
CA THR E 138 -2.62 7.44 15.26
C THR E 138 -2.26 8.27 14.00
N LYS E 139 -2.43 9.59 14.10
CA LYS E 139 -2.28 10.48 12.95
C LYS E 139 -0.95 10.31 12.22
N GLU E 140 0.15 10.40 12.95
CA GLU E 140 1.46 10.27 12.32
C GLU E 140 1.69 8.89 11.66
N MET E 141 1.32 7.83 12.37
CA MET E 141 1.42 6.49 11.81
C MET E 141 0.59 6.34 10.52
N GLN E 142 -0.65 6.81 10.56
CA GLN E 142 -1.50 6.73 9.38
C GLN E 142 -0.82 7.41 8.19
N LYS E 143 -0.25 8.58 8.40
CA LYS E 143 0.50 9.28 7.36
C LYS E 143 1.67 8.47 6.81
N LEU E 144 2.41 7.80 7.68
CA LEU E 144 3.56 6.99 7.24
C LEU E 144 3.12 5.75 6.44
N LEU E 145 1.99 5.17 6.83
CA LEU E 145 1.37 4.09 6.06
C LEU E 145 1.02 4.56 4.65
N ASP E 146 0.37 5.73 4.56
CA ASP E 146 0.00 6.33 3.29
C ASP E 146 1.26 6.57 2.48
N THR E 147 2.29 7.07 3.16
CA THR E 147 3.52 7.45 2.48
C THR E 147 4.38 6.28 1.99
N TYR E 148 4.60 5.28 2.85
CA TYR E 148 5.56 4.23 2.52
C TYR E 148 4.94 2.87 2.27
N GLY E 149 3.65 2.76 2.56
CA GLY E 149 2.91 1.56 2.25
C GLY E 149 3.34 0.40 3.12
N ILE E 150 3.01 -0.80 2.68
CA ILE E 150 3.42 -2.01 3.36
C ILE E 150 4.32 -2.86 2.49
N ASN E 151 4.69 -4.02 3.02
CA ASN E 151 5.46 -4.99 2.26
C ASN E 151 6.87 -4.48 2.02
N LEU E 152 7.47 -3.91 3.05
CA LEU E 152 8.78 -3.32 2.91
C LEU E 152 9.85 -4.35 3.14
N PRO E 153 11.11 -4.03 2.82
CA PRO E 153 12.14 -5.03 3.07
C PRO E 153 12.46 -5.12 4.59
N LEU E 154 12.91 -6.29 5.02
CA LEU E 154 13.34 -6.51 6.39
C LEU E 154 14.83 -6.29 6.51
N VAL E 155 15.28 -5.83 7.67
CA VAL E 155 16.68 -5.54 7.89
C VAL E 155 17.28 -6.64 8.73
N THR E 156 18.33 -7.27 8.22
CA THR E 156 18.91 -8.43 8.85
C THR E 156 19.95 -7.99 9.87
N TYR E 157 19.85 -8.53 11.09
CA TYR E 157 20.89 -8.33 12.09
C TYR E 157 21.28 -9.68 12.69
N VAL E 158 22.54 -9.82 13.11
CA VAL E 158 22.92 -11.04 13.83
C VAL E 158 22.55 -10.87 15.29
N LYS E 159 21.96 -11.90 15.89
CA LYS E 159 21.53 -11.77 17.28
C LYS E 159 22.72 -11.83 18.23
N ASP E 160 22.83 -10.81 19.07
CA ASP E 160 23.81 -10.75 20.15
C ASP E 160 23.31 -11.56 21.37
N GLU E 161 23.82 -12.77 21.54
CA GLU E 161 23.32 -13.69 22.55
C GLU E 161 24.36 -14.77 22.82
N LEU E 162 24.17 -15.53 23.90
CA LEU E 162 25.13 -16.57 24.26
C LEU E 162 24.95 -17.81 23.41
N ARG E 163 26.06 -18.43 23.03
CA ARG E 163 26.05 -19.57 22.16
C ARG E 163 27.07 -20.61 22.62
N SER E 164 26.77 -21.89 22.44
CA SER E 164 27.71 -22.94 22.84
C SER E 164 29.03 -22.83 22.05
N LYS E 165 30.03 -23.60 22.48
CA LYS E 165 31.36 -23.52 21.89
C LYS E 165 31.40 -23.86 20.40
N THR E 166 30.88 -25.04 20.04
CA THR E 166 30.89 -25.44 18.64
C THR E 166 30.13 -24.45 17.76
N LYS E 167 29.06 -23.87 18.28
CA LYS E 167 28.26 -22.92 17.50
C LYS E 167 28.99 -21.60 17.32
N VAL E 168 29.98 -21.34 18.17
CA VAL E 168 30.78 -20.14 18.03
C VAL E 168 31.90 -20.36 17.01
N GLU E 169 32.56 -21.51 17.11
CA GLU E 169 33.59 -21.87 16.16
C GLU E 169 32.99 -22.09 14.78
N GLN E 170 31.81 -22.69 14.75
CA GLN E 170 31.14 -23.02 13.51
C GLN E 170 30.35 -21.86 12.90
N GLY E 171 30.44 -20.69 13.53
CA GLY E 171 29.70 -19.52 13.05
C GLY E 171 28.18 -19.65 12.98
N LYS E 172 27.62 -20.58 13.73
CA LYS E 172 26.17 -20.75 13.83
C LYS E 172 25.48 -19.64 14.64
N SER E 173 25.79 -18.37 14.34
CA SER E 173 25.04 -17.26 14.91
C SER E 173 23.64 -17.22 14.32
N ARG E 174 22.68 -16.77 15.11
CA ARG E 174 21.31 -16.69 14.62
C ARG E 174 21.02 -15.30 14.10
N LEU E 175 20.17 -15.27 13.06
CA LEU E 175 19.80 -14.04 12.40
C LEU E 175 18.44 -13.52 12.83
N ILE E 176 18.37 -12.21 12.95
CA ILE E 176 17.16 -11.48 13.24
C ILE E 176 16.74 -10.75 11.96
N GLU E 177 15.45 -10.77 11.62
CA GLU E 177 14.91 -9.96 10.52
C GLU E 177 14.04 -8.83 11.06
N ALA E 178 14.56 -7.61 11.09
CA ALA E 178 13.80 -6.52 11.68
C ALA E 178 12.64 -6.08 10.77
N SER E 179 11.42 -6.42 11.20
CA SER E 179 10.21 -6.00 10.53
C SER E 179 10.09 -4.49 10.52
N SER E 180 9.47 -3.95 9.47
CA SER E 180 9.17 -2.54 9.40
C SER E 180 7.98 -2.21 10.29
N LEU E 181 8.03 -1.04 10.91
CA LEU E 181 6.93 -0.55 11.71
C LEU E 181 5.60 -0.55 10.92
N ASN E 182 5.68 -0.22 9.63
CA ASN E 182 4.50 -0.26 8.75
C ASN E 182 3.91 -1.66 8.63
N ASP E 183 4.78 -2.64 8.45
CA ASP E 183 4.33 -4.01 8.30
C ASP E 183 3.80 -4.62 9.61
N SER E 184 4.44 -4.26 10.74
CA SER E 184 3.95 -4.70 12.06
C SER E 184 2.54 -4.16 12.33
N VAL E 185 2.34 -2.90 12.02
CA VAL E 185 1.05 -2.30 12.21
C VAL E 185 0.00 -2.91 11.28
N ALA E 186 0.36 -3.16 10.03
CA ALA E 186 -0.59 -3.72 9.09
C ALA E 186 -0.92 -5.17 9.48
N MET E 187 0.11 -5.91 9.91
CA MET E 187 -0.13 -7.27 10.38
C MET E 187 -1.04 -7.28 11.60
N ARG E 188 -0.90 -6.29 12.47
CA ARG E 188 -1.70 -6.30 13.71
C ARG E 188 -3.14 -5.83 13.45
N MET E 189 -3.31 -4.90 12.50
CA MET E 189 -4.68 -4.54 12.12
C MET E 189 -5.39 -5.75 11.53
N ALA E 190 -4.67 -6.52 10.71
CA ALA E 190 -5.24 -7.68 10.03
C ALA E 190 -5.52 -8.80 10.99
N PHE E 191 -4.53 -9.10 11.85
CA PHE E 191 -4.62 -10.33 12.67
C PHE E 191 -4.74 -10.14 14.18
N GLY E 192 -4.76 -8.89 14.65
CA GLY E 192 -4.77 -8.65 16.09
C GLY E 192 -5.83 -9.39 16.90
N ASN E 193 -7.02 -9.54 16.31
CA ASN E 193 -8.09 -10.24 17.03
C ASN E 193 -7.81 -11.75 17.08
N LEU E 194 -7.02 -12.23 16.12
CA LEU E 194 -6.52 -13.60 16.16
C LEU E 194 -5.46 -13.76 17.26
N TYR E 195 -4.42 -12.92 17.24
CA TYR E 195 -3.41 -12.90 18.30
C TYR E 195 -4.04 -12.87 19.70
N ALA E 196 -5.02 -12.00 19.89
CA ALA E 196 -5.62 -11.81 21.19
C ALA E 196 -6.34 -13.07 21.65
N ALA E 197 -7.02 -13.73 20.73
CA ALA E 197 -7.78 -14.93 21.05
C ALA E 197 -6.83 -16.05 21.42
N PHE E 198 -5.71 -16.16 20.71
CA PHE E 198 -4.70 -17.11 21.13
C PHE E 198 -4.12 -16.80 22.52
N HIS E 199 -3.80 -15.54 22.76
CA HIS E 199 -3.15 -15.15 24.01
C HIS E 199 -4.11 -15.38 25.16
N LYS E 200 -5.39 -15.28 24.90
CA LYS E 200 -6.34 -15.48 26.00
C LYS E 200 -6.66 -16.96 26.22
N ASN E 201 -6.32 -17.83 25.28
CA ASN E 201 -6.69 -19.24 25.38
C ASN E 201 -5.59 -20.28 25.18
N PRO E 202 -4.49 -20.15 25.93
CA PRO E 202 -3.43 -21.16 25.86
C PRO E 202 -4.01 -22.50 26.30
N GLY E 203 -3.66 -23.59 25.62
CA GLY E 203 -4.24 -24.87 25.97
C GLY E 203 -4.39 -25.74 24.74
N VAL E 204 -5.26 -26.74 24.85
CA VAL E 204 -5.36 -27.78 23.83
C VAL E 204 -6.37 -27.48 22.72
N ILE E 205 -7.18 -26.44 22.88
CA ILE E 205 -8.07 -26.02 21.79
C ILE E 205 -7.29 -25.21 20.75
N THR E 206 -6.58 -24.20 21.22
CA THR E 206 -5.67 -23.47 20.36
C THR E 206 -4.47 -24.36 19.99
N GLY E 207 -4.22 -25.37 20.83
CA GLY E 207 -2.98 -26.14 20.76
C GLY E 207 -1.76 -25.22 20.86
N SER E 208 -1.87 -24.18 21.67
CA SER E 208 -0.81 -23.20 21.77
C SER E 208 -0.54 -22.82 23.22
N ALA E 209 0.73 -22.58 23.56
CA ALA E 209 1.07 -22.15 24.90
C ALA E 209 1.36 -20.64 25.02
N VAL E 210 1.36 -19.91 23.90
CA VAL E 210 1.55 -18.45 23.94
C VAL E 210 0.53 -17.84 24.91
N GLY E 211 1.03 -17.08 25.86
CA GLY E 211 0.17 -16.50 26.89
C GLY E 211 0.10 -17.26 28.20
N CYS E 212 0.76 -18.41 28.29
CA CYS E 212 0.71 -19.15 29.55
C CYS E 212 1.79 -18.64 30.51
N ASP E 213 1.56 -18.84 31.80
CA ASP E 213 2.60 -18.70 32.83
C ASP E 213 2.93 -20.07 33.38
N PRO E 214 4.12 -20.59 33.08
CA PRO E 214 4.53 -21.94 33.49
C PRO E 214 4.30 -22.27 34.95
N ASP E 215 4.55 -21.33 35.86
CA ASP E 215 4.42 -21.66 37.27
C ASP E 215 3.01 -22.15 37.57
N LEU E 216 2.01 -21.68 36.83
CA LEU E 216 0.63 -22.09 37.07
C LEU E 216 0.13 -23.09 36.03
N PHE E 217 0.65 -22.97 34.83
CA PHE E 217 0.14 -23.70 33.69
C PHE E 217 0.60 -25.14 33.77
N TRP E 218 1.75 -25.36 34.42
CA TRP E 218 2.31 -26.70 34.48
C TRP E 218 1.34 -27.64 35.16
N SER E 219 0.50 -27.11 36.05
CA SER E 219 -0.45 -27.96 36.80
C SER E 219 -1.64 -28.34 35.94
N LYS E 220 -1.93 -27.55 34.92
CA LYS E 220 -3.06 -27.83 34.03
C LYS E 220 -2.69 -28.82 32.94
N ILE E 221 -1.41 -28.89 32.60
CA ILE E 221 -1.02 -29.65 31.42
C ILE E 221 -1.27 -31.15 31.52
N PRO E 222 -0.77 -31.80 32.58
CA PRO E 222 -1.02 -33.25 32.68
C PRO E 222 -2.51 -33.57 32.63
N VAL E 223 -3.35 -32.73 33.21
CA VAL E 223 -4.79 -32.95 33.15
C VAL E 223 -5.32 -32.80 31.74
N LEU E 224 -4.66 -31.95 30.94
CA LEU E 224 -5.13 -31.71 29.61
C LEU E 224 -4.66 -32.80 28.68
N MET E 225 -3.55 -33.44 29.01
CA MET E 225 -2.98 -34.46 28.12
C MET E 225 -3.75 -35.77 28.20
N GLU E 226 -3.75 -36.51 27.10
CA GLU E 226 -4.26 -37.87 27.10
C GLU E 226 -3.22 -38.73 27.76
N GLU E 227 -3.51 -40.02 27.88
CA GLU E 227 -2.69 -40.90 28.70
C GLU E 227 -1.23 -41.02 28.25
N LYS E 228 -1.01 -41.06 26.94
CA LYS E 228 0.31 -41.38 26.40
C LYS E 228 0.98 -40.21 25.68
N LEU E 229 2.09 -39.75 26.24
CA LEU E 229 2.84 -38.63 25.70
C LEU E 229 3.67 -39.02 24.49
N PHE E 230 3.90 -38.06 23.59
CA PHE E 230 4.96 -38.17 22.61
C PHE E 230 5.49 -36.79 22.27
N ALA E 231 6.69 -36.76 21.71
CA ALA E 231 7.38 -35.51 21.46
C ALA E 231 8.64 -35.79 20.65
N PHE E 232 9.21 -34.74 20.08
CA PHE E 232 10.43 -34.82 19.28
C PHE E 232 10.93 -33.39 19.06
N ASP E 233 12.12 -33.28 18.49
CA ASP E 233 12.64 -31.99 18.14
C ASP E 233 12.61 -31.85 16.60
N TYR E 234 12.57 -30.62 16.12
CA TYR E 234 12.82 -30.34 14.72
C TYR E 234 14.24 -29.82 14.62
N THR E 235 14.89 -30.05 13.48
CA THR E 235 16.11 -29.33 13.15
C THR E 235 15.73 -28.22 12.17
N GLY E 236 16.20 -27.00 12.46
CA GLY E 236 15.90 -25.84 11.61
C GLY E 236 14.46 -25.78 11.14
N TYR E 237 13.53 -25.60 12.08
CA TYR E 237 12.10 -25.68 11.80
C TYR E 237 11.63 -24.62 10.80
N ASP E 238 11.93 -23.37 11.10
CA ASP E 238 11.42 -22.24 10.31
C ASP E 238 11.93 -22.31 8.89
N ALA E 239 13.23 -22.59 8.77
CA ALA E 239 13.90 -22.73 7.49
C ALA E 239 13.38 -23.93 6.66
N SER E 240 12.93 -24.98 7.33
CA SER E 240 12.48 -26.17 6.61
C SER E 240 11.02 -26.10 6.22
N LEU E 241 10.33 -25.02 6.60
CA LEU E 241 8.91 -24.90 6.29
C LEU E 241 8.72 -24.65 4.79
N SER E 242 8.12 -25.62 4.10
CA SER E 242 7.89 -25.49 2.67
C SER E 242 6.63 -24.70 2.41
N PRO E 243 6.48 -24.20 1.18
CA PRO E 243 5.31 -23.40 0.76
C PRO E 243 3.97 -24.10 1.01
N ALA E 244 3.95 -25.43 0.95
CA ALA E 244 2.71 -26.16 1.17
C ALA E 244 2.17 -25.90 2.57
N TRP E 245 3.08 -25.69 3.51
CA TRP E 245 2.69 -25.50 4.90
C TRP E 245 2.03 -24.14 5.09
N PHE E 246 2.48 -23.14 4.35
CA PHE E 246 1.85 -21.83 4.40
C PHE E 246 0.51 -21.80 3.70
N GLU E 247 0.38 -22.57 2.63
CA GLU E 247 -0.92 -22.69 1.96
C GLU E 247 -1.93 -23.29 2.92
N ALA E 248 -1.51 -24.36 3.59
CA ALA E 248 -2.34 -25.01 4.57
C ALA E 248 -2.71 -23.98 5.64
N LEU E 249 -1.76 -23.14 6.02
CA LEU E 249 -2.02 -22.11 7.03
C LEU E 249 -3.09 -21.14 6.53
N LYS E 250 -2.94 -20.67 5.30
CA LYS E 250 -3.92 -19.77 4.70
C LYS E 250 -5.28 -20.43 4.62
N MET E 251 -5.32 -21.72 4.33
CA MET E 251 -6.57 -22.47 4.40
C MET E 251 -7.24 -22.45 5.77
N VAL E 252 -6.43 -22.57 6.84
CA VAL E 252 -7.00 -22.49 8.18
C VAL E 252 -7.54 -21.08 8.37
N LEU E 253 -6.80 -20.09 7.90
CA LEU E 253 -7.24 -18.71 8.07
C LEU E 253 -8.56 -18.45 7.33
N GLU E 254 -8.65 -18.90 6.08
CA GLU E 254 -9.90 -18.77 5.34
C GLU E 254 -11.04 -19.44 6.11
N LYS E 255 -10.79 -20.63 6.65
CA LYS E 255 -11.83 -21.38 7.31
C LYS E 255 -12.36 -20.72 8.57
N ILE E 256 -11.49 -20.02 9.30
CA ILE E 256 -11.93 -19.37 10.53
C ILE E 256 -12.34 -17.92 10.29
N GLY E 257 -12.36 -17.51 9.03
CA GLY E 257 -12.97 -16.24 8.69
C GLY E 257 -12.02 -15.10 8.39
N PHE E 258 -10.73 -15.39 8.29
CA PHE E 258 -9.73 -14.37 7.93
C PHE E 258 -9.36 -14.46 6.45
N GLY E 259 -10.25 -15.06 5.66
CA GLY E 259 -9.97 -15.36 4.27
C GLY E 259 -9.50 -14.17 3.47
N ASP E 260 -10.01 -13.00 3.83
CA ASP E 260 -9.70 -11.81 3.06
C ASP E 260 -8.30 -11.23 3.32
N ARG E 261 -7.59 -11.73 4.33
CA ARG E 261 -6.24 -11.22 4.61
C ARG E 261 -5.12 -12.22 4.33
N VAL E 262 -5.44 -13.37 3.73
CA VAL E 262 -4.43 -14.42 3.55
C VAL E 262 -3.29 -13.95 2.66
N ASP E 263 -3.50 -12.85 1.96
CA ASP E 263 -2.46 -12.32 1.10
C ASP E 263 -1.26 -11.90 1.94
N TYR E 264 -1.51 -11.63 3.21
CA TYR E 264 -0.43 -11.27 4.11
C TYR E 264 0.56 -12.41 4.25
N ILE E 265 0.06 -13.64 4.32
CA ILE E 265 0.94 -14.80 4.41
C ILE E 265 1.85 -14.91 3.18
N ASP E 266 1.29 -14.62 2.01
CA ASP E 266 2.06 -14.60 0.76
C ASP E 266 3.21 -13.62 0.91
N TYR E 267 2.91 -12.42 1.41
CA TYR E 267 3.93 -11.41 1.61
C TYR E 267 5.02 -11.93 2.55
N LEU E 268 4.60 -12.67 3.56
CA LEU E 268 5.52 -13.28 4.52
C LEU E 268 6.44 -14.30 3.84
N ASN E 269 6.04 -14.73 2.65
CA ASN E 269 6.73 -15.80 1.91
C ASN E 269 7.76 -15.26 0.94
N HIS E 270 7.46 -14.15 0.31
CA HIS E 270 8.39 -13.56 -0.61
C HIS E 270 8.87 -12.30 0.04
N SER E 271 10.07 -12.35 0.59
CA SER E 271 10.57 -11.26 1.41
C SER E 271 11.91 -10.77 0.93
N HIS E 272 12.13 -9.47 1.07
CA HIS E 272 13.42 -8.92 0.71
C HIS E 272 14.11 -8.44 1.97
N HIS E 273 15.42 -8.66 2.01
CA HIS E 273 16.19 -8.39 3.20
C HIS E 273 17.38 -7.54 2.85
N LEU E 274 17.78 -6.68 3.79
CA LEU E 274 19.01 -5.91 3.67
C LEU E 274 19.99 -6.36 4.73
N TYR E 275 21.14 -6.88 4.31
CA TYR E 275 22.21 -7.18 5.25
C TYR E 275 23.46 -6.37 4.89
N LYS E 276 23.75 -5.37 5.72
CA LYS E 276 24.90 -4.50 5.50
C LYS E 276 24.91 -3.84 4.11
N ASN E 277 25.90 -4.20 3.29
CA ASN E 277 26.06 -3.64 1.95
C ASN E 277 25.32 -4.40 0.87
N LYS E 278 24.48 -5.35 1.27
CA LYS E 278 23.84 -6.23 0.30
C LYS E 278 22.33 -6.26 0.41
N THR E 279 21.71 -7.01 -0.49
CA THR E 279 20.26 -7.18 -0.52
C THR E 279 20.00 -8.55 -1.08
N TYR E 280 19.15 -9.32 -0.42
CA TYR E 280 18.75 -10.60 -0.96
C TYR E 280 17.25 -10.73 -0.91
N CYS E 281 16.76 -11.88 -1.35
CA CYS E 281 15.34 -12.09 -1.49
C CYS E 281 15.15 -13.53 -1.22
N VAL E 282 14.10 -13.84 -0.47
CA VAL E 282 13.88 -15.19 -0.05
C VAL E 282 12.47 -15.49 -0.49
N LYS E 283 12.30 -16.67 -1.07
CA LYS E 283 10.98 -17.13 -1.42
C LYS E 283 10.78 -18.33 -0.53
N GLY E 284 9.60 -18.45 0.05
CA GLY E 284 9.33 -19.47 1.04
C GLY E 284 9.79 -18.99 2.41
N GLY E 285 9.24 -19.62 3.44
CA GLY E 285 9.65 -19.27 4.78
C GLY E 285 9.12 -17.93 5.28
N MET E 286 9.28 -17.75 6.58
CA MET E 286 8.63 -16.68 7.30
C MET E 286 9.62 -16.09 8.31
N PRO E 287 9.96 -14.82 8.12
CA PRO E 287 10.99 -14.15 8.93
C PRO E 287 10.59 -14.14 10.39
N SER E 288 11.48 -14.56 11.29
CA SER E 288 11.18 -14.60 12.71
C SER E 288 10.72 -13.25 13.28
N GLY E 289 11.22 -12.17 12.70
CA GLY E 289 10.98 -10.82 13.18
C GLY E 289 9.71 -10.13 12.70
N CYS E 290 8.82 -10.87 12.04
CA CYS E 290 7.53 -10.31 11.66
C CYS E 290 6.50 -10.51 12.76
N SER E 291 5.48 -9.65 12.78
CA SER E 291 4.37 -9.81 13.72
C SER E 291 3.67 -11.14 13.46
N GLY E 292 3.27 -11.81 14.54
CA GLY E 292 2.50 -13.02 14.45
C GLY E 292 3.23 -14.34 14.24
N THR E 293 4.53 -14.28 13.95
CA THR E 293 5.30 -15.49 13.68
C THR E 293 5.15 -16.53 14.77
N SER E 294 5.12 -16.08 16.01
CA SER E 294 4.94 -16.99 17.14
C SER E 294 3.64 -17.76 17.06
N ILE E 295 2.54 -17.08 16.77
CA ILE E 295 1.26 -17.73 16.55
C ILE E 295 1.26 -18.61 15.29
N PHE E 296 1.69 -18.06 14.15
CA PHE E 296 1.68 -18.83 12.91
C PHE E 296 2.52 -20.10 13.01
N ASN E 297 3.70 -20.01 13.62
CA ASN E 297 4.52 -21.20 13.79
C ASN E 297 3.84 -22.28 14.61
N SER E 298 3.12 -21.87 15.65
CA SER E 298 2.41 -22.79 16.52
C SER E 298 1.25 -23.43 15.82
N MET E 299 0.57 -22.64 15.00
CA MET E 299 -0.53 -23.14 14.19
C MET E 299 -0.02 -24.15 13.18
N ILE E 300 1.12 -23.87 12.57
CA ILE E 300 1.65 -24.81 11.60
C ILE E 300 2.08 -26.10 12.30
N ASN E 301 2.63 -25.97 13.51
CA ASN E 301 3.00 -27.15 14.28
C ASN E 301 1.80 -28.08 14.47
N ASN E 302 0.65 -27.49 14.76
CA ASN E 302 -0.59 -28.24 14.93
C ASN E 302 -1.02 -28.99 13.69
N LEU E 303 -0.80 -28.37 12.53
CA LEU E 303 -1.08 -28.96 11.23
C LEU E 303 -0.11 -30.07 10.97
N ILE E 304 1.17 -29.80 11.18
CA ILE E 304 2.22 -30.77 10.94
C ILE E 304 1.97 -32.06 11.71
N ILE E 305 1.66 -31.92 12.99
CA ILE E 305 1.48 -33.10 13.78
C ILE E 305 0.21 -33.88 13.42
N ARG E 306 -0.87 -33.19 13.11
CA ARG E 306 -2.06 -33.88 12.65
C ARG E 306 -1.77 -34.63 11.34
N THR E 307 -1.01 -34.00 10.46
CA THR E 307 -0.71 -34.57 9.15
C THR E 307 0.07 -35.87 9.31
N LEU E 308 1.15 -35.83 10.08
CA LEU E 308 1.97 -37.01 10.29
C LEU E 308 1.22 -38.17 10.98
N LEU E 309 0.30 -37.85 11.88
CA LEU E 309 -0.45 -38.90 12.52
C LEU E 309 -1.42 -39.57 11.54
N LEU E 310 -1.98 -38.78 10.63
CA LEU E 310 -2.92 -39.32 9.66
C LEU E 310 -2.19 -40.21 8.65
N LYS E 311 -1.05 -39.73 8.17
CA LYS E 311 -0.20 -40.49 7.26
C LYS E 311 0.33 -41.77 7.92
N THR E 312 0.77 -41.68 9.16
CA THR E 312 1.50 -42.77 9.80
C THR E 312 0.57 -43.82 10.41
N TYR E 313 -0.48 -43.37 11.08
CA TYR E 313 -1.44 -44.28 11.71
C TYR E 313 -2.81 -44.24 11.06
N LYS E 314 -3.11 -45.26 10.26
CA LYS E 314 -4.39 -45.34 9.58
C LYS E 314 -5.50 -45.41 10.60
N GLY E 315 -6.54 -44.59 10.42
CA GLY E 315 -7.69 -44.61 11.30
C GLY E 315 -7.49 -43.97 12.66
N ILE E 316 -6.39 -43.24 12.82
CA ILE E 316 -6.17 -42.46 14.04
C ILE E 316 -7.28 -41.40 14.14
N ASP E 317 -7.80 -41.20 15.34
CA ASP E 317 -8.87 -40.24 15.59
C ASP E 317 -8.30 -38.95 16.19
N LEU E 318 -8.25 -37.90 15.38
CA LEU E 318 -7.64 -36.64 15.78
C LEU E 318 -8.33 -35.95 16.96
N ASP E 319 -9.60 -36.28 17.19
CA ASP E 319 -10.32 -35.75 18.35
C ASP E 319 -9.66 -36.11 19.68
N HIS E 320 -8.79 -37.12 19.67
CA HIS E 320 -8.16 -37.60 20.89
C HIS E 320 -6.67 -37.25 20.94
N LEU E 321 -6.23 -36.49 19.96
CA LEU E 321 -4.93 -35.85 20.03
C LEU E 321 -5.04 -34.65 20.97
N LYS E 322 -4.14 -34.56 21.94
CA LYS E 322 -4.07 -33.39 22.81
C LYS E 322 -2.66 -32.90 22.72
N MET E 323 -2.49 -31.71 22.16
CA MET E 323 -1.16 -31.15 22.01
C MET E 323 -1.11 -29.65 22.26
N ILE E 324 0.07 -29.20 22.66
CA ILE E 324 0.27 -27.80 22.96
C ILE E 324 1.61 -27.44 22.38
N ALA E 325 1.61 -26.45 21.52
CA ALA E 325 2.85 -26.03 20.90
C ALA E 325 3.20 -24.61 21.32
N TYR E 326 4.49 -24.31 21.29
CA TYR E 326 4.95 -22.94 21.36
C TYR E 326 5.95 -22.79 20.22
N GLY E 327 5.47 -22.27 19.09
CA GLY E 327 6.25 -22.33 17.86
C GLY E 327 6.54 -23.79 17.57
N ASP E 328 7.79 -24.16 17.43
CA ASP E 328 8.09 -25.55 17.09
C ASP E 328 8.20 -26.48 18.32
N ASP E 329 8.25 -25.90 19.51
CA ASP E 329 8.29 -26.70 20.71
C ASP E 329 6.90 -27.28 20.89
N VAL E 330 6.82 -28.47 21.47
CA VAL E 330 5.53 -29.14 21.56
C VAL E 330 5.56 -30.24 22.58
N ILE E 331 4.45 -30.37 23.29
CA ILE E 331 4.15 -31.53 24.12
C ILE E 331 2.83 -32.07 23.58
N ALA E 332 2.81 -33.36 23.27
CA ALA E 332 1.63 -33.94 22.65
C ALA E 332 1.27 -35.25 23.33
N SER E 333 0.04 -35.70 23.13
CA SER E 333 -0.44 -36.91 23.78
C SER E 333 -1.55 -37.58 22.98
N TYR E 334 -1.80 -38.85 23.27
CA TYR E 334 -2.82 -39.63 22.58
C TYR E 334 -3.16 -40.83 23.49
N PRO E 335 -4.41 -41.32 23.41
CA PRO E 335 -4.78 -42.34 24.41
C PRO E 335 -3.97 -43.62 24.24
N HIS E 336 -3.39 -43.81 23.06
CA HIS E 336 -2.53 -44.96 22.80
C HIS E 336 -1.19 -44.49 22.31
N GLU E 337 -0.16 -45.28 22.56
CA GLU E 337 1.19 -44.85 22.30
C GLU E 337 1.41 -44.60 20.81
N VAL E 338 2.07 -43.50 20.51
CA VAL E 338 2.45 -43.18 19.14
C VAL E 338 3.96 -43.06 19.07
N ASP E 339 4.52 -43.56 17.98
CA ASP E 339 5.96 -43.77 17.86
C ASP E 339 6.59 -42.61 17.10
N ALA E 340 7.35 -41.79 17.81
CA ALA E 340 7.91 -40.58 17.21
C ALA E 340 8.94 -40.90 16.13
N SER E 341 9.55 -42.09 16.21
CA SER E 341 10.45 -42.54 15.13
C SER E 341 9.65 -42.76 13.85
N LEU E 342 8.42 -43.21 13.98
CA LEU E 342 7.58 -43.46 12.82
C LEU E 342 7.07 -42.15 12.27
N LEU E 343 6.79 -41.21 13.17
CA LEU E 343 6.36 -39.88 12.75
C LEU E 343 7.49 -39.13 12.05
N ALA E 344 8.70 -39.25 12.58
CA ALA E 344 9.86 -38.58 12.00
C ALA E 344 10.13 -39.14 10.61
N GLN E 345 9.82 -40.42 10.43
CA GLN E 345 9.94 -41.06 9.13
C GLN E 345 9.04 -40.36 8.11
N SER E 346 7.74 -40.27 8.42
CA SER E 346 6.79 -39.63 7.53
C SER E 346 7.12 -38.16 7.35
N GLY E 347 7.83 -37.58 8.31
CA GLY E 347 8.13 -36.15 8.26
C GLY E 347 9.07 -35.79 7.14
N LYS E 348 10.01 -36.68 6.86
CA LYS E 348 10.95 -36.53 5.75
C LYS E 348 10.22 -36.20 4.46
N ASP E 349 9.12 -36.88 4.20
CA ASP E 349 8.38 -36.69 2.96
C ASP E 349 7.79 -35.28 2.86
N TYR E 350 7.76 -34.55 3.98
CA TYR E 350 7.23 -33.20 3.95
C TYR E 350 8.31 -32.15 4.12
N GLY E 351 9.56 -32.58 4.05
CA GLY E 351 10.68 -31.69 4.25
C GLY E 351 11.01 -31.40 5.72
N LEU E 352 10.49 -32.21 6.63
CA LEU E 352 10.70 -32.01 8.06
C LEU E 352 11.81 -32.91 8.60
N THR E 353 12.74 -32.32 9.32
CA THR E 353 13.81 -33.05 9.96
C THR E 353 13.56 -33.15 11.46
N MET E 354 13.08 -34.31 11.88
CA MET E 354 12.66 -34.55 13.26
C MET E 354 13.61 -35.54 13.95
N THR E 355 13.96 -35.24 15.20
CA THR E 355 14.91 -36.04 15.98
C THR E 355 14.38 -36.29 17.41
N PRO E 356 15.00 -37.24 18.14
CA PRO E 356 14.44 -37.58 19.47
C PRO E 356 14.38 -36.34 20.36
N ALA E 357 13.45 -36.32 21.31
CA ALA E 357 13.29 -35.14 22.15
C ALA E 357 14.53 -34.89 22.99
N ASP E 358 14.83 -33.61 23.20
CA ASP E 358 15.92 -33.20 24.11
C ASP E 358 17.28 -33.80 23.73
N LYS E 359 17.52 -33.88 22.43
CA LYS E 359 18.83 -34.23 21.91
C LYS E 359 19.29 -35.65 22.26
N SER E 360 18.36 -36.49 22.73
CA SER E 360 18.63 -37.92 22.92
C SER E 360 19.21 -38.49 21.63
N ALA E 361 20.06 -39.49 21.77
CA ALA E 361 20.66 -40.13 20.60
C ALA E 361 19.65 -41.02 19.90
N THR E 362 18.65 -41.46 20.66
CA THR E 362 17.65 -42.38 20.14
C THR E 362 16.27 -41.95 20.60
N PHE E 363 15.25 -42.43 19.90
CA PHE E 363 13.88 -42.14 20.26
C PHE E 363 13.48 -43.07 21.37
N GLU E 364 13.08 -42.51 22.49
CA GLU E 364 12.67 -43.33 23.61
C GLU E 364 11.32 -42.92 24.11
N THR E 365 10.68 -43.79 24.87
CA THR E 365 9.35 -43.49 25.35
C THR E 365 9.43 -42.19 26.14
N VAL E 366 8.47 -41.32 25.89
CA VAL E 366 8.37 -40.07 26.60
C VAL E 366 7.44 -40.30 27.77
N THR E 367 7.94 -39.95 28.95
CA THR E 367 7.23 -40.12 30.19
C THR E 367 7.17 -38.78 30.92
N TRP E 368 6.28 -38.69 31.89
CA TRP E 368 6.21 -37.49 32.70
C TRP E 368 7.54 -37.15 33.37
N GLU E 369 8.46 -38.10 33.32
CA GLU E 369 9.75 -37.97 33.99
C GLU E 369 10.80 -37.34 33.09
N ASN E 370 10.76 -37.65 31.80
CA ASN E 370 11.78 -37.13 30.90
C ASN E 370 11.27 -36.03 29.97
N VAL E 371 9.96 -35.79 29.98
CA VAL E 371 9.35 -34.85 29.04
C VAL E 371 9.68 -33.41 29.40
N THR E 372 10.01 -32.60 28.41
CA THR E 372 10.22 -31.17 28.67
C THR E 372 9.42 -30.32 27.71
N PHE E 373 9.09 -29.11 28.16
CA PHE E 373 8.40 -28.12 27.34
C PHE E 373 8.92 -26.77 27.84
N LEU E 374 9.24 -25.88 26.91
CA LEU E 374 9.82 -24.58 27.24
C LEU E 374 11.06 -24.74 28.12
N LYS E 375 11.82 -25.81 27.89
CA LYS E 375 13.04 -26.12 28.64
C LYS E 375 12.82 -26.55 30.08
N ARG E 376 11.56 -26.69 30.50
CA ARG E 376 11.27 -27.09 31.87
C ARG E 376 10.76 -28.53 31.95
N PHE E 377 11.17 -29.21 33.01
CA PHE E 377 10.67 -30.54 33.29
C PHE E 377 9.38 -30.39 34.10
N PHE E 378 8.70 -31.52 34.32
CA PHE E 378 7.47 -31.55 35.12
C PHE E 378 7.68 -32.38 36.39
N ARG E 379 7.56 -31.76 37.55
CA ARG E 379 7.78 -32.49 38.80
C ARG E 379 6.70 -32.16 39.80
N ALA E 380 5.93 -33.15 40.20
CA ALA E 380 4.89 -32.95 41.21
C ALA E 380 5.49 -32.48 42.53
N ASP E 381 4.82 -31.53 43.17
CA ASP E 381 5.19 -31.11 44.49
C ASP E 381 5.18 -32.32 45.47
N GLU E 382 6.15 -32.39 46.37
CA GLU E 382 6.17 -33.44 47.38
C GLU E 382 4.94 -33.37 48.29
N LYS E 383 4.64 -32.17 48.77
CA LYS E 383 3.52 -31.97 49.67
C LYS E 383 2.18 -32.09 48.95
N TYR E 384 2.04 -31.40 47.82
CA TYR E 384 0.77 -31.37 47.08
C TYR E 384 0.92 -31.92 45.66
N PRO E 385 0.71 -33.24 45.48
CA PRO E 385 0.94 -33.97 44.23
C PRO E 385 0.21 -33.41 43.00
N PHE E 386 -0.96 -32.81 43.18
CA PHE E 386 -1.68 -32.22 42.03
C PHE E 386 -1.03 -30.94 41.52
N LEU E 387 -0.17 -30.33 42.34
CA LEU E 387 0.50 -29.09 41.91
C LEU E 387 1.84 -29.41 41.28
N ILE E 388 2.05 -28.94 40.05
CA ILE E 388 3.24 -29.34 39.29
C ILE E 388 4.27 -28.23 39.09
N HIS E 389 5.52 -28.54 39.41
CA HIS E 389 6.61 -27.58 39.31
C HIS E 389 7.17 -27.61 37.91
N PRO E 390 7.31 -26.43 37.26
CA PRO E 390 8.11 -26.37 36.04
C PRO E 390 9.56 -26.32 36.51
N VAL E 391 10.32 -27.33 36.17
CA VAL E 391 11.65 -27.43 36.71
C VAL E 391 12.69 -27.17 35.64
N MET E 392 13.27 -25.99 35.66
CA MET E 392 14.38 -25.68 34.76
C MET E 392 15.71 -26.08 35.37
N PRO E 393 16.50 -26.86 34.62
CA PRO E 393 17.72 -27.40 35.24
C PRO E 393 18.73 -26.28 35.48
N MET E 394 19.55 -26.47 36.50
CA MET E 394 20.46 -25.42 36.91
C MET E 394 21.50 -25.06 35.84
N LYS E 395 21.88 -26.04 35.03
CA LYS E 395 22.90 -25.81 34.01
C LYS E 395 22.64 -24.52 33.25
N GLU E 396 21.40 -24.36 32.82
CA GLU E 396 20.96 -23.20 32.05
C GLU E 396 21.11 -21.90 32.85
N ILE E 397 20.71 -21.98 34.11
CA ILE E 397 20.73 -20.84 34.99
C ILE E 397 22.19 -20.41 35.30
N HIS E 398 23.07 -21.40 35.46
CA HIS E 398 24.50 -21.12 35.65
C HIS E 398 25.10 -20.44 34.44
N GLU E 399 24.69 -20.88 33.25
CA GLU E 399 25.14 -20.25 32.01
C GLU E 399 24.74 -18.78 31.99
N SER E 400 23.47 -18.50 32.23
CA SER E 400 22.98 -17.14 32.26
C SER E 400 23.70 -16.24 33.27
N ILE E 401 23.92 -16.73 34.48
CA ILE E 401 24.40 -15.87 35.55
C ILE E 401 25.83 -15.39 35.33
N ARG E 402 26.59 -16.14 34.52
CA ARG E 402 27.98 -15.82 34.21
C ARG E 402 28.20 -14.60 33.32
N TRP E 403 27.12 -14.03 32.81
CA TRP E 403 27.22 -12.92 31.86
C TRP E 403 26.22 -11.83 32.16
N THR E 404 26.53 -10.62 31.74
CA THR E 404 25.65 -9.49 31.89
C THR E 404 25.81 -8.59 30.67
N LYS E 405 24.77 -7.86 30.34
CA LYS E 405 24.83 -6.88 29.25
C LYS E 405 24.93 -5.48 29.85
N ASP E 406 24.74 -5.40 31.16
CA ASP E 406 24.96 -4.17 31.89
C ASP E 406 24.88 -4.44 33.38
N PRO E 407 26.04 -4.43 34.07
CA PRO E 407 26.10 -4.83 35.48
C PRO E 407 25.13 -4.05 36.35
N ARG E 408 24.59 -2.93 35.88
CA ARG E 408 23.59 -2.23 36.68
C ARG E 408 22.30 -3.06 36.84
N ASN E 409 22.24 -4.21 36.17
CA ASN E 409 21.02 -5.02 36.16
C ASN E 409 21.16 -6.26 37.03
N THR E 410 22.29 -6.38 37.72
CA THR E 410 22.72 -7.60 38.38
C THR E 410 21.65 -8.12 39.33
N GLN E 411 21.06 -7.21 40.08
CA GLN E 411 20.08 -7.57 41.06
C GLN E 411 18.86 -8.19 40.38
N ASP E 412 18.29 -7.49 39.40
CA ASP E 412 17.10 -8.01 38.72
C ASP E 412 17.39 -9.33 38.04
N HIS E 413 18.53 -9.39 37.37
CA HIS E 413 18.97 -10.56 36.66
C HIS E 413 19.03 -11.77 37.59
N VAL E 414 19.70 -11.63 38.73
CA VAL E 414 19.88 -12.73 39.68
C VAL E 414 18.57 -13.10 40.37
N ARG E 415 17.79 -12.10 40.70
CA ARG E 415 16.49 -12.33 41.31
C ARG E 415 15.65 -13.16 40.32
N SER E 416 15.68 -12.80 39.04
CA SER E 416 14.88 -13.53 38.07
C SER E 416 15.35 -14.97 37.91
N LEU E 417 16.66 -15.21 37.99
CA LEU E 417 17.18 -16.57 37.94
C LEU E 417 16.71 -17.40 39.12
N CYS E 418 16.57 -16.74 40.27
CA CYS E 418 16.07 -17.37 41.49
C CYS E 418 14.65 -17.91 41.30
N LEU E 419 13.81 -17.16 40.61
CA LEU E 419 12.41 -17.56 40.43
C LEU E 419 12.32 -18.77 39.52
N LEU E 420 13.38 -18.96 38.73
CA LEU E 420 13.46 -20.14 37.89
C LEU E 420 14.08 -21.28 38.70
N ALA E 421 15.04 -20.94 39.56
CA ALA E 421 15.93 -21.93 40.19
C ALA E 421 15.30 -22.74 41.31
N TRP E 422 14.44 -22.10 42.10
CA TRP E 422 13.95 -22.73 43.32
C TRP E 422 13.10 -23.97 43.09
N HIS E 423 12.57 -24.11 41.88
CA HIS E 423 11.73 -25.24 41.55
C HIS E 423 12.56 -26.51 41.57
N ASN E 424 13.88 -26.38 41.52
CA ASN E 424 14.77 -27.53 41.63
C ASN E 424 14.82 -28.09 43.05
N GLY E 425 14.10 -27.46 43.98
CA GLY E 425 14.06 -27.92 45.36
C GLY E 425 14.89 -27.08 46.33
N GLU E 426 14.59 -27.23 47.61
CA GLU E 426 15.18 -26.40 48.66
C GLU E 426 16.69 -26.59 48.77
N GLU E 427 17.14 -27.83 48.60
CA GLU E 427 18.56 -28.13 48.71
C GLU E 427 19.39 -27.54 47.56
N GLU E 428 18.95 -27.76 46.32
CA GLU E 428 19.62 -27.17 45.17
C GLU E 428 19.55 -25.63 45.22
N TYR E 429 18.42 -25.11 45.68
CA TYR E 429 18.25 -23.66 45.75
C TYR E 429 19.18 -23.04 46.76
N ASN E 430 19.20 -23.59 48.00
CA ASN E 430 20.07 -23.05 49.04
C ASN E 430 21.54 -23.10 48.64
N LYS E 431 21.92 -24.10 47.85
CA LYS E 431 23.26 -24.17 47.31
C LYS E 431 23.50 -23.01 46.31
N PHE E 432 22.50 -22.74 45.47
CA PHE E 432 22.59 -21.64 44.50
C PHE E 432 22.92 -20.35 45.24
N LEU E 433 22.18 -20.07 46.30
CA LEU E 433 22.38 -18.84 47.06
C LEU E 433 23.77 -18.82 47.67
N ALA E 434 24.16 -19.93 48.27
CA ALA E 434 25.45 -19.98 48.94
C ALA E 434 26.52 -19.58 47.94
N LYS E 435 26.43 -20.13 46.74
CA LYS E 435 27.41 -19.82 45.69
C LYS E 435 27.36 -18.36 45.27
N ILE E 436 26.16 -17.83 45.05
CA ILE E 436 25.98 -16.39 44.80
C ILE E 436 26.59 -15.58 45.94
N ARG E 437 26.36 -16.04 47.17
CA ARG E 437 26.81 -15.29 48.32
C ARG E 437 28.29 -15.48 48.60
N SER E 438 28.98 -16.24 47.76
CA SER E 438 30.38 -16.55 48.01
C SER E 438 31.30 -15.46 47.45
N VAL E 439 30.71 -14.44 46.86
CA VAL E 439 31.47 -13.24 46.46
C VAL E 439 30.77 -11.98 46.93
N PRO E 440 31.52 -10.91 47.16
CA PRO E 440 30.97 -9.73 47.82
C PRO E 440 29.73 -9.16 47.13
N ILE E 441 29.75 -9.01 45.81
CA ILE E 441 28.59 -8.45 45.12
C ILE E 441 27.34 -9.30 45.34
N GLY E 442 27.52 -10.62 45.38
CA GLY E 442 26.44 -11.55 45.70
C GLY E 442 25.87 -11.31 47.09
N ARG E 443 26.70 -10.83 48.00
CA ARG E 443 26.25 -10.59 49.36
C ARG E 443 25.55 -9.24 49.51
N ALA E 444 25.61 -8.41 48.48
CA ALA E 444 24.90 -7.14 48.48
C ALA E 444 23.51 -7.28 47.83
N LEU E 445 23.19 -8.48 47.38
CA LEU E 445 21.94 -8.72 46.65
C LEU E 445 20.83 -9.21 47.57
N ASP E 446 19.63 -8.71 47.37
CA ASP E 446 18.48 -9.20 48.13
C ASP E 446 17.82 -10.35 47.36
N LEU E 447 17.94 -11.56 47.91
CA LEU E 447 17.46 -12.73 47.24
C LEU E 447 16.36 -13.40 48.06
N PRO E 448 15.31 -13.90 47.39
CA PRO E 448 14.16 -14.52 48.06
C PRO E 448 14.56 -15.86 48.70
N GLU E 449 14.02 -16.18 49.86
CA GLU E 449 14.31 -17.47 50.46
C GLU E 449 13.34 -18.51 49.93
N TYR E 450 13.78 -19.77 49.92
CA TYR E 450 13.01 -20.86 49.35
C TYR E 450 11.57 -20.84 49.84
N SER E 451 11.42 -20.62 51.14
CA SER E 451 10.14 -20.75 51.81
C SER E 451 9.24 -19.62 51.43
N THR E 452 9.83 -18.45 51.21
CA THR E 452 9.06 -17.33 50.70
C THR E 452 8.53 -17.65 49.30
N LEU E 453 9.37 -18.27 48.47
CA LEU E 453 8.98 -18.54 47.08
C LEU E 453 7.92 -19.65 47.05
N TYR E 454 8.19 -20.72 47.79
CA TYR E 454 7.26 -21.84 47.89
C TYR E 454 5.89 -21.34 48.37
N ARG E 455 5.87 -20.51 49.40
CA ARG E 455 4.59 -20.04 49.90
C ARG E 455 3.88 -19.18 48.86
N ARG E 456 4.67 -18.40 48.14
CA ARG E 456 4.14 -17.51 47.11
C ARG E 456 3.49 -18.37 46.02
N TRP E 457 4.13 -19.49 45.73
CA TRP E 457 3.65 -20.37 44.67
C TRP E 457 2.36 -21.07 45.12
N LEU E 458 2.36 -21.66 46.31
CA LEU E 458 1.13 -22.22 46.86
C LEU E 458 -0.02 -21.20 46.81
N ASP E 459 0.24 -20.00 47.31
CA ASP E 459 -0.77 -18.95 47.33
C ASP E 459 -1.29 -18.55 45.96
N SER E 460 -0.44 -18.64 44.94
CA SER E 460 -0.84 -18.20 43.61
C SER E 460 -1.94 -19.07 42.98
N PHE E 461 -2.19 -20.24 43.54
CA PHE E 461 -3.27 -21.11 43.08
C PHE E 461 -4.58 -20.77 43.79
P O2C G 15 12.79 -23.02 19.56
O1P O2C G 15 12.96 -24.49 19.37
O2P O2C G 15 13.97 -22.35 20.43
O5' O2C G 15 12.68 -22.30 18.14
C5' O2C G 15 13.43 -21.13 17.82
C4' O2C G 15 12.47 -20.31 16.99
O4' O2C G 15 11.74 -19.46 17.89
C1' O2C G 15 11.81 -18.11 17.47
N1 O2C G 15 12.78 -17.34 18.24
C6 O2C G 15 13.76 -17.85 19.00
C2 O2C G 15 12.64 -15.95 18.11
O2 O2C G 15 11.71 -15.53 17.38
N3 O2C G 15 13.47 -15.10 18.72
C4 O2C G 15 14.46 -15.58 19.50
N4 O2C G 15 15.27 -14.71 20.13
C5 O2C G 15 14.62 -16.97 19.66
C2' O2C G 15 12.35 -18.16 16.04
O2' O2C G 15 11.26 -18.23 15.12
C3' O2C G 15 13.16 -19.43 15.97
N GLY I 1 -14.57 19.36 -3.50
CA GLY I 1 -13.97 19.02 -2.23
C GLY I 1 -13.87 20.22 -1.30
N GLU I 2 -13.93 19.97 0.00
CA GLU I 2 -13.85 21.05 0.98
C GLU I 2 -12.50 21.07 1.66
N ILE I 3 -11.98 22.27 1.90
CA ILE I 3 -10.77 22.44 2.68
C ILE I 3 -11.07 22.10 4.13
N GLN I 4 -10.25 21.23 4.70
CA GLN I 4 -10.43 20.79 6.07
C GLN I 4 -9.68 21.71 7.01
N TRP I 5 -8.42 21.99 6.66
CA TRP I 5 -7.65 22.96 7.42
C TRP I 5 -6.62 23.69 6.58
N MET I 6 -5.98 24.69 7.17
CA MET I 6 -5.01 25.53 6.47
C MET I 6 -4.03 26.15 7.46
N ARG I 7 -2.76 25.77 7.36
CA ARG I 7 -1.74 26.22 8.30
C ARG I 7 -0.44 26.56 7.59
N PRO I 8 0.34 27.50 8.15
CA PRO I 8 1.66 27.78 7.57
C PRO I 8 2.47 26.50 7.38
N SER I 9 3.29 26.47 6.34
CA SER I 9 3.95 25.24 5.89
C SER I 9 5.10 24.77 6.77
N LYS I 10 5.97 25.69 7.17
CA LYS I 10 7.08 25.33 8.05
C LYS I 10 6.50 24.82 9.35
N GLU I 11 5.36 25.39 9.70
CA GLU I 11 4.63 25.02 10.89
C GLU I 11 4.06 23.59 10.79
N VAL I 12 4.37 22.90 9.70
CA VAL I 12 3.90 21.53 9.49
C VAL I 12 4.97 20.70 8.79
N GLY I 13 6.15 21.30 8.64
CA GLY I 13 7.28 20.59 8.08
C GLY I 13 7.36 20.56 6.56
N TYR I 14 6.71 21.51 5.89
CA TYR I 14 6.78 21.64 4.43
C TYR I 14 7.43 22.95 4.02
N PRO I 15 8.10 22.98 2.86
CA PRO I 15 8.80 24.20 2.48
C PRO I 15 7.83 25.27 1.96
N ILE I 16 8.35 26.48 1.80
CA ILE I 16 7.63 27.55 1.14
C ILE I 16 7.99 27.50 -0.35
N ILE I 17 6.98 27.42 -1.22
CA ILE I 17 7.19 27.47 -2.66
C ILE I 17 6.50 28.70 -3.24
N ASN I 18 7.28 29.66 -3.70
CA ASN I 18 6.69 30.82 -4.36
C ASN I 18 6.79 30.76 -5.88
N ALA I 19 5.68 31.05 -6.54
CA ALA I 19 5.62 31.01 -7.99
C ALA I 19 5.74 32.43 -8.56
N PRO I 20 6.18 32.53 -9.83
CA PRO I 20 6.38 33.83 -10.49
C PRO I 20 5.14 34.70 -10.36
N SER I 21 5.34 36.01 -10.40
CA SER I 21 4.22 36.92 -10.20
C SER I 21 3.75 37.50 -11.53
N LYS I 22 4.57 37.33 -12.57
CA LYS I 22 4.29 37.96 -13.84
C LYS I 22 3.89 36.98 -14.94
N THR I 23 2.93 37.41 -15.75
CA THR I 23 2.44 36.65 -16.87
C THR I 23 3.51 36.53 -17.95
N LYS I 24 3.56 35.39 -18.64
CA LYS I 24 4.48 35.21 -19.77
C LYS I 24 3.84 35.69 -21.07
N LEU I 25 2.57 36.07 -20.99
CA LEU I 25 1.78 36.42 -22.15
C LEU I 25 1.94 37.88 -22.54
N GLU I 26 2.18 38.14 -23.82
CA GLU I 26 2.30 39.51 -24.30
C GLU I 26 1.53 39.73 -25.60
N PRO I 27 1.22 41.00 -25.90
CA PRO I 27 0.62 41.39 -27.18
C PRO I 27 1.43 40.85 -28.34
N SER I 28 0.72 40.30 -29.31
CA SER I 28 1.31 39.76 -30.52
C SER I 28 1.52 40.87 -31.52
N ALA I 29 2.32 40.62 -32.54
CA ALA I 29 2.32 41.46 -33.73
C ALA I 29 0.92 41.63 -34.29
N PHE I 30 -0.01 40.77 -33.87
CA PHE I 30 -1.35 40.78 -34.42
C PHE I 30 -2.39 41.33 -33.46
N HIS I 31 -1.92 41.94 -32.39
CA HIS I 31 -2.79 42.33 -31.29
C HIS I 31 -3.84 43.37 -31.70
N TYR I 32 -3.52 44.20 -32.68
CA TYR I 32 -4.46 45.24 -33.10
C TYR I 32 -5.06 44.91 -34.44
N VAL I 33 -4.57 43.85 -35.07
CA VAL I 33 -5.13 43.42 -36.33
C VAL I 33 -6.49 42.77 -36.09
N PHE I 34 -6.59 42.01 -35.00
CA PHE I 34 -7.82 41.30 -34.68
C PHE I 34 -8.44 41.80 -33.39
N GLU I 35 -9.75 41.61 -33.26
CA GLU I 35 -10.47 41.99 -32.06
C GLU I 35 -10.37 40.89 -31.01
N GLY I 36 -10.65 41.25 -29.77
CA GLY I 36 -10.67 40.29 -28.68
C GLY I 36 -11.04 40.96 -27.38
N VAL I 37 -11.45 40.18 -26.41
CA VAL I 37 -11.84 40.72 -25.10
C VAL I 37 -11.02 40.10 -23.98
N LYS I 38 -10.18 39.12 -24.31
CA LYS I 38 -9.47 38.36 -23.27
C LYS I 38 -8.07 38.89 -22.93
N GLU I 39 -7.73 38.79 -21.65
CA GLU I 39 -6.41 39.19 -21.15
C GLU I 39 -5.83 38.09 -20.28
N PRO I 40 -4.53 38.19 -19.97
CA PRO I 40 -3.90 37.24 -19.04
C PRO I 40 -4.62 37.25 -17.69
N ALA I 41 -4.77 36.07 -17.09
CA ALA I 41 -5.50 35.95 -15.83
C ALA I 41 -4.70 36.60 -14.72
N VAL I 42 -5.41 37.04 -13.67
CA VAL I 42 -4.75 37.59 -12.50
C VAL I 42 -3.85 36.54 -11.89
N LEU I 43 -2.60 36.91 -11.62
CA LEU I 43 -1.64 35.98 -11.04
C LEU I 43 -1.38 36.19 -9.54
N THR I 44 -1.56 37.41 -9.05
CA THR I 44 -1.34 37.70 -7.64
C THR I 44 -2.40 38.66 -7.09
N LYS I 45 -2.41 38.82 -5.77
CA LYS I 45 -3.42 39.64 -5.11
C LYS I 45 -3.22 41.13 -5.38
N ASN I 46 -1.96 41.51 -5.62
CA ASN I 46 -1.63 42.91 -5.91
C ASN I 46 -1.80 43.25 -7.38
N ASP I 47 -2.96 42.93 -7.95
CA ASP I 47 -3.22 43.20 -9.36
C ASP I 47 -4.27 44.30 -9.52
N PRO I 48 -3.92 45.39 -10.22
CA PRO I 48 -4.78 46.55 -10.41
C PRO I 48 -6.18 46.20 -10.89
N ARG I 49 -6.28 45.21 -11.78
CA ARG I 49 -7.53 44.90 -12.44
C ARG I 49 -8.57 44.26 -11.52
N LEU I 50 -8.15 43.89 -10.32
CA LEU I 50 -9.05 43.22 -9.38
C LEU I 50 -10.16 44.12 -8.82
N LYS I 51 -11.41 43.72 -9.04
CA LYS I 51 -12.55 44.37 -8.39
C LYS I 51 -13.18 43.45 -7.36
N THR I 52 -12.34 42.72 -6.64
CA THR I 52 -12.79 41.80 -5.58
C THR I 52 -11.57 41.13 -4.97
N ASP I 53 -11.77 40.39 -3.87
CA ASP I 53 -10.64 39.78 -3.18
C ASP I 53 -10.17 38.50 -3.86
N PHE I 54 -8.85 38.39 -4.06
CA PHE I 54 -8.27 37.30 -4.85
C PHE I 54 -8.38 35.91 -4.20
N GLU I 55 -7.64 35.71 -3.12
CA GLU I 55 -7.66 34.45 -2.38
C GLU I 55 -9.07 33.93 -2.19
N GLU I 56 -9.99 34.82 -1.84
CA GLU I 56 -11.38 34.42 -1.64
C GLU I 56 -11.96 33.87 -2.94
N ALA I 57 -11.64 34.53 -4.04
CA ALA I 57 -12.19 34.17 -5.34
C ALA I 57 -11.65 32.85 -5.89
N ILE I 58 -10.35 32.61 -5.71
CA ILE I 58 -9.72 31.44 -6.33
C ILE I 58 -9.98 30.18 -5.53
N PHE I 59 -10.22 30.34 -4.23
CA PHE I 59 -10.49 29.21 -3.37
C PHE I 59 -11.97 29.02 -3.07
N SER I 60 -12.81 29.85 -3.67
CA SER I 60 -14.24 29.77 -3.40
C SER I 60 -14.85 28.49 -3.94
N LYS I 61 -14.11 27.81 -4.82
CA LYS I 61 -14.59 26.57 -5.42
C LYS I 61 -14.73 25.44 -4.38
N TYR I 62 -13.76 25.34 -3.48
CA TYR I 62 -13.77 24.30 -2.46
C TYR I 62 -14.97 24.42 -1.52
N VAL I 63 -15.97 23.56 -1.72
CA VAL I 63 -17.20 23.62 -0.94
C VAL I 63 -17.58 22.29 -0.27
N GLY I 64 -18.46 22.38 0.73
CA GLY I 64 -18.95 21.23 1.48
C GLY I 64 -19.47 20.09 0.62
N ASN I 65 -18.94 18.90 0.89
CA ASN I 65 -19.13 17.73 0.02
C ASN I 65 -20.57 17.33 -0.26
N LYS I 66 -21.27 16.87 0.78
CA LYS I 66 -22.70 16.52 0.74
C LYS I 66 -23.00 15.04 0.56
N ILE I 67 -23.71 14.74 -0.53
CA ILE I 67 -24.20 13.40 -0.83
C ILE I 67 -23.12 12.34 -0.84
N THR I 68 -23.39 11.22 -0.18
CA THR I 68 -22.38 10.18 -0.02
C THR I 68 -22.91 8.81 -0.40
N GLU I 69 -24.20 8.71 -0.67
CA GLU I 69 -24.78 7.40 -0.91
C GLU I 69 -25.01 7.07 -2.38
N VAL I 70 -24.58 5.87 -2.75
CA VAL I 70 -24.80 5.35 -4.08
C VAL I 70 -26.19 4.71 -4.12
N ASP I 71 -27.13 5.40 -4.75
CA ASP I 71 -28.50 4.88 -4.83
C ASP I 71 -28.68 3.92 -5.99
N GLU I 72 -29.90 3.46 -6.16
CA GLU I 72 -30.22 2.37 -7.05
C GLU I 72 -29.93 2.71 -8.52
N TYR I 73 -30.05 3.98 -8.84
CA TYR I 73 -29.90 4.42 -10.21
C TYR I 73 -28.41 4.47 -10.55
N MET I 74 -27.64 5.06 -9.64
CA MET I 74 -26.19 5.08 -9.75
C MET I 74 -25.67 3.66 -9.88
N LYS I 75 -26.25 2.74 -9.13
CA LYS I 75 -25.77 1.36 -9.10
C LYS I 75 -26.04 0.73 -10.43
N GLU I 76 -27.21 0.98 -10.99
CA GLU I 76 -27.50 0.44 -12.30
C GLU I 76 -26.61 1.07 -13.41
N ALA I 77 -26.34 2.37 -13.29
CA ALA I 77 -25.42 3.05 -14.20
C ALA I 77 -24.06 2.36 -14.18
N VAL I 78 -23.60 2.08 -12.98
CA VAL I 78 -22.32 1.41 -12.77
C VAL I 78 -22.24 0.07 -13.48
N ASP I 79 -23.27 -0.75 -13.30
CA ASP I 79 -23.30 -2.07 -13.92
C ASP I 79 -23.31 -1.94 -15.43
N HIS I 80 -24.12 -1.01 -15.91
CA HIS I 80 -24.24 -0.84 -17.35
C HIS I 80 -22.92 -0.32 -17.97
N TYR I 81 -22.33 0.69 -17.35
CA TYR I 81 -21.09 1.24 -17.88
C TYR I 81 -19.95 0.21 -17.77
N ALA I 82 -19.85 -0.40 -16.59
CA ALA I 82 -18.83 -1.41 -16.35
C ALA I 82 -18.93 -2.57 -17.35
N GLY I 83 -20.15 -3.02 -17.59
CA GLY I 83 -20.38 -4.05 -18.60
C GLY I 83 -19.86 -3.62 -19.96
N GLN I 84 -19.97 -2.34 -20.26
CA GLN I 84 -19.51 -1.84 -21.55
C GLN I 84 -18.00 -1.97 -21.65
N LEU I 85 -17.31 -1.53 -20.62
CA LEU I 85 -15.84 -1.54 -20.62
C LEU I 85 -15.29 -2.96 -20.66
N MET I 86 -16.08 -3.92 -20.18
CA MET I 86 -15.67 -5.31 -20.11
C MET I 86 -15.52 -5.90 -21.50
N SER I 87 -16.33 -5.41 -22.43
CA SER I 87 -16.22 -5.86 -23.81
C SER I 87 -14.89 -5.44 -24.44
N LEU I 88 -14.16 -4.57 -23.75
CA LEU I 88 -12.88 -4.10 -24.29
C LEU I 88 -11.70 -4.99 -23.91
N ASP I 89 -11.91 -5.89 -22.94
CA ASP I 89 -10.84 -6.78 -22.49
C ASP I 89 -9.57 -6.04 -22.02
N ILE I 90 -9.76 -5.17 -21.04
CA ILE I 90 -8.68 -4.32 -20.56
C ILE I 90 -7.70 -5.11 -19.69
N ASN I 91 -6.40 -5.03 -20.01
CA ASN I 91 -5.37 -5.63 -19.17
C ASN I 91 -5.41 -5.04 -17.77
N THR I 92 -5.59 -5.91 -16.77
CA THR I 92 -5.81 -5.47 -15.40
C THR I 92 -4.50 -5.48 -14.62
N GLU I 93 -3.41 -5.76 -15.32
CA GLU I 93 -2.14 -5.89 -14.62
C GLU I 93 -1.54 -4.55 -14.31
N GLN I 94 -0.72 -4.53 -13.29
CA GLN I 94 0.03 -3.32 -12.96
C GLN I 94 0.95 -3.06 -14.16
N MET I 95 1.23 -1.80 -14.45
CA MET I 95 2.22 -1.47 -15.47
C MET I 95 3.58 -1.44 -14.81
N CYS I 96 4.59 -2.02 -15.45
CA CYS I 96 5.92 -2.02 -14.86
C CYS I 96 6.47 -0.59 -14.77
N LEU I 97 7.37 -0.36 -13.84
CA LEU I 97 7.95 0.98 -13.64
C LEU I 97 8.46 1.61 -14.94
N GLU I 98 9.17 0.83 -15.76
CA GLU I 98 9.80 1.38 -16.96
C GLU I 98 8.77 1.98 -17.92
N ASP I 99 7.68 1.25 -18.15
CA ASP I 99 6.62 1.70 -19.04
C ASP I 99 5.78 2.81 -18.42
N ALA I 100 5.66 2.82 -17.10
CA ALA I 100 4.90 3.86 -16.45
C ALA I 100 5.64 5.17 -16.57
N MET I 101 6.96 5.09 -16.68
CA MET I 101 7.81 6.29 -16.72
C MET I 101 7.98 6.77 -18.14
N TYR I 102 8.28 5.82 -19.02
CA TYR I 102 8.80 6.13 -20.35
C TYR I 102 7.77 5.93 -21.45
N GLY I 103 6.64 5.36 -21.09
CA GLY I 103 5.55 5.23 -22.01
C GLY I 103 5.56 3.89 -22.69
N THR I 104 4.42 3.51 -23.27
CA THR I 104 4.32 2.28 -24.02
C THR I 104 3.21 2.45 -25.04
N ASP I 105 2.82 1.39 -25.75
CA ASP I 105 1.74 1.55 -26.72
C ASP I 105 0.48 2.14 -26.08
N GLY I 106 0.07 3.33 -26.49
CA GLY I 106 -1.14 3.93 -25.96
C GLY I 106 -0.92 4.78 -24.72
N LEU I 107 0.34 4.95 -24.33
CA LEU I 107 0.65 5.82 -23.20
C LEU I 107 1.96 6.54 -23.44
N GLU I 108 1.90 7.87 -23.49
CA GLU I 108 3.09 8.71 -23.63
C GLU I 108 3.96 8.70 -22.38
N ALA I 109 5.25 8.93 -22.56
CA ALA I 109 6.17 9.10 -21.45
C ALA I 109 5.66 10.20 -20.58
N LEU I 110 6.13 10.23 -19.33
CA LEU I 110 5.96 11.40 -18.48
C LEU I 110 6.54 12.61 -19.20
N ASP I 111 5.96 13.79 -18.97
CA ASP I 111 6.39 15.02 -19.61
C ASP I 111 7.67 15.56 -18.97
N LEU I 112 8.79 15.47 -19.67
CA LEU I 112 10.06 15.93 -19.10
C LEU I 112 10.23 17.44 -19.08
N SER I 113 9.29 18.18 -19.67
CA SER I 113 9.41 19.62 -19.66
C SER I 113 8.68 20.29 -18.51
N THR I 114 7.98 19.52 -17.69
CA THR I 114 7.27 20.12 -16.56
C THR I 114 7.86 19.73 -15.21
N SER I 115 7.44 20.42 -14.17
CA SER I 115 8.01 20.28 -12.85
C SER I 115 7.89 18.86 -12.32
N ALA I 116 8.79 18.48 -11.43
CA ALA I 116 8.68 17.20 -10.72
C ALA I 116 7.87 17.32 -9.43
N GLY I 117 7.37 18.52 -9.14
CA GLY I 117 6.59 18.74 -7.93
C GLY I 117 7.33 18.45 -6.64
N TYR I 118 6.59 18.30 -5.54
CA TYR I 118 7.20 18.09 -4.23
C TYR I 118 7.82 16.70 -4.09
N PRO I 119 9.03 16.62 -3.50
CA PRO I 119 9.85 17.66 -2.88
C PRO I 119 10.93 18.19 -3.82
N TYR I 120 11.01 17.60 -5.01
CA TYR I 120 12.04 17.93 -5.99
C TYR I 120 12.07 19.42 -6.33
N VAL I 121 10.92 20.06 -6.24
CA VAL I 121 10.79 21.46 -6.61
C VAL I 121 11.49 22.35 -5.58
N ALA I 122 11.78 21.78 -4.41
CA ALA I 122 12.44 22.52 -3.35
C ALA I 122 13.91 22.13 -3.24
N MET I 123 14.28 21.04 -3.89
CA MET I 123 15.65 20.56 -3.83
C MET I 123 16.41 20.92 -5.10
N GLY I 124 15.72 21.61 -6.02
CA GLY I 124 16.32 21.96 -7.29
C GLY I 124 16.40 20.79 -8.27
N LYS I 125 15.65 19.73 -7.99
CA LYS I 125 15.67 18.55 -8.85
C LYS I 125 14.60 18.63 -9.98
N LYS I 126 14.99 18.26 -11.20
CA LYS I 126 14.10 18.32 -12.36
C LYS I 126 13.80 16.91 -12.86
N LYS I 127 12.70 16.75 -13.59
CA LYS I 127 12.37 15.43 -14.12
C LYS I 127 13.57 14.91 -14.91
N ARG I 128 14.15 15.81 -15.70
CA ARG I 128 15.29 15.47 -16.58
C ARG I 128 16.49 14.93 -15.83
N ASP I 129 16.62 15.31 -14.56
CA ASP I 129 17.71 14.81 -13.72
C ASP I 129 17.45 13.37 -13.32
N ILE I 130 16.18 13.00 -13.26
CA ILE I 130 15.83 11.67 -12.79
C ILE I 130 15.60 10.72 -13.95
N LEU I 131 14.97 11.22 -15.01
CA LEU I 131 14.59 10.37 -16.14
C LEU I 131 15.59 10.45 -17.28
N ASN I 132 15.68 9.36 -18.02
CA ASN I 132 16.59 9.31 -19.16
C ASN I 132 15.92 8.51 -20.26
N LYS I 133 15.27 9.20 -21.18
CA LYS I 133 14.50 8.51 -22.20
C LYS I 133 15.35 7.55 -23.00
N GLN I 134 16.61 7.91 -23.20
CA GLN I 134 17.47 7.13 -24.07
C GLN I 134 17.79 5.78 -23.43
N THR I 135 18.17 5.80 -22.16
CA THR I 135 18.44 4.54 -21.46
C THR I 135 17.19 3.90 -20.86
N ARG I 136 16.17 4.72 -20.61
CA ARG I 136 14.95 4.24 -19.92
C ARG I 136 15.32 3.67 -18.56
N ASP I 137 16.21 4.38 -17.88
CA ASP I 137 16.70 3.97 -16.58
C ASP I 137 15.68 4.20 -15.48
N THR I 138 15.42 3.16 -14.67
CA THR I 138 14.44 3.26 -13.59
C THR I 138 15.07 3.27 -12.22
N LYS I 139 16.34 2.88 -12.13
CA LYS I 139 16.99 2.78 -10.84
C LYS I 139 16.83 4.05 -10.02
N GLU I 140 17.13 5.19 -10.64
CA GLU I 140 17.04 6.42 -9.89
C GLU I 140 15.62 6.71 -9.42
N MET I 141 14.64 6.43 -10.27
CA MET I 141 13.26 6.66 -9.86
C MET I 141 12.87 5.74 -8.69
N GLN I 142 13.18 4.46 -8.82
CA GLN I 142 12.83 3.48 -7.80
C GLN I 142 13.37 3.92 -6.44
N LYS I 143 14.65 4.27 -6.41
CA LYS I 143 15.30 4.81 -5.25
C LYS I 143 14.54 6.00 -4.64
N LEU I 144 14.02 6.87 -5.47
CA LEU I 144 13.29 8.03 -4.98
C LEU I 144 11.91 7.67 -4.43
N LEU I 145 11.25 6.71 -5.07
CA LEU I 145 10.00 6.15 -4.56
C LEU I 145 10.23 5.61 -3.15
N ASP I 146 11.33 4.88 -2.98
CA ASP I 146 11.71 4.30 -1.69
C ASP I 146 12.01 5.37 -0.67
N THR I 147 12.66 6.43 -1.11
CA THR I 147 13.02 7.50 -0.20
C THR I 147 11.85 8.39 0.22
N TYR I 148 10.99 8.79 -0.72
CA TYR I 148 9.95 9.75 -0.37
C TYR I 148 8.54 9.17 -0.37
N GLY I 149 8.41 7.96 -0.89
CA GLY I 149 7.12 7.32 -0.96
C GLY I 149 6.12 8.04 -1.85
N ILE I 150 4.84 7.80 -1.61
CA ILE I 150 3.78 8.40 -2.38
C ILE I 150 2.83 9.19 -1.47
N ASN I 151 1.69 9.60 -2.01
CA ASN I 151 0.76 10.47 -1.30
C ASN I 151 1.38 11.78 -0.83
N LEU I 152 2.26 12.34 -1.63
CA LEU I 152 2.93 13.59 -1.30
C LEU I 152 2.00 14.75 -1.57
N PRO I 153 2.27 15.92 -0.99
CA PRO I 153 1.37 17.04 -1.24
C PRO I 153 1.54 17.57 -2.66
N LEU I 154 0.48 18.17 -3.20
CA LEU I 154 0.50 18.79 -4.50
C LEU I 154 0.81 20.27 -4.33
N VAL I 155 1.57 20.84 -5.27
CA VAL I 155 1.94 22.24 -5.18
C VAL I 155 0.99 23.11 -6.03
N THR I 156 0.28 24.03 -5.37
CA THR I 156 -0.69 24.89 -6.02
C THR I 156 -0.03 26.04 -6.80
N TYR I 157 -0.44 26.21 -8.06
CA TYR I 157 -0.01 27.36 -8.86
C TYR I 157 -1.24 27.95 -9.53
N VAL I 158 -1.22 29.25 -9.78
CA VAL I 158 -2.27 29.85 -10.59
C VAL I 158 -1.89 29.64 -12.05
N LYS I 159 -2.85 29.25 -12.87
CA LYS I 159 -2.56 29.04 -14.28
C LYS I 159 -2.41 30.35 -15.04
N ASP I 160 -1.28 30.50 -15.70
CA ASP I 160 -0.99 31.64 -16.58
C ASP I 160 -1.59 31.39 -17.98
N GLU I 161 -2.73 32.04 -18.26
CA GLU I 161 -3.48 31.82 -19.48
C GLU I 161 -4.45 32.98 -19.64
N LEU I 162 -5.12 33.06 -20.80
CA LEU I 162 -6.02 34.16 -21.10
C LEU I 162 -7.41 33.91 -20.52
N ARG I 163 -8.00 34.95 -19.94
CA ARG I 163 -9.32 34.85 -19.34
C ARG I 163 -10.17 36.04 -19.77
N SER I 164 -11.49 35.86 -19.79
CA SER I 164 -12.40 36.94 -20.15
C SER I 164 -12.29 38.11 -19.18
N LYS I 165 -12.87 39.25 -19.55
CA LYS I 165 -12.82 40.46 -18.75
C LYS I 165 -13.41 40.26 -17.36
N THR I 166 -14.64 39.78 -17.29
CA THR I 166 -15.31 39.57 -16.02
C THR I 166 -14.60 38.55 -15.14
N LYS I 167 -13.87 37.63 -15.76
CA LYS I 167 -13.12 36.62 -15.00
C LYS I 167 -11.81 37.21 -14.52
N VAL I 168 -11.43 38.34 -15.07
CA VAL I 168 -10.23 39.03 -14.60
C VAL I 168 -10.56 39.99 -13.46
N GLU I 169 -11.70 40.67 -13.58
CA GLU I 169 -12.15 41.57 -12.52
C GLU I 169 -12.54 40.77 -11.29
N GLN I 170 -13.31 39.70 -11.49
CA GLN I 170 -13.76 38.85 -10.40
C GLN I 170 -12.67 37.91 -9.87
N GLY I 171 -11.43 38.12 -10.31
CA GLY I 171 -10.32 37.28 -9.87
C GLY I 171 -10.55 35.78 -10.05
N LYS I 172 -11.31 35.41 -11.08
CA LYS I 172 -11.54 34.01 -11.38
C LYS I 172 -10.42 33.39 -12.22
N SER I 173 -9.21 33.43 -11.68
CA SER I 173 -8.09 32.69 -12.22
C SER I 173 -8.19 31.20 -11.84
N ARG I 174 -7.57 30.35 -12.65
CA ARG I 174 -7.67 28.92 -12.39
C ARG I 174 -6.42 28.39 -11.71
N LEU I 175 -6.63 27.37 -10.88
CA LEU I 175 -5.57 26.80 -10.08
C LEU I 175 -5.08 25.47 -10.63
N ILE I 176 -3.77 25.33 -10.62
CA ILE I 176 -3.08 24.11 -10.98
C ILE I 176 -2.60 23.41 -9.70
N GLU I 177 -2.78 22.10 -9.61
CA GLU I 177 -2.18 21.34 -8.53
C GLU I 177 -1.09 20.45 -9.11
N ALA I 178 0.17 20.85 -8.93
CA ALA I 178 1.29 20.11 -9.47
C ALA I 178 1.55 18.80 -8.72
N SER I 179 1.19 17.69 -9.35
CA SER I 179 1.45 16.37 -8.78
C SER I 179 2.94 16.09 -8.63
N SER I 180 3.31 15.31 -7.62
CA SER I 180 4.70 14.89 -7.48
C SER I 180 5.00 13.83 -8.53
N LEU I 181 6.24 13.80 -8.99
CA LEU I 181 6.72 12.75 -9.87
C LEU I 181 6.33 11.39 -9.30
N ASN I 182 6.53 11.22 -8.00
CA ASN I 182 6.31 9.93 -7.33
C ASN I 182 4.87 9.48 -7.48
N ASP I 183 3.94 10.40 -7.21
CA ASP I 183 2.52 10.09 -7.34
C ASP I 183 2.09 9.78 -8.79
N SER I 184 2.66 10.51 -9.74
CA SER I 184 2.35 10.29 -11.16
C SER I 184 2.85 8.93 -11.57
N VAL I 185 4.04 8.58 -11.12
CA VAL I 185 4.57 7.27 -11.43
C VAL I 185 3.76 6.14 -10.78
N ALA I 186 3.25 6.39 -9.59
CA ALA I 186 2.49 5.36 -8.90
C ALA I 186 1.12 5.21 -9.55
N MET I 187 0.51 6.32 -9.92
CA MET I 187 -0.79 6.25 -10.60
C MET I 187 -0.66 5.48 -11.90
N ARG I 188 0.41 5.73 -12.65
CA ARG I 188 0.56 5.09 -13.95
C ARG I 188 0.90 3.61 -13.85
N MET I 189 1.59 3.22 -12.77
CA MET I 189 1.82 1.79 -12.52
C MET I 189 0.50 1.07 -12.18
N ALA I 190 -0.31 1.72 -11.35
CA ALA I 190 -1.64 1.21 -11.03
C ALA I 190 -2.54 1.14 -12.26
N PHE I 191 -2.68 2.28 -12.94
CA PHE I 191 -3.72 2.42 -13.97
C PHE I 191 -3.25 2.57 -15.42
N GLY I 192 -1.96 2.40 -15.68
CA GLY I 192 -1.43 2.65 -17.01
C GLY I 192 -2.15 1.85 -18.08
N ASN I 193 -2.46 0.60 -17.76
CA ASN I 193 -3.12 -0.28 -18.71
C ASN I 193 -4.58 0.11 -18.93
N LEU I 194 -5.14 0.83 -17.97
CA LEU I 194 -6.46 1.36 -18.15
C LEU I 194 -6.36 2.61 -19.03
N TYR I 195 -5.40 3.48 -18.74
CA TYR I 195 -5.17 4.63 -19.59
C TYR I 195 -4.97 4.20 -21.05
N ALA I 196 -4.18 3.15 -21.26
CA ALA I 196 -3.83 2.78 -22.62
C ALA I 196 -5.05 2.29 -23.35
N ALA I 197 -5.88 1.49 -22.68
CA ALA I 197 -7.12 1.03 -23.30
C ALA I 197 -8.05 2.17 -23.71
N PHE I 198 -8.20 3.18 -22.85
CA PHE I 198 -9.02 4.30 -23.24
C PHE I 198 -8.44 5.04 -24.44
N HIS I 199 -7.17 5.38 -24.38
CA HIS I 199 -6.52 6.10 -25.47
C HIS I 199 -6.67 5.37 -26.80
N LYS I 200 -6.66 4.05 -26.77
CA LYS I 200 -6.73 3.31 -28.02
C LYS I 200 -8.16 3.16 -28.50
N ASN I 201 -9.14 3.41 -27.65
CA ASN I 201 -10.53 3.21 -28.07
C ASN I 201 -11.50 4.37 -27.86
N PRO I 202 -11.17 5.57 -28.39
CA PRO I 202 -12.11 6.69 -28.31
C PRO I 202 -13.41 6.28 -28.99
N GLY I 203 -14.55 6.69 -28.46
CA GLY I 203 -15.80 6.20 -29.02
C GLY I 203 -16.90 5.98 -28.00
N VAL I 204 -17.92 5.23 -28.42
CA VAL I 204 -19.14 5.04 -27.63
C VAL I 204 -19.08 3.84 -26.69
N ILE I 205 -18.07 2.98 -26.86
CA ILE I 205 -17.86 1.89 -25.91
C ILE I 205 -17.19 2.42 -24.65
N THR I 206 -16.06 3.10 -24.83
CA THR I 206 -15.46 3.80 -23.69
C THR I 206 -16.31 5.01 -23.31
N GLY I 207 -17.11 5.49 -24.26
CA GLY I 207 -17.85 6.74 -24.04
C GLY I 207 -16.88 7.89 -23.76
N SER I 208 -15.73 7.86 -24.42
CA SER I 208 -14.68 8.85 -24.17
C SER I 208 -14.04 9.29 -25.47
N ALA I 209 -13.70 10.57 -25.58
CA ALA I 209 -12.98 11.03 -26.77
C ALA I 209 -11.47 11.22 -26.58
N VAL I 210 -10.96 10.92 -25.40
CA VAL I 210 -9.51 10.98 -25.16
C VAL I 210 -8.80 10.11 -26.18
N GLY I 211 -7.86 10.70 -26.90
CA GLY I 211 -7.16 9.97 -27.95
C GLY I 211 -7.68 10.20 -29.36
N CYS I 212 -8.79 10.92 -29.51
CA CYS I 212 -9.29 11.18 -30.85
C CYS I 212 -8.51 12.32 -31.53
N ASP I 213 -8.54 12.31 -32.86
CA ASP I 213 -8.13 13.45 -33.66
C ASP I 213 -9.37 14.02 -34.35
N PRO I 214 -9.85 15.19 -33.90
CA PRO I 214 -11.10 15.76 -34.43
C PRO I 214 -11.22 15.82 -35.96
N ASP I 215 -10.16 16.20 -36.67
CA ASP I 215 -10.21 16.18 -38.14
C ASP I 215 -10.77 14.89 -38.72
N LEU I 216 -10.40 13.74 -38.17
CA LEU I 216 -10.84 12.46 -38.68
C LEU I 216 -12.08 11.95 -37.94
N PHE I 217 -12.11 12.24 -36.64
CA PHE I 217 -13.10 11.67 -35.72
C PHE I 217 -14.49 12.29 -35.88
N TRP I 218 -14.55 13.53 -36.31
CA TRP I 218 -15.84 14.17 -36.55
C TRP I 218 -16.68 13.39 -37.55
N SER I 219 -16.05 12.70 -38.50
CA SER I 219 -16.83 11.99 -39.52
C SER I 219 -17.44 10.69 -38.99
N LYS I 220 -16.84 10.14 -37.93
CA LYS I 220 -17.34 8.94 -37.27
C LYS I 220 -18.50 9.24 -36.33
N ILE I 221 -18.50 10.43 -35.75
CA ILE I 221 -19.41 10.71 -34.63
C ILE I 221 -20.90 10.54 -35.02
N PRO I 222 -21.37 11.19 -36.10
CA PRO I 222 -22.77 11.02 -36.51
C PRO I 222 -23.14 9.55 -36.77
N VAL I 223 -22.24 8.79 -37.39
CA VAL I 223 -22.49 7.37 -37.58
C VAL I 223 -22.70 6.70 -36.22
N LEU I 224 -21.92 7.11 -35.22
CA LEU I 224 -22.02 6.48 -33.91
C LEU I 224 -23.24 6.89 -33.10
N MET I 225 -23.74 8.09 -33.31
CA MET I 225 -24.83 8.58 -32.48
C MET I 225 -26.17 7.99 -32.89
N GLU I 226 -27.08 7.88 -31.94
CA GLU I 226 -28.47 7.55 -32.24
C GLU I 226 -29.10 8.78 -32.87
N GLU I 227 -30.35 8.65 -33.29
CA GLU I 227 -31.02 9.68 -34.06
C GLU I 227 -31.16 11.04 -33.36
N LYS I 228 -31.38 11.05 -32.06
CA LYS I 228 -31.70 12.29 -31.36
C LYS I 228 -30.61 12.70 -30.39
N LEU I 229 -29.98 13.82 -30.69
CA LEU I 229 -28.91 14.33 -29.87
C LEU I 229 -29.47 14.97 -28.62
N PHE I 230 -28.66 14.96 -27.56
CA PHE I 230 -28.88 15.85 -26.42
C PHE I 230 -27.55 16.17 -25.79
N ALA I 231 -27.51 17.28 -25.06
CA ALA I 231 -26.31 17.70 -24.39
C ALA I 231 -26.64 18.87 -23.47
N PHE I 232 -25.68 19.25 -22.64
CA PHE I 232 -25.83 20.32 -21.68
C PHE I 232 -24.44 20.62 -21.11
N ASP I 233 -24.34 21.71 -20.36
CA ASP I 233 -23.10 22.11 -19.75
C ASP I 233 -23.18 21.88 -18.24
N TYR I 234 -22.04 21.73 -17.57
CA TYR I 234 -21.99 21.71 -16.12
C TYR I 234 -21.33 22.99 -15.67
N THR I 235 -21.75 23.48 -14.52
CA THR I 235 -21.05 24.55 -13.85
C THR I 235 -20.15 23.96 -12.77
N GLY I 236 -18.90 24.37 -12.75
CA GLY I 236 -17.92 23.83 -11.81
C GLY I 236 -18.07 22.33 -11.62
N TYR I 237 -17.75 21.56 -12.66
CA TYR I 237 -17.98 20.12 -12.64
C TYR I 237 -17.15 19.42 -11.58
N ASP I 238 -15.83 19.61 -11.62
CA ASP I 238 -14.92 18.98 -10.66
C ASP I 238 -15.38 19.30 -9.25
N ALA I 239 -15.43 20.59 -8.94
CA ALA I 239 -15.76 21.06 -7.59
C ALA I 239 -17.05 20.49 -7.04
N SER I 240 -17.95 20.08 -7.93
CA SER I 240 -19.27 19.64 -7.52
C SER I 240 -19.38 18.11 -7.38
N LEU I 241 -18.37 17.37 -7.81
CA LEU I 241 -18.39 15.92 -7.70
C LEU I 241 -18.43 15.46 -6.22
N SER I 242 -19.52 14.81 -5.84
CA SER I 242 -19.68 14.36 -4.46
C SER I 242 -18.99 13.00 -4.25
N PRO I 243 -18.79 12.61 -2.98
CA PRO I 243 -18.16 11.32 -2.65
C PRO I 243 -18.87 10.13 -3.28
N ALA I 244 -20.19 10.23 -3.40
CA ALA I 244 -20.94 9.14 -4.02
C ALA I 244 -20.44 8.88 -5.44
N TRP I 245 -20.10 9.95 -6.17
CA TRP I 245 -19.62 9.77 -7.54
C TRP I 245 -18.29 9.04 -7.60
N PHE I 246 -17.41 9.36 -6.66
CA PHE I 246 -16.13 8.66 -6.60
C PHE I 246 -16.29 7.22 -6.15
N GLU I 247 -17.29 6.99 -5.30
CA GLU I 247 -17.58 5.65 -4.85
C GLU I 247 -18.09 4.85 -6.03
N ALA I 248 -19.00 5.44 -6.80
CA ALA I 248 -19.47 4.79 -8.03
C ALA I 248 -18.30 4.49 -8.97
N LEU I 249 -17.36 5.43 -9.09
CA LEU I 249 -16.15 5.21 -9.88
C LEU I 249 -15.40 3.97 -9.37
N LYS I 250 -15.06 3.97 -8.09
CA LYS I 250 -14.38 2.79 -7.51
C LYS I 250 -15.15 1.52 -7.81
N MET I 251 -16.47 1.58 -7.77
CA MET I 251 -17.28 0.42 -8.11
C MET I 251 -17.08 -0.04 -9.57
N VAL I 252 -16.95 0.91 -10.48
CA VAL I 252 -16.62 0.54 -11.84
C VAL I 252 -15.24 -0.09 -11.89
N LEU I 253 -14.27 0.48 -11.17
CA LEU I 253 -12.92 -0.05 -11.20
C LEU I 253 -12.90 -1.47 -10.66
N GLU I 254 -13.64 -1.74 -9.58
CA GLU I 254 -13.68 -3.11 -9.06
C GLU I 254 -14.29 -4.08 -10.07
N LYS I 255 -15.36 -3.67 -10.71
CA LYS I 255 -16.03 -4.52 -11.68
C LYS I 255 -15.18 -4.89 -12.90
N ILE I 256 -14.26 -4.01 -13.29
CA ILE I 256 -13.42 -4.31 -14.46
C ILE I 256 -12.03 -4.85 -14.13
N GLY I 257 -11.77 -5.16 -12.86
CA GLY I 257 -10.55 -5.87 -12.51
C GLY I 257 -9.48 -5.04 -11.83
N PHE I 258 -9.81 -3.81 -11.44
CA PHE I 258 -8.85 -2.93 -10.78
C PHE I 258 -9.21 -2.74 -9.32
N GLY I 259 -10.03 -3.67 -8.81
CA GLY I 259 -10.51 -3.61 -7.44
C GLY I 259 -9.41 -3.43 -6.41
N ASP I 260 -8.26 -4.01 -6.68
CA ASP I 260 -7.15 -3.89 -5.75
C ASP I 260 -6.46 -2.49 -5.67
N ARG I 261 -6.77 -1.56 -6.56
CA ARG I 261 -6.23 -0.20 -6.41
C ARG I 261 -7.27 0.92 -6.27
N VAL I 262 -8.48 0.57 -5.84
CA VAL I 262 -9.49 1.59 -5.60
C VAL I 262 -9.01 2.55 -4.53
N ASP I 263 -8.13 2.10 -3.64
CA ASP I 263 -7.67 3.01 -2.59
C ASP I 263 -6.94 4.21 -3.15
N TYR I 264 -6.37 4.06 -4.36
CA TYR I 264 -5.78 5.21 -5.03
C TYR I 264 -6.84 6.29 -5.18
N ILE I 265 -8.06 5.88 -5.52
CA ILE I 265 -9.13 6.85 -5.57
C ILE I 265 -9.28 7.51 -4.21
N ASP I 266 -9.31 6.72 -3.14
CA ASP I 266 -9.48 7.31 -1.81
C ASP I 266 -8.35 8.28 -1.57
N TYR I 267 -7.14 7.89 -1.93
CA TYR I 267 -6.00 8.79 -1.83
C TYR I 267 -6.26 10.12 -2.54
N LEU I 268 -6.73 10.05 -3.78
CA LEU I 268 -7.03 11.27 -4.53
C LEU I 268 -8.03 12.19 -3.79
N ASN I 269 -9.03 11.58 -3.14
CA ASN I 269 -10.04 12.32 -2.39
C ASN I 269 -9.54 12.96 -1.10
N HIS I 270 -8.28 12.74 -0.75
CA HIS I 270 -7.74 13.32 0.46
C HIS I 270 -6.36 13.84 0.19
N SER I 271 -6.30 15.10 -0.19
CA SER I 271 -5.08 15.65 -0.73
C SER I 271 -4.59 16.84 0.06
N HIS I 272 -3.28 16.95 0.16
CA HIS I 272 -2.69 18.11 0.80
C HIS I 272 -2.05 18.99 -0.25
N HIS I 273 -2.16 20.30 -0.05
CA HIS I 273 -1.70 21.25 -1.05
C HIS I 273 -0.81 22.31 -0.45
N LEU I 274 0.27 22.63 -1.16
CA LEU I 274 1.19 23.70 -0.78
C LEU I 274 0.96 24.92 -1.64
N TYR I 275 0.48 26.00 -1.04
CA TYR I 275 0.32 27.24 -1.77
C TYR I 275 1.13 28.35 -1.10
N LYS I 276 2.31 28.61 -1.64
CA LYS I 276 3.21 29.62 -1.07
C LYS I 276 3.74 29.21 0.31
N ASN I 277 3.44 30.03 1.31
CA ASN I 277 3.88 29.77 2.68
C ASN I 277 2.88 28.93 3.46
N LYS I 278 1.80 28.52 2.80
CA LYS I 278 0.73 27.81 3.49
C LYS I 278 0.44 26.41 2.95
N THR I 279 -0.17 25.60 3.81
CA THR I 279 -0.52 24.22 3.51
C THR I 279 -1.98 23.97 3.86
N TYR I 280 -2.75 23.42 2.93
CA TYR I 280 -4.11 23.03 3.25
C TYR I 280 -4.39 21.56 2.98
N CYS I 281 -5.56 21.11 3.44
CA CYS I 281 -5.97 19.74 3.26
C CYS I 281 -7.35 19.82 2.65
N VAL I 282 -7.62 18.91 1.73
CA VAL I 282 -8.89 18.87 1.06
C VAL I 282 -9.47 17.48 1.17
N LYS I 283 -10.74 17.39 1.51
CA LYS I 283 -11.42 16.11 1.49
C LYS I 283 -12.43 16.15 0.38
N GLY I 284 -12.49 15.08 -0.40
CA GLY I 284 -13.39 15.03 -1.54
C GLY I 284 -12.74 15.68 -2.75
N GLY I 285 -13.32 15.44 -3.91
CA GLY I 285 -12.81 15.99 -5.15
C GLY I 285 -11.52 15.33 -5.61
N MET I 286 -11.04 15.77 -6.76
CA MET I 286 -9.87 15.17 -7.39
C MET I 286 -9.07 16.29 -8.03
N PRO I 287 -7.82 16.48 -7.60
CA PRO I 287 -6.95 17.53 -8.12
C PRO I 287 -6.67 17.30 -9.60
N SER I 288 -6.89 18.31 -10.43
CA SER I 288 -6.80 18.17 -11.88
C SER I 288 -5.40 17.73 -12.37
N GLY I 289 -4.38 18.11 -11.61
CA GLY I 289 -3.00 17.82 -11.92
C GLY I 289 -2.50 16.43 -11.57
N CYS I 290 -3.38 15.56 -11.07
CA CYS I 290 -2.98 14.17 -10.82
C CYS I 290 -3.10 13.40 -12.12
N SER I 291 -2.30 12.35 -12.26
CA SER I 291 -2.44 11.43 -13.38
C SER I 291 -3.84 10.83 -13.44
N GLY I 292 -4.37 10.66 -14.65
CA GLY I 292 -5.65 9.98 -14.86
C GLY I 292 -6.92 10.82 -14.78
N THR I 293 -6.80 12.08 -14.36
CA THR I 293 -7.98 12.89 -14.05
C THR I 293 -8.90 13.01 -15.25
N SER I 294 -8.30 13.23 -16.40
CA SER I 294 -9.05 13.36 -17.63
C SER I 294 -9.89 12.10 -17.94
N ILE I 295 -9.29 10.93 -17.77
CA ILE I 295 -10.00 9.68 -17.94
C ILE I 295 -11.02 9.44 -16.79
N PHE I 296 -10.64 9.69 -15.55
CA PHE I 296 -11.59 9.45 -14.44
C PHE I 296 -12.82 10.34 -14.57
N ASN I 297 -12.60 11.59 -14.96
CA ASN I 297 -13.69 12.54 -15.18
C ASN I 297 -14.59 12.11 -16.31
N SER I 298 -14.02 11.56 -17.38
CA SER I 298 -14.85 11.05 -18.47
C SER I 298 -15.70 9.86 -18.03
N MET I 299 -15.12 9.01 -17.18
CA MET I 299 -15.83 7.84 -16.70
C MET I 299 -16.95 8.29 -15.75
N ILE I 300 -16.68 9.27 -14.90
CA ILE I 300 -17.76 9.78 -14.06
C ILE I 300 -18.91 10.38 -14.90
N ASN I 301 -18.57 11.14 -15.95
CA ASN I 301 -19.58 11.66 -16.85
C ASN I 301 -20.50 10.56 -17.39
N ASN I 302 -19.91 9.42 -17.74
CA ASN I 302 -20.68 8.30 -18.27
C ASN I 302 -21.69 7.76 -17.26
N LEU I 303 -21.27 7.68 -16.01
CA LEU I 303 -22.12 7.25 -14.91
C LEU I 303 -23.20 8.29 -14.67
N ILE I 304 -22.80 9.57 -14.69
CA ILE I 304 -23.75 10.64 -14.39
C ILE I 304 -24.87 10.68 -15.41
N ILE I 305 -24.52 10.55 -16.66
CA ILE I 305 -25.55 10.58 -17.66
C ILE I 305 -26.46 9.37 -17.55
N ARG I 306 -25.89 8.20 -17.31
CA ARG I 306 -26.72 7.00 -17.21
C ARG I 306 -27.71 7.16 -16.05
N THR I 307 -27.25 7.75 -14.95
CA THR I 307 -28.05 7.86 -13.73
C THR I 307 -29.26 8.79 -13.90
N LEU I 308 -29.05 9.92 -14.58
CA LEU I 308 -30.12 10.89 -14.78
C LEU I 308 -31.17 10.34 -15.76
N LEU I 309 -30.73 9.61 -16.76
CA LEU I 309 -31.66 8.99 -17.67
C LEU I 309 -32.54 7.95 -16.96
N LEU I 310 -31.94 7.12 -16.11
CA LEU I 310 -32.66 6.07 -15.40
C LEU I 310 -33.67 6.67 -14.45
N LYS I 311 -33.20 7.66 -13.71
CA LYS I 311 -34.04 8.40 -12.79
C LYS I 311 -35.12 9.23 -13.49
N THR I 312 -34.78 9.87 -14.61
CA THR I 312 -35.75 10.72 -15.30
C THR I 312 -36.75 9.97 -16.18
N TYR I 313 -36.27 8.99 -16.93
CA TYR I 313 -37.11 8.28 -17.90
C TYR I 313 -37.29 6.83 -17.49
N LYS I 314 -38.39 6.54 -16.80
CA LYS I 314 -38.62 5.19 -16.35
C LYS I 314 -38.73 4.31 -17.58
N GLY I 315 -38.02 3.19 -17.59
CA GLY I 315 -38.06 2.26 -18.70
C GLY I 315 -37.09 2.52 -19.83
N ILE I 316 -36.23 3.53 -19.67
CA ILE I 316 -35.22 3.82 -20.67
C ILE I 316 -34.20 2.70 -20.79
N ASP I 317 -33.80 2.39 -22.03
CA ASP I 317 -32.86 1.32 -22.32
C ASP I 317 -31.46 1.83 -22.60
N LEU I 318 -30.57 1.68 -21.64
CA LEU I 318 -29.22 2.24 -21.73
C LEU I 318 -28.39 1.71 -22.91
N ASP I 319 -28.74 0.53 -23.44
CA ASP I 319 -28.03 -0.01 -24.59
C ASP I 319 -28.15 0.88 -25.82
N HIS I 320 -29.15 1.75 -25.82
CA HIS I 320 -29.40 2.64 -26.94
C HIS I 320 -28.98 4.07 -26.62
N LEU I 321 -28.32 4.24 -25.48
CA LEU I 321 -27.62 5.48 -25.17
C LEU I 321 -26.28 5.44 -25.90
N LYS I 322 -26.05 6.39 -26.79
CA LYS I 322 -24.74 6.51 -27.42
C LYS I 322 -24.15 7.85 -27.02
N MET I 323 -23.12 7.82 -26.20
CA MET I 323 -22.48 9.07 -25.76
C MET I 323 -20.96 9.03 -25.79
N ILE I 324 -20.37 10.22 -25.84
CA ILE I 324 -18.92 10.39 -25.87
C ILE I 324 -18.58 11.59 -25.02
N ALA I 325 -17.76 11.38 -23.99
CA ALA I 325 -17.39 12.45 -23.11
C ALA I 325 -15.90 12.76 -23.23
N TYR I 326 -15.56 14.00 -22.90
CA TYR I 326 -14.18 14.37 -22.71
C TYR I 326 -14.15 15.17 -21.42
N GLY I 327 -13.78 14.52 -20.33
CA GLY I 327 -13.97 15.14 -19.03
C GLY I 327 -15.46 15.46 -18.88
N ASP I 328 -15.79 16.72 -18.58
CA ASP I 328 -17.20 17.09 -18.41
C ASP I 328 -17.90 17.44 -19.73
N ASP I 329 -17.13 17.58 -20.79
CA ASP I 329 -17.69 17.87 -22.11
C ASP I 329 -18.30 16.59 -22.65
N VAL I 330 -19.40 16.69 -23.37
CA VAL I 330 -20.14 15.51 -23.75
C VAL I 330 -21.04 15.79 -24.93
N ILE I 331 -21.09 14.83 -25.85
CA ILE I 331 -22.12 14.77 -26.84
C ILE I 331 -22.86 13.44 -26.63
N ALA I 332 -24.19 13.51 -26.57
CA ALA I 332 -24.98 12.33 -26.25
C ALA I 332 -26.13 12.15 -27.23
N SER I 333 -26.67 10.93 -27.29
CA SER I 333 -27.76 10.66 -28.22
C SER I 333 -28.61 9.49 -27.72
N TYR I 334 -29.81 9.38 -28.27
CA TYR I 334 -30.74 8.32 -27.89
C TYR I 334 -31.80 8.26 -28.99
N PRO I 335 -32.36 7.06 -29.25
CA PRO I 335 -33.22 6.97 -30.45
C PRO I 335 -34.47 7.84 -30.32
N HIS I 336 -34.79 8.24 -29.09
CA HIS I 336 -35.93 9.11 -28.86
C HIS I 336 -35.50 10.35 -28.10
N GLU I 337 -36.18 11.46 -28.34
CA GLU I 337 -35.84 12.73 -27.70
C GLU I 337 -35.76 12.58 -26.20
N VAL I 338 -34.67 13.10 -25.63
CA VAL I 338 -34.59 13.29 -24.18
C VAL I 338 -34.41 14.76 -23.89
N ASP I 339 -35.02 15.21 -22.81
CA ASP I 339 -35.15 16.61 -22.51
C ASP I 339 -34.11 17.01 -21.45
N ALA I 340 -33.05 17.68 -21.90
CA ALA I 340 -31.97 18.06 -20.99
C ALA I 340 -32.44 18.97 -19.85
N SER I 341 -33.53 19.69 -20.06
CA SER I 341 -34.09 20.50 -18.98
C SER I 341 -34.60 19.57 -17.88
N LEU I 342 -35.09 18.39 -18.28
CA LEU I 342 -35.56 17.39 -17.33
C LEU I 342 -34.38 16.65 -16.67
N LEU I 343 -33.32 16.37 -17.43
CA LEU I 343 -32.14 15.74 -16.86
C LEU I 343 -31.47 16.66 -15.84
N ALA I 344 -31.52 17.97 -16.11
CA ALA I 344 -30.80 18.92 -15.26
C ALA I 344 -31.50 19.03 -13.92
N GLN I 345 -32.79 18.74 -13.91
CA GLN I 345 -33.59 18.83 -12.71
C GLN I 345 -33.22 17.66 -11.81
N SER I 346 -33.31 16.45 -12.36
CA SER I 346 -32.80 15.28 -11.67
C SER I 346 -31.40 15.53 -11.14
N GLY I 347 -30.59 16.28 -11.90
CA GLY I 347 -29.21 16.53 -11.54
C GLY I 347 -29.01 17.27 -10.24
N LYS I 348 -29.91 18.19 -9.93
CA LYS I 348 -29.90 18.91 -8.66
C LYS I 348 -29.80 17.99 -7.45
N ASP I 349 -30.47 16.84 -7.53
CA ASP I 349 -30.49 15.92 -6.40
C ASP I 349 -29.10 15.34 -6.12
N TYR I 350 -28.25 15.29 -7.13
CA TYR I 350 -26.92 14.73 -6.96
C TYR I 350 -25.86 15.81 -6.76
N GLY I 351 -26.30 17.04 -6.52
CA GLY I 351 -25.38 18.14 -6.34
C GLY I 351 -24.80 18.62 -7.67
N LEU I 352 -25.45 18.29 -8.77
CA LEU I 352 -25.00 18.70 -10.09
C LEU I 352 -25.69 19.96 -10.59
N THR I 353 -24.92 20.87 -11.20
CA THR I 353 -25.48 22.09 -11.80
C THR I 353 -25.35 22.05 -13.32
N MET I 354 -26.44 21.70 -13.97
CA MET I 354 -26.46 21.54 -15.42
C MET I 354 -27.25 22.66 -16.11
N THR I 355 -26.69 23.22 -17.18
CA THR I 355 -27.34 24.32 -17.89
C THR I 355 -27.37 24.04 -19.41
N PRO I 356 -28.11 24.87 -20.18
CA PRO I 356 -28.23 24.52 -21.60
C PRO I 356 -26.88 24.59 -22.28
N ALA I 357 -26.66 23.76 -23.30
CA ALA I 357 -25.37 23.71 -23.96
C ALA I 357 -24.93 25.06 -24.52
N ASP I 358 -23.64 25.34 -24.42
CA ASP I 358 -23.05 26.54 -25.00
C ASP I 358 -23.69 27.82 -24.47
N LYS I 359 -23.84 27.90 -23.15
CA LYS I 359 -24.34 29.09 -22.49
C LYS I 359 -25.61 29.70 -23.10
N SER I 360 -26.36 28.92 -23.87
CA SER I 360 -27.72 29.32 -24.24
C SER I 360 -28.46 29.73 -22.99
N ALA I 361 -29.39 30.67 -23.12
CA ALA I 361 -30.15 31.12 -21.96
C ALA I 361 -31.23 30.10 -21.63
N THR I 362 -31.58 29.30 -22.63
CA THR I 362 -32.69 28.37 -22.54
C THR I 362 -32.30 27.01 -23.10
N PHE I 363 -32.93 25.97 -22.57
CA PHE I 363 -32.75 24.63 -23.11
C PHE I 363 -33.46 24.52 -24.43
N GLU I 364 -32.72 24.29 -25.49
CA GLU I 364 -33.33 24.13 -26.80
C GLU I 364 -32.92 22.82 -27.42
N THR I 365 -33.68 22.37 -28.40
CA THR I 365 -33.35 21.12 -29.07
C THR I 365 -31.92 21.21 -29.61
N VAL I 366 -31.18 20.12 -29.45
CA VAL I 366 -29.83 20.03 -29.98
C VAL I 366 -29.92 19.34 -31.33
N THR I 367 -29.31 19.96 -32.33
CA THR I 367 -29.34 19.46 -33.70
C THR I 367 -27.93 19.41 -34.20
N TRP I 368 -27.72 18.67 -35.28
CA TRP I 368 -26.40 18.62 -35.88
C TRP I 368 -25.86 20.02 -36.22
N GLU I 369 -26.74 21.00 -36.12
CA GLU I 369 -26.44 22.36 -36.56
C GLU I 369 -25.90 23.24 -35.43
N ASN I 370 -26.46 23.07 -34.24
CA ASN I 370 -26.03 23.89 -33.12
C ASN I 370 -25.15 23.13 -32.11
N VAL I 371 -24.95 21.82 -32.33
CA VAL I 371 -24.24 20.99 -31.35
C VAL I 371 -22.74 21.22 -31.37
N THR I 372 -22.11 21.30 -30.21
CA THR I 372 -20.66 21.40 -30.19
C THR I 372 -20.02 20.35 -29.29
N PHE I 373 -18.76 20.05 -29.57
CA PHE I 373 -17.99 19.14 -28.76
C PHE I 373 -16.54 19.58 -28.95
N LEU I 374 -15.78 19.66 -27.87
CA LEU I 374 -14.39 20.16 -27.96
C LEU I 374 -14.30 21.56 -28.62
N LYS I 375 -15.36 22.35 -28.42
CA LYS I 375 -15.46 23.72 -28.97
C LYS I 375 -15.63 23.80 -30.50
N ARG I 376 -15.86 22.66 -31.14
CA ARG I 376 -16.04 22.59 -32.59
C ARG I 376 -17.46 22.21 -33.00
N PHE I 377 -18.01 22.92 -33.99
CA PHE I 377 -19.28 22.57 -34.56
C PHE I 377 -19.08 21.44 -35.54
N PHE I 378 -20.17 20.97 -36.13
CA PHE I 378 -20.16 19.85 -37.06
C PHE I 378 -20.76 20.30 -38.39
N ARG I 379 -19.98 20.29 -39.46
CA ARG I 379 -20.47 20.73 -40.78
C ARG I 379 -20.03 19.76 -41.86
N ALA I 380 -20.99 19.16 -42.57
CA ALA I 380 -20.63 18.25 -43.63
C ALA I 380 -19.92 19.00 -44.74
N ASP I 381 -18.99 18.33 -45.41
CA ASP I 381 -18.33 18.92 -46.56
C ASP I 381 -19.32 19.15 -47.74
N GLU I 382 -19.27 20.34 -48.33
CA GLU I 382 -20.13 20.66 -49.47
C GLU I 382 -19.98 19.60 -50.55
N LYS I 383 -18.75 19.23 -50.84
CA LYS I 383 -18.48 18.25 -51.88
C LYS I 383 -18.75 16.83 -51.40
N TYR I 384 -18.23 16.47 -50.24
CA TYR I 384 -18.33 15.11 -49.74
C TYR I 384 -19.15 15.02 -48.45
N PRO I 385 -20.48 14.92 -48.58
CA PRO I 385 -21.41 15.04 -47.45
C PRO I 385 -21.12 14.10 -46.28
N PHE I 386 -20.56 12.92 -46.53
CA PHE I 386 -20.25 11.98 -45.45
C PHE I 386 -18.99 12.36 -44.68
N LEU I 387 -18.23 13.32 -45.19
CA LEU I 387 -17.04 13.80 -44.48
C LEU I 387 -17.40 15.05 -43.71
N ILE I 388 -17.18 15.00 -42.38
CA ILE I 388 -17.57 16.07 -41.49
C ILE I 388 -16.43 16.96 -40.97
N HIS I 389 -16.58 18.27 -41.16
CA HIS I 389 -15.61 19.25 -40.70
C HIS I 389 -15.83 19.57 -39.22
N PRO I 390 -14.76 19.56 -38.42
CA PRO I 390 -14.88 20.14 -37.08
C PRO I 390 -14.74 21.64 -37.23
N VAL I 391 -15.76 22.43 -36.98
CA VAL I 391 -15.52 23.85 -37.18
C VAL I 391 -15.41 24.63 -35.89
N MET I 392 -14.20 25.09 -35.65
CA MET I 392 -13.99 25.99 -34.55
C MET I 392 -14.27 27.40 -35.02
N PRO I 393 -15.10 28.14 -34.30
CA PRO I 393 -15.37 29.51 -34.69
C PRO I 393 -14.12 30.38 -34.61
N MET I 394 -14.09 31.45 -35.39
CA MET I 394 -12.90 32.27 -35.49
C MET I 394 -12.68 33.11 -34.26
N LYS I 395 -13.75 33.46 -33.57
CA LYS I 395 -13.64 34.20 -32.33
C LYS I 395 -12.46 33.72 -31.46
N GLU I 396 -12.39 32.42 -31.22
CA GLU I 396 -11.39 31.85 -30.33
C GLU I 396 -10.00 31.93 -30.93
N ILE I 397 -9.95 31.72 -32.24
CA ILE I 397 -8.71 31.83 -32.99
C ILE I 397 -8.19 33.28 -32.96
N HIS I 398 -9.11 34.23 -33.07
CA HIS I 398 -8.72 35.64 -33.08
C HIS I 398 -8.17 36.02 -31.72
N GLU I 399 -8.80 35.48 -30.67
CA GLU I 399 -8.30 35.68 -29.31
C GLU I 399 -6.89 35.14 -29.18
N SER I 400 -6.69 33.91 -29.62
CA SER I 400 -5.38 33.28 -29.47
C SER I 400 -4.29 34.06 -30.19
N ILE I 401 -4.58 34.52 -31.39
CA ILE I 401 -3.53 35.07 -32.25
C ILE I 401 -3.01 36.40 -31.73
N ARG I 402 -3.82 37.09 -30.92
CA ARG I 402 -3.44 38.38 -30.34
C ARG I 402 -2.38 38.33 -29.26
N TRP I 403 -1.95 37.14 -28.89
CA TRP I 403 -0.99 37.01 -27.79
C TRP I 403 0.08 36.00 -28.08
N THR I 404 1.21 36.16 -27.39
CA THR I 404 2.33 35.25 -27.55
C THR I 404 3.01 35.15 -26.20
N LYS I 405 3.67 34.02 -25.95
CA LYS I 405 4.45 33.86 -24.74
C LYS I 405 5.91 33.89 -25.13
N ASP I 406 6.16 33.82 -26.43
CA ASP I 406 7.50 34.03 -26.94
C ASP I 406 7.42 34.24 -28.44
N PRO I 407 7.70 35.47 -28.90
CA PRO I 407 7.52 35.82 -30.31
C PRO I 407 8.29 34.89 -31.25
N ARG I 408 9.29 34.19 -30.74
CA ARG I 408 9.97 33.19 -31.56
C ARG I 408 9.05 32.05 -31.98
N ASN I 409 7.85 31.96 -31.40
CA ASN I 409 6.92 30.88 -31.71
C ASN I 409 5.88 31.27 -32.76
N THR I 410 6.03 32.48 -33.29
CA THR I 410 4.95 33.12 -34.03
C THR I 410 4.54 32.28 -35.24
N GLN I 411 5.53 31.81 -35.99
CA GLN I 411 5.28 31.01 -37.16
C GLN I 411 4.44 29.77 -36.76
N ASP I 412 4.89 29.02 -35.77
CA ASP I 412 4.19 27.81 -35.34
C ASP I 412 2.79 28.08 -34.82
N HIS I 413 2.70 29.06 -33.94
CA HIS I 413 1.43 29.50 -33.39
C HIS I 413 0.45 29.77 -34.52
N VAL I 414 0.80 30.65 -35.45
CA VAL I 414 -0.12 31.05 -36.51
C VAL I 414 -0.45 29.90 -37.48
N ARG I 415 0.55 29.11 -37.82
CA ARG I 415 0.28 27.94 -38.62
C ARG I 415 -0.71 26.99 -37.95
N SER I 416 -0.56 26.80 -36.63
CA SER I 416 -1.47 25.93 -35.88
C SER I 416 -2.87 26.52 -35.90
N LEU I 417 -2.96 27.83 -35.77
CA LEU I 417 -4.25 28.49 -35.90
C LEU I 417 -4.90 28.24 -37.27
N CYS I 418 -4.11 28.29 -38.35
CA CYS I 418 -4.60 28.00 -39.70
C CYS I 418 -5.24 26.60 -39.84
N LEU I 419 -4.62 25.60 -39.21
CA LEU I 419 -5.11 24.23 -39.25
C LEU I 419 -6.48 24.12 -38.60
N LEU I 420 -6.77 25.03 -37.68
CA LEU I 420 -8.07 25.07 -37.04
C LEU I 420 -9.04 25.92 -37.87
N ALA I 421 -8.52 27.02 -38.44
CA ALA I 421 -9.34 28.05 -39.07
C ALA I 421 -10.01 27.63 -40.36
N TRP I 422 -9.30 26.85 -41.17
CA TRP I 422 -9.70 26.63 -42.56
C TRP I 422 -11.01 25.88 -42.69
N HIS I 423 -11.40 25.16 -41.64
CA HIS I 423 -12.66 24.43 -41.63
C HIS I 423 -13.85 25.37 -41.70
N ASN I 424 -13.64 26.64 -41.33
CA ASN I 424 -14.67 27.66 -41.47
C ASN I 424 -15.04 27.98 -42.92
N GLY I 425 -14.40 27.31 -43.89
CA GLY I 425 -14.63 27.57 -45.30
C GLY I 425 -13.59 28.46 -45.99
N GLU I 426 -13.51 28.30 -47.32
CA GLU I 426 -12.50 29.00 -48.13
C GLU I 426 -12.55 30.53 -48.01
N GLU I 427 -13.75 31.10 -48.04
CA GLU I 427 -13.91 32.55 -47.89
C GLU I 427 -13.48 33.07 -46.50
N GLU I 428 -13.94 32.42 -45.45
CA GLU I 428 -13.51 32.85 -44.11
C GLU I 428 -12.01 32.72 -43.99
N TYR I 429 -11.45 31.62 -44.49
CA TYR I 429 -10.03 31.36 -44.34
C TYR I 429 -9.17 32.39 -45.07
N ASN I 430 -9.51 32.66 -46.33
CA ASN I 430 -8.77 33.63 -47.14
C ASN I 430 -8.78 35.01 -46.51
N LYS I 431 -9.88 35.37 -45.87
CA LYS I 431 -9.92 36.60 -45.13
C LYS I 431 -8.96 36.56 -43.93
N PHE I 432 -8.96 35.44 -43.20
CA PHE I 432 -8.04 35.25 -42.07
C PHE I 432 -6.61 35.54 -42.53
N LEU I 433 -6.20 34.86 -43.60
CA LEU I 433 -4.85 35.05 -44.11
C LEU I 433 -4.60 36.51 -44.51
N ALA I 434 -5.55 37.11 -45.22
CA ALA I 434 -5.35 38.48 -45.70
C ALA I 434 -5.07 39.39 -44.53
N LYS I 435 -5.80 39.18 -43.43
CA LYS I 435 -5.65 40.01 -42.25
C LYS I 435 -4.30 39.79 -41.59
N ILE I 436 -3.87 38.54 -41.51
CA ILE I 436 -2.54 38.23 -41.02
C ILE I 436 -1.52 38.93 -41.89
N ARG I 437 -1.70 38.86 -43.20
CA ARG I 437 -0.77 39.46 -44.14
C ARG I 437 -0.83 40.98 -44.19
N SER I 438 -1.70 41.58 -43.37
CA SER I 438 -1.87 43.03 -43.40
C SER I 438 -0.83 43.75 -42.57
N VAL I 439 0.07 42.99 -41.93
CA VAL I 439 1.24 43.57 -41.26
C VAL I 439 2.51 42.83 -41.68
N PRO I 440 3.67 43.52 -41.59
CA PRO I 440 4.91 42.98 -42.17
C PRO I 440 5.30 41.60 -41.63
N ILE I 441 5.22 41.41 -40.32
CA ILE I 441 5.58 40.12 -39.76
C ILE I 441 4.67 39.03 -40.34
N GLY I 442 3.38 39.33 -40.45
CA GLY I 442 2.44 38.43 -41.08
C GLY I 442 2.83 38.08 -42.50
N ARG I 443 3.45 39.02 -43.22
CA ARG I 443 3.90 38.75 -44.59
C ARG I 443 5.16 37.91 -44.65
N ALA I 444 5.86 37.78 -43.52
CA ALA I 444 7.05 36.93 -43.43
C ALA I 444 6.75 35.47 -43.04
N LEU I 445 5.47 35.17 -42.85
CA LEU I 445 5.07 33.82 -42.44
C LEU I 445 4.69 32.95 -43.64
N ASP I 446 5.15 31.70 -43.63
CA ASP I 446 4.72 30.72 -44.62
C ASP I 446 3.44 30.03 -44.12
N LEU I 447 2.32 30.37 -44.75
CA LEU I 447 1.02 29.89 -44.34
C LEU I 447 0.40 28.99 -45.42
N PRO I 448 -0.31 27.93 -44.98
CA PRO I 448 -0.89 27.00 -45.94
C PRO I 448 -2.09 27.62 -46.66
N GLU I 449 -2.20 27.35 -47.95
CA GLU I 449 -3.35 27.78 -48.73
C GLU I 449 -4.50 26.79 -48.56
N TYR I 450 -5.72 27.30 -48.58
CA TYR I 450 -6.92 26.51 -48.33
C TYR I 450 -6.94 25.19 -49.10
N SER I 451 -6.63 25.29 -50.38
CA SER I 451 -6.70 24.14 -51.27
C SER I 451 -5.65 23.12 -50.87
N THR I 452 -4.52 23.59 -50.35
CA THR I 452 -3.53 22.65 -49.84
C THR I 452 -4.09 21.91 -48.62
N LEU I 453 -4.83 22.61 -47.78
CA LEU I 453 -5.28 22.04 -46.52
C LEU I 453 -6.42 21.08 -46.81
N TYR I 454 -7.31 21.50 -47.69
CA TYR I 454 -8.47 20.70 -48.08
C TYR I 454 -8.01 19.40 -48.71
N ARG I 455 -7.02 19.49 -49.60
CA ARG I 455 -6.54 18.29 -50.25
C ARG I 455 -5.96 17.36 -49.21
N ARG I 456 -5.19 17.92 -48.29
CA ARG I 456 -4.56 17.13 -47.24
C ARG I 456 -5.63 16.46 -46.35
N TRP I 457 -6.69 17.19 -46.05
CA TRP I 457 -7.76 16.65 -45.23
C TRP I 457 -8.43 15.45 -45.94
N LEU I 458 -8.79 15.62 -47.22
CA LEU I 458 -9.37 14.51 -47.98
C LEU I 458 -8.43 13.31 -48.02
N ASP I 459 -7.16 13.54 -48.31
CA ASP I 459 -6.19 12.46 -48.35
C ASP I 459 -6.09 11.75 -46.99
N SER I 460 -6.34 12.47 -45.90
CA SER I 460 -6.20 11.85 -44.59
C SER I 460 -7.20 10.72 -44.36
N PHE I 461 -8.29 10.69 -45.14
CA PHE I 461 -9.25 9.60 -45.04
C PHE I 461 -8.88 8.41 -45.95
P O2C K 15 -13.95 21.80 -19.58
O1P O2C K 15 -15.41 22.09 -19.63
O2P O2C K 15 -13.06 23.09 -19.96
O5' O2C K 15 -13.45 21.31 -18.13
C5' O2C K 15 -12.44 21.98 -17.38
C4' O2C K 15 -11.82 20.85 -16.58
O4' O2C K 15 -10.93 20.16 -17.48
C1' O2C K 15 -9.68 19.92 -16.87
N1 O2C K 15 -8.67 20.86 -17.37
C6 O2C K 15 -8.97 21.96 -18.07
C2 O2C K 15 -7.33 20.55 -17.04
O2 O2C K 15 -7.09 19.52 -16.38
N3 O2C K 15 -6.33 21.36 -17.42
C4 O2C K 15 -6.62 22.47 -18.14
N4 O2C K 15 -5.60 23.27 -18.52
C5 O2C K 15 -7.94 22.80 -18.48
C2' O2C K 15 -9.89 20.26 -15.40
O2' O2C K 15 -10.32 19.09 -14.73
C3' O2C K 15 -11.00 21.29 -15.38
N GLY M 1 29.82 -12.74 -96.20
CA GLY M 1 29.73 -11.92 -97.40
C GLY M 1 31.06 -11.77 -98.10
N GLU M 2 31.02 -11.61 -99.41
CA GLU M 2 32.25 -11.47 -100.18
C GLU M 2 32.46 -10.03 -100.62
N ILE M 3 33.72 -9.60 -100.59
CA ILE M 3 34.10 -8.30 -101.11
C ILE M 3 33.99 -8.33 -102.63
N GLN M 4 33.26 -7.37 -103.18
CA GLN M 4 33.05 -7.29 -104.63
C GLN M 4 34.16 -6.48 -105.26
N TRP M 5 34.45 -5.33 -104.68
CA TRP M 5 35.57 -4.54 -105.14
C TRP M 5 36.21 -3.71 -104.04
N MET M 6 37.34 -3.08 -104.36
CA MET M 6 38.10 -2.30 -103.38
C MET M 6 38.94 -1.25 -104.08
N ARG M 7 38.63 0.02 -103.83
CA ARG M 7 39.29 1.13 -104.50
C ARG M 7 39.59 2.27 -103.54
N PRO M 8 40.64 3.06 -103.82
CA PRO M 8 40.91 4.24 -102.99
C PRO M 8 39.66 5.11 -102.87
N SER M 9 39.51 5.77 -101.72
CA SER M 9 38.26 6.45 -101.37
C SER M 9 38.01 7.75 -102.11
N LYS M 10 39.03 8.60 -102.20
CA LYS M 10 38.89 9.86 -102.92
C LYS M 10 38.58 9.54 -104.37
N GLU M 11 39.12 8.42 -104.82
CA GLU M 11 38.91 7.91 -106.16
C GLU M 11 37.46 7.46 -106.39
N VAL M 12 36.61 7.66 -105.38
CA VAL M 12 35.20 7.27 -105.47
C VAL M 12 34.34 8.29 -104.72
N GLY M 13 34.96 9.38 -104.29
CA GLY M 13 34.25 10.46 -103.66
C GLY M 13 33.98 10.31 -102.16
N TYR M 14 34.77 9.49 -101.49
CA TYR M 14 34.65 9.32 -100.04
C TYR M 14 35.91 9.79 -99.32
N PRO M 15 35.78 10.26 -98.08
CA PRO M 15 36.97 10.77 -97.41
C PRO M 15 37.87 9.66 -96.89
N ILE M 16 39.06 10.04 -96.46
CA ILE M 16 39.96 9.13 -95.76
C ILE M 16 39.68 9.26 -94.27
N ILE M 17 39.41 8.15 -93.61
CA ILE M 17 39.24 8.14 -92.15
C ILE M 17 40.30 7.26 -91.52
N ASN M 18 41.21 7.87 -90.78
CA ASN M 18 42.21 7.10 -90.07
C ASN M 18 41.92 6.96 -88.58
N ALA M 19 42.02 5.73 -88.08
CA ALA M 19 41.75 5.44 -86.67
C ALA M 19 43.05 5.37 -85.88
N PRO M 20 42.97 5.60 -84.57
CA PRO M 20 44.15 5.58 -83.68
C PRO M 20 44.95 4.31 -83.88
N SER M 21 46.24 4.37 -83.61
CA SER M 21 47.11 3.22 -83.84
C SER M 21 47.42 2.50 -82.54
N LYS M 22 47.13 3.17 -81.43
CA LYS M 22 47.52 2.64 -80.13
C LYS M 22 46.35 2.17 -79.27
N THR M 23 46.59 1.06 -78.59
CA THR M 23 45.60 0.47 -77.70
C THR M 23 45.38 1.37 -76.48
N LYS M 24 44.15 1.41 -75.97
CA LYS M 24 43.83 2.16 -74.75
C LYS M 24 44.07 1.31 -73.52
N LEU M 25 44.38 0.03 -73.74
CA LEU M 25 44.48 -0.97 -72.69
C LEU M 25 45.86 -0.99 -72.06
N GLU M 26 45.92 -0.96 -70.73
CA GLU M 26 47.20 -1.05 -70.03
C GLU M 26 47.15 -2.03 -68.86
N PRO M 27 48.33 -2.49 -68.43
CA PRO M 27 48.48 -3.31 -67.22
C PRO M 27 47.81 -2.65 -66.05
N SER M 28 47.04 -3.45 -65.31
CA SER M 28 46.34 -3.02 -64.12
C SER M 28 47.29 -3.05 -62.93
N ALA M 29 46.91 -2.38 -61.85
CA ALA M 29 47.54 -2.63 -60.56
C ALA M 29 47.55 -4.13 -60.23
N PHE M 30 46.69 -4.90 -60.90
CA PHE M 30 46.52 -6.31 -60.60
C PHE M 30 47.16 -7.24 -61.63
N HIS M 31 47.97 -6.66 -62.51
CA HIS M 31 48.50 -7.38 -63.65
C HIS M 31 49.40 -8.58 -63.26
N TYR M 32 50.07 -8.47 -62.11
CA TYR M 32 50.97 -9.55 -61.69
C TYR M 32 50.39 -10.34 -60.54
N VAL M 33 49.27 -9.84 -60.02
CA VAL M 33 48.59 -10.56 -58.95
C VAL M 33 47.90 -11.80 -59.51
N PHE M 34 47.33 -11.66 -60.70
CA PHE M 34 46.62 -12.76 -61.33
C PHE M 34 47.29 -13.22 -62.61
N GLU M 35 47.06 -14.48 -62.97
CA GLU M 35 47.58 -15.03 -64.21
C GLU M 35 46.68 -14.67 -65.38
N GLY M 36 47.21 -14.79 -66.58
CA GLY M 36 46.45 -14.57 -67.80
C GLY M 36 47.32 -14.78 -69.02
N VAL M 37 46.69 -14.97 -70.17
CA VAL M 37 47.41 -15.19 -71.41
C VAL M 37 47.03 -14.17 -72.47
N LYS M 38 46.06 -13.32 -72.16
CA LYS M 38 45.53 -12.38 -73.15
C LYS M 38 46.18 -11.00 -73.18
N GLU M 39 46.32 -10.45 -74.39
CA GLU M 39 46.89 -9.12 -74.59
C GLU M 39 45.99 -8.32 -75.52
N PRO M 40 46.20 -7.01 -75.60
CA PRO M 40 45.46 -6.16 -76.53
C PRO M 40 45.63 -6.66 -77.96
N ALA M 41 44.57 -6.61 -78.76
CA ALA M 41 44.63 -7.11 -80.12
C ALA M 41 45.51 -6.21 -80.98
N VAL M 42 46.07 -6.79 -82.04
CA VAL M 42 46.84 -6.01 -82.99
C VAL M 42 45.96 -4.93 -83.61
N LEU M 43 46.45 -3.69 -83.60
CA LEU M 43 45.68 -2.58 -84.14
C LEU M 43 46.16 -2.11 -85.53
N THR M 44 47.43 -2.32 -85.85
CA THR M 44 47.96 -1.92 -87.15
C THR M 44 48.93 -2.95 -87.72
N LYS M 45 49.31 -2.78 -88.97
CA LYS M 45 50.16 -3.74 -89.66
C LYS M 45 51.60 -3.71 -89.12
N ASN M 46 52.02 -2.55 -88.63
CA ASN M 46 53.35 -2.37 -88.07
C ASN M 46 53.45 -2.80 -86.61
N ASP M 47 52.95 -4.00 -86.29
CA ASP M 47 52.98 -4.50 -84.92
C ASP M 47 53.97 -5.66 -84.78
N PRO M 48 54.95 -5.50 -83.88
CA PRO M 48 56.01 -6.49 -83.65
C PRO M 48 55.50 -7.91 -83.47
N ARG M 49 54.37 -8.06 -82.78
CA ARG M 49 53.87 -9.37 -82.38
C ARG M 49 53.35 -10.20 -83.56
N LEU M 50 53.20 -9.57 -84.71
CA LEU M 50 52.64 -10.25 -85.87
C LEU M 50 53.55 -11.32 -86.47
N LYS M 51 53.05 -12.56 -86.52
CA LYS M 51 53.73 -13.63 -87.24
C LYS M 51 52.95 -14.02 -88.50
N THR M 52 52.40 -13.02 -89.18
CA THR M 52 51.66 -13.23 -90.41
C THR M 52 51.17 -11.87 -90.92
N ASP M 53 50.62 -11.83 -92.12
CA ASP M 53 50.19 -10.56 -92.70
C ASP M 53 48.84 -10.09 -92.17
N PHE M 54 48.79 -8.82 -91.76
CA PHE M 54 47.62 -8.27 -91.07
C PHE M 54 46.35 -8.17 -91.93
N GLU M 55 46.38 -7.26 -92.89
CA GLU M 55 45.26 -7.05 -93.81
C GLU M 55 44.69 -8.37 -94.31
N GLU M 56 45.58 -9.29 -94.68
CA GLU M 56 45.14 -10.59 -95.17
C GLU M 56 44.35 -11.31 -94.09
N ALA M 57 44.83 -11.23 -92.85
CA ALA M 57 44.22 -11.93 -91.73
C ALA M 57 42.86 -11.37 -91.31
N ILE M 58 42.74 -10.05 -91.31
CA ILE M 58 41.53 -9.42 -90.77
C ILE M 58 40.39 -9.44 -91.79
N PHE M 59 40.75 -9.51 -93.07
CA PHE M 59 39.76 -9.52 -94.13
C PHE M 59 39.54 -10.92 -94.68
N SER M 60 40.21 -11.91 -94.12
CA SER M 60 40.11 -13.28 -94.62
C SER M 60 38.70 -13.85 -94.41
N LYS M 61 37.93 -13.21 -93.54
CA LYS M 61 36.57 -13.66 -93.22
C LYS M 61 35.64 -13.54 -94.43
N TYR M 62 35.75 -12.44 -95.17
CA TYR M 62 34.87 -12.20 -96.32
C TYR M 62 35.09 -13.24 -97.42
N VAL M 63 34.15 -14.18 -97.53
CA VAL M 63 34.27 -15.29 -98.49
C VAL M 63 33.05 -15.45 -99.40
N GLY M 64 33.25 -16.18 -100.51
CA GLY M 64 32.21 -16.44 -101.49
C GLY M 64 30.91 -16.98 -100.91
N ASN M 65 29.81 -16.31 -101.27
CA ASN M 65 28.50 -16.53 -100.63
C ASN M 65 27.99 -17.97 -100.66
N LYS M 66 27.67 -18.45 -101.87
CA LYS M 66 27.23 -19.84 -102.12
C LYS M 66 25.72 -20.02 -102.22
N ILE M 67 25.20 -20.87 -101.33
CA ILE M 67 23.80 -21.28 -101.32
C ILE M 67 22.81 -20.12 -101.30
N THR M 68 21.81 -20.18 -102.15
CA THR M 68 20.87 -19.09 -102.31
C THR M 68 19.42 -19.55 -102.23
N GLU M 69 19.21 -20.86 -102.21
CA GLU M 69 17.84 -21.34 -102.26
C GLU M 69 17.27 -21.76 -100.91
N VAL M 70 16.06 -21.29 -100.67
CA VAL M 70 15.30 -21.68 -99.48
C VAL M 70 14.58 -22.99 -99.79
N ASP M 71 15.10 -24.09 -99.22
CA ASP M 71 14.50 -25.40 -99.47
C ASP M 71 13.36 -25.67 -98.50
N GLU M 72 12.80 -26.86 -98.61
CA GLU M 72 11.55 -27.20 -97.96
C GLU M 72 11.67 -27.17 -96.43
N TYR M 73 12.86 -27.45 -95.93
CA TYR M 73 13.07 -27.56 -94.50
C TYR M 73 13.15 -26.15 -93.93
N MET M 74 13.95 -25.31 -94.58
CA MET M 74 14.01 -23.90 -94.25
C MET M 74 12.63 -23.28 -94.24
N LYS M 75 11.81 -23.67 -95.21
CA LYS M 75 10.49 -23.07 -95.38
C LYS M 75 9.61 -23.48 -94.24
N GLU M 76 9.70 -24.74 -93.86
CA GLU M 76 8.93 -25.19 -92.69
C GLU M 76 9.43 -24.52 -91.39
N ALA M 77 10.74 -24.34 -91.26
CA ALA M 77 11.31 -23.65 -90.10
C ALA M 77 10.72 -22.26 -89.98
N VAL M 78 10.66 -21.59 -91.13
CA VAL M 78 10.13 -20.23 -91.22
C VAL M 78 8.69 -20.15 -90.73
N ASP M 79 7.85 -21.07 -91.21
CA ASP M 79 6.45 -21.09 -90.81
C ASP M 79 6.33 -21.35 -89.32
N HIS M 80 7.14 -22.28 -88.85
CA HIS M 80 7.05 -22.64 -87.44
C HIS M 80 7.51 -21.48 -86.54
N TYR M 81 8.67 -20.89 -86.85
CA TYR M 81 9.18 -19.80 -86.05
C TYR M 81 8.26 -18.58 -86.16
N ALA M 82 7.85 -18.25 -87.38
CA ALA M 82 6.96 -17.10 -87.59
C ALA M 82 5.66 -17.26 -86.82
N GLY M 83 5.10 -18.48 -86.86
CA GLY M 83 3.92 -18.76 -86.07
C GLY M 83 4.13 -18.48 -84.60
N GLN M 84 5.35 -18.72 -84.12
CA GLN M 84 5.65 -18.53 -82.70
C GLN M 84 5.60 -17.06 -82.36
N LEU M 85 6.26 -16.25 -83.17
CA LEU M 85 6.33 -14.81 -82.95
C LEU M 85 4.94 -14.16 -83.04
N MET M 86 4.04 -14.78 -83.80
CA MET M 86 2.68 -14.24 -84.01
C MET M 86 1.89 -14.26 -82.73
N SER M 87 2.18 -15.23 -81.86
CA SER M 87 1.51 -15.30 -80.58
C SER M 87 1.89 -14.12 -79.68
N LEU M 88 2.90 -13.37 -80.10
CA LEU M 88 3.36 -12.25 -79.28
C LEU M 88 2.62 -10.96 -79.59
N ASP M 89 1.89 -10.94 -80.70
CA ASP M 89 1.14 -9.73 -81.11
C ASP M 89 2.03 -8.49 -81.24
N ILE M 90 3.05 -8.59 -82.09
CA ILE M 90 4.02 -7.53 -82.25
C ILE M 90 3.45 -6.36 -83.06
N ASN M 91 3.55 -5.14 -82.54
CA ASN M 91 3.16 -3.94 -83.27
C ASN M 91 3.97 -3.81 -84.56
N THR M 92 3.26 -3.76 -85.69
CA THR M 92 3.92 -3.80 -87.00
C THR M 92 4.12 -2.39 -87.54
N GLU M 93 3.77 -1.39 -86.72
CA GLU M 93 3.85 -0.04 -87.20
C GLU M 93 5.27 0.49 -87.20
N GLN M 94 5.51 1.47 -88.06
CA GLN M 94 6.78 2.14 -88.06
C GLN M 94 6.89 2.83 -86.69
N MET M 95 8.11 2.95 -86.18
CA MET M 95 8.32 3.74 -84.99
C MET M 95 8.54 5.20 -85.39
N CYS M 96 7.91 6.13 -84.68
CA CYS M 96 8.09 7.54 -85.03
C CYS M 96 9.54 7.96 -84.80
N LEU M 97 9.99 8.96 -85.53
CA LEU M 97 11.36 9.46 -85.41
C LEU M 97 11.80 9.71 -83.96
N GLU M 98 10.94 10.34 -83.17
CA GLU M 98 11.32 10.74 -81.82
C GLU M 98 11.70 9.52 -80.97
N ASP M 99 10.86 8.48 -81.03
CA ASP M 99 11.11 7.27 -80.27
C ASP M 99 12.25 6.43 -80.84
N ALA M 100 12.44 6.48 -82.16
CA ALA M 100 13.56 5.77 -82.76
C ALA M 100 14.87 6.38 -82.31
N MET M 101 14.86 7.68 -82.00
CA MET M 101 16.07 8.38 -81.64
C MET M 101 16.33 8.30 -80.16
N TYR M 102 15.27 8.52 -79.37
CA TYR M 102 15.38 8.82 -77.95
C TYR M 102 14.95 7.64 -77.08
N GLY M 103 14.37 6.64 -77.72
CA GLY M 103 14.02 5.43 -77.02
C GLY M 103 12.58 5.45 -76.55
N THR M 104 12.06 4.29 -76.22
CA THR M 104 10.71 4.17 -75.70
C THR M 104 10.65 2.91 -74.86
N ASP M 105 9.47 2.52 -74.39
CA ASP M 105 9.39 1.28 -73.62
C ASP M 105 10.00 0.09 -74.37
N GLY M 106 11.07 -0.48 -73.86
CA GLY M 106 11.68 -1.64 -74.49
C GLY M 106 12.77 -1.30 -75.51
N LEU M 107 13.07 -0.03 -75.67
CA LEU M 107 14.13 0.37 -76.58
C LEU M 107 14.87 1.56 -76.02
N GLU M 108 16.17 1.39 -75.77
CA GLU M 108 17.03 2.47 -75.31
C GLU M 108 17.27 3.53 -76.38
N ALA M 109 17.54 4.75 -75.95
CA ALA M 109 17.96 5.81 -76.86
C ALA M 109 19.17 5.36 -77.62
N LEU M 110 19.44 6.00 -78.75
CA LEU M 110 20.73 5.87 -79.42
C LEU M 110 21.83 6.23 -78.45
N ASP M 111 22.99 5.59 -78.62
CA ASP M 111 24.13 5.81 -77.72
C ASP M 111 24.84 7.11 -78.04
N LEU M 112 24.69 8.12 -77.18
CA LEU M 112 25.32 9.42 -77.45
C LEU M 112 26.82 9.45 -77.20
N SER M 113 27.40 8.36 -76.70
CA SER M 113 28.82 8.38 -76.44
C SER M 113 29.63 7.76 -77.58
N THR M 114 28.97 7.28 -78.63
CA THR M 114 29.70 6.70 -79.74
C THR M 114 29.57 7.51 -81.01
N SER M 115 30.40 7.19 -82.00
CA SER M 115 30.50 7.98 -83.22
C SER M 115 29.19 8.05 -83.97
N ALA M 116 29.01 9.12 -84.74
CA ALA M 116 27.87 9.23 -85.65
C ALA M 116 28.16 8.62 -87.01
N GLY M 117 29.36 8.07 -87.18
CA GLY M 117 29.74 7.46 -88.45
C GLY M 117 29.72 8.42 -89.65
N TYR M 118 29.68 7.88 -90.85
CA TYR M 118 29.74 8.70 -92.07
C TYR M 118 28.43 9.45 -92.33
N PRO M 119 28.52 10.75 -92.70
CA PRO M 119 29.70 11.55 -93.01
C PRO M 119 30.13 12.42 -91.84
N TYR M 120 29.37 12.36 -90.75
CA TYR M 120 29.59 13.20 -89.59
C TYR M 120 30.99 13.06 -89.03
N VAL M 121 31.58 11.89 -89.22
CA VAL M 121 32.88 11.58 -88.66
C VAL M 121 33.97 12.35 -89.40
N ALA M 122 33.62 12.87 -90.57
CA ALA M 122 34.56 13.63 -91.39
C ALA M 122 34.28 15.12 -91.31
N MET M 123 33.12 15.48 -90.80
CA MET M 123 32.74 16.88 -90.68
C MET M 123 32.92 17.38 -89.26
N GLY M 124 33.42 16.52 -88.38
CA GLY M 124 33.58 16.87 -86.98
C GLY M 124 32.28 16.90 -86.19
N LYS M 125 31.24 16.28 -86.74
CA LYS M 125 29.93 16.27 -86.09
C LYS M 125 29.75 15.04 -85.15
N LYS M 126 29.24 15.27 -83.95
CA LYS M 126 29.04 14.22 -82.96
C LYS M 126 27.56 13.99 -82.73
N LYS M 127 27.20 12.80 -82.24
CA LYS M 127 25.80 12.50 -81.99
C LYS M 127 25.23 13.60 -81.10
N ARG M 128 26.00 13.98 -80.09
CA ARG M 128 25.59 14.98 -79.09
C ARG M 128 25.26 16.33 -79.71
N ASP M 129 25.84 16.63 -80.86
CA ASP M 129 25.56 17.86 -81.57
C ASP M 129 24.19 17.78 -82.22
N ILE M 130 23.76 16.57 -82.55
CA ILE M 130 22.51 16.41 -83.28
C ILE M 130 21.36 16.10 -82.36
N LEU M 131 21.62 15.26 -81.36
CA LEU M 131 20.59 14.80 -80.44
C LEU M 131 20.55 15.61 -79.16
N ASN M 132 19.36 15.69 -78.59
CA ASN M 132 19.18 16.40 -77.34
C ASN M 132 18.15 15.64 -76.52
N LYS M 133 18.64 14.82 -75.60
CA LYS M 133 17.76 13.95 -74.85
C LYS M 133 16.73 14.73 -74.06
N GLN M 134 17.13 15.92 -73.60
CA GLN M 134 16.26 16.68 -72.73
C GLN M 134 15.06 17.20 -73.52
N THR M 135 15.31 17.78 -74.69
CA THR M 135 14.21 18.27 -75.53
C THR M 135 13.62 17.17 -76.41
N ARG M 136 14.40 16.13 -76.69
CA ARG M 136 13.98 15.09 -77.62
C ARG M 136 13.66 15.72 -78.98
N ASP M 137 14.52 16.64 -79.40
CA ASP M 137 14.36 17.36 -80.65
C ASP M 137 14.68 16.49 -81.84
N THR M 138 13.79 16.45 -82.82
CA THR M 138 14.02 15.64 -84.02
C THR M 138 14.29 16.48 -85.26
N LYS M 139 14.00 17.78 -85.19
CA LYS M 139 14.14 18.64 -86.37
C LYS M 139 15.53 18.48 -87.00
N GLU M 140 16.56 18.59 -86.18
CA GLU M 140 17.90 18.52 -86.72
C GLU M 140 18.17 17.16 -87.37
N MET M 141 17.70 16.09 -86.76
CA MET M 141 17.93 14.77 -87.34
C MET M 141 17.18 14.64 -88.68
N GLN M 142 15.91 15.03 -88.70
CA GLN M 142 15.10 14.95 -89.91
C GLN M 142 15.79 15.66 -91.08
N LYS M 143 16.22 16.88 -90.83
CA LYS M 143 16.98 17.66 -91.80
C LYS M 143 18.20 16.90 -92.32
N LEU M 144 18.90 16.19 -91.46
CA LEU M 144 20.08 15.44 -91.88
C LEU M 144 19.73 14.21 -92.71
N LEU M 145 18.64 13.52 -92.34
CA LEU M 145 18.09 12.43 -93.14
C LEU M 145 17.79 12.92 -94.57
N ASP M 146 17.17 14.08 -94.65
CA ASP M 146 16.84 14.71 -95.93
C ASP M 146 18.09 15.09 -96.71
N THR M 147 19.10 15.56 -96.01
CA THR M 147 20.34 15.96 -96.66
C THR M 147 21.21 14.79 -97.13
N TYR M 148 21.37 13.76 -96.31
CA TYR M 148 22.32 12.73 -96.67
C TYR M 148 21.68 11.39 -97.00
N GLY M 149 20.39 11.28 -96.70
CA GLY M 149 19.67 10.06 -96.93
C GLY M 149 20.19 8.88 -96.13
N ILE M 150 19.92 7.67 -96.61
CA ILE M 150 20.30 6.45 -95.94
C ILE M 150 21.17 5.59 -96.85
N ASN M 151 21.41 4.34 -96.45
CA ASN M 151 22.33 3.47 -97.17
C ASN M 151 23.74 4.04 -97.32
N LEU M 152 24.21 4.74 -96.30
CA LEU M 152 25.54 5.35 -96.34
C LEU M 152 26.58 4.29 -96.03
N PRO M 153 27.85 4.54 -96.38
CA PRO M 153 28.85 3.50 -96.09
C PRO M 153 29.13 3.41 -94.60
N LEU M 154 29.58 2.22 -94.16
CA LEU M 154 29.98 2.01 -92.80
C LEU M 154 31.48 2.19 -92.70
N VAL M 155 31.93 2.75 -91.58
CA VAL M 155 33.35 3.02 -91.37
C VAL M 155 33.99 1.88 -90.57
N THR M 156 34.98 1.22 -91.17
CA THR M 156 35.66 0.07 -90.57
C THR M 156 36.69 0.52 -89.53
N TYR M 157 36.63 -0.09 -88.34
CA TYR M 157 37.65 0.10 -87.33
C TYR M 157 38.06 -1.26 -86.80
N VAL M 158 39.30 -1.40 -86.35
CA VAL M 158 39.68 -2.61 -85.64
C VAL M 158 39.26 -2.43 -84.19
N LYS M 159 38.72 -3.48 -83.60
CA LYS M 159 38.26 -3.40 -82.21
C LYS M 159 39.43 -3.47 -81.24
N ASP M 160 39.55 -2.45 -80.40
CA ASP M 160 40.53 -2.42 -79.31
C ASP M 160 40.01 -3.22 -78.10
N GLU M 161 40.54 -4.44 -77.91
CA GLU M 161 40.08 -5.34 -76.88
C GLU M 161 41.14 -6.42 -76.70
N LEU M 162 40.98 -7.26 -75.67
CA LEU M 162 41.96 -8.29 -75.35
C LEU M 162 41.74 -9.56 -76.18
N ARG M 163 42.81 -10.12 -76.70
CA ARG M 163 42.74 -11.33 -77.51
C ARG M 163 43.78 -12.33 -77.05
N SER M 164 43.53 -13.61 -77.29
CA SER M 164 44.48 -14.66 -76.91
C SER M 164 45.80 -14.50 -77.65
N LYS M 165 46.82 -15.23 -77.21
CA LYS M 165 48.15 -15.17 -77.81
C LYS M 165 48.15 -15.51 -79.29
N THR M 166 47.62 -16.68 -79.62
CA THR M 166 47.58 -17.12 -81.02
C THR M 166 46.74 -16.19 -81.92
N LYS M 167 45.79 -15.48 -81.34
CA LYS M 167 44.96 -14.55 -82.11
C LYS M 167 45.70 -13.24 -82.26
N VAL M 168 46.75 -13.05 -81.47
CA VAL M 168 47.57 -11.85 -81.63
C VAL M 168 48.69 -12.09 -82.65
N GLU M 169 49.28 -13.28 -82.62
CA GLU M 169 50.31 -13.65 -83.58
C GLU M 169 49.71 -13.76 -84.98
N GLN M 170 48.58 -14.46 -85.07
CA GLN M 170 47.89 -14.66 -86.35
C GLN M 170 47.12 -13.42 -86.82
N GLY M 171 47.32 -12.29 -86.15
CA GLY M 171 46.63 -11.06 -86.53
C GLY M 171 45.12 -11.19 -86.61
N LYS M 172 44.54 -12.06 -85.81
CA LYS M 172 43.10 -12.22 -85.77
C LYS M 172 42.41 -11.18 -84.88
N SER M 173 42.62 -9.91 -85.21
CA SER M 173 41.86 -8.82 -84.59
C SER M 173 40.47 -8.72 -85.20
N ARG M 174 39.52 -8.18 -84.43
CA ARG M 174 38.17 -8.10 -84.91
C ARG M 174 37.82 -6.73 -85.46
N LEU M 175 36.94 -6.72 -86.46
CA LEU M 175 36.57 -5.51 -87.16
C LEU M 175 35.21 -5.00 -86.75
N ILE M 176 35.15 -3.68 -86.56
CA ILE M 176 33.93 -2.96 -86.28
C ILE M 176 33.47 -2.25 -87.56
N GLU M 177 32.19 -2.31 -87.87
CA GLU M 177 31.65 -1.47 -88.94
C GLU M 177 30.75 -0.40 -88.34
N ALA M 178 31.26 0.81 -88.24
CA ALA M 178 30.51 1.91 -87.63
C ALA M 178 29.35 2.41 -88.51
N SER M 179 28.13 2.04 -88.14
CA SER M 179 26.94 2.48 -88.86
C SER M 179 26.79 4.00 -88.79
N SER M 180 26.18 4.59 -89.81
CA SER M 180 25.89 6.01 -89.79
C SER M 180 24.69 6.24 -88.89
N LEU M 181 24.67 7.40 -88.26
CA LEU M 181 23.52 7.83 -87.48
C LEU M 181 22.25 7.65 -88.32
N ASN M 182 22.32 8.07 -89.58
CA ASN M 182 21.16 8.04 -90.47
C ASN M 182 20.59 6.65 -90.63
N ASP M 183 21.47 5.69 -90.90
CA ASP M 183 21.07 4.31 -91.05
C ASP M 183 20.51 3.68 -89.76
N SER M 184 21.10 4.05 -88.61
CA SER M 184 20.63 3.54 -87.33
C SER M 184 19.25 4.07 -87.08
N VAL M 185 19.04 5.35 -87.39
CA VAL M 185 17.74 5.93 -87.17
C VAL M 185 16.69 5.33 -88.11
N ALA M 186 17.10 4.99 -89.33
CA ALA M 186 16.15 4.44 -90.28
C ALA M 186 15.80 3.01 -89.87
N MET M 187 16.81 2.25 -89.44
CA MET M 187 16.56 0.88 -89.01
C MET M 187 15.59 0.85 -87.84
N ARG M 188 15.75 1.78 -86.90
CA ARG M 188 14.92 1.80 -85.70
C ARG M 188 13.49 2.27 -85.98
N MET M 189 13.33 3.15 -86.97
CA MET M 189 11.98 3.51 -87.40
C MET M 189 11.27 2.33 -88.07
N ALA M 190 11.98 1.62 -88.94
CA ALA M 190 11.46 0.39 -89.53
C ALA M 190 11.14 -0.68 -88.48
N PHE M 191 12.14 -1.03 -87.67
CA PHE M 191 12.03 -2.21 -86.82
C PHE M 191 11.95 -1.98 -85.31
N GLY M 192 11.85 -0.72 -84.87
CA GLY M 192 11.89 -0.44 -83.44
C GLY M 192 10.88 -1.23 -82.64
N ASN M 193 9.70 -1.39 -83.21
CA ASN M 193 8.63 -2.12 -82.52
C ASN M 193 8.88 -3.62 -82.49
N LEU M 194 9.71 -4.10 -83.41
CA LEU M 194 10.15 -5.48 -83.36
C LEU M 194 11.23 -5.60 -82.29
N TYR M 195 12.18 -4.66 -82.26
CA TYR M 195 13.20 -4.68 -81.22
C TYR M 195 12.56 -4.67 -79.84
N ALA M 196 11.54 -3.84 -79.65
CA ALA M 196 10.95 -3.67 -78.34
C ALA M 196 10.28 -4.96 -77.91
N ALA M 197 9.56 -5.60 -78.82
CA ALA M 197 8.91 -6.87 -78.49
C ALA M 197 9.94 -7.95 -78.11
N PHE M 198 11.04 -8.06 -78.82
CA PHE M 198 12.05 -9.01 -78.38
C PHE M 198 12.61 -8.69 -76.99
N HIS M 199 13.01 -7.45 -76.78
CA HIS M 199 13.59 -7.04 -75.51
C HIS M 199 12.65 -7.32 -74.35
N LYS M 200 11.35 -7.17 -74.57
CA LYS M 200 10.41 -7.40 -73.50
C LYS M 200 10.10 -8.86 -73.29
N ASN M 201 10.43 -9.73 -74.24
CA ASN M 201 10.07 -11.15 -74.09
C ASN M 201 11.18 -12.18 -74.27
N PRO M 202 12.29 -12.04 -73.52
CA PRO M 202 13.36 -13.04 -73.59
C PRO M 202 12.77 -14.39 -73.20
N GLY M 203 13.17 -15.47 -73.85
CA GLY M 203 12.52 -16.74 -73.60
C GLY M 203 12.41 -17.66 -74.80
N VAL M 204 11.55 -18.67 -74.66
CA VAL M 204 11.43 -19.74 -75.66
C VAL M 204 10.40 -19.41 -76.74
N ILE M 205 9.60 -18.37 -76.55
CA ILE M 205 8.70 -17.92 -77.61
C ILE M 205 9.47 -17.11 -78.65
N THR M 206 10.15 -16.07 -78.21
CA THR M 206 11.09 -15.38 -79.10
C THR M 206 12.29 -16.26 -79.40
N GLY M 207 12.58 -17.23 -78.53
CA GLY M 207 13.78 -18.03 -78.68
C GLY M 207 15.02 -17.13 -78.64
N SER M 208 14.95 -16.10 -77.81
CA SER M 208 16.02 -15.12 -77.71
C SER M 208 16.29 -14.74 -76.26
N ALA M 209 17.55 -14.52 -75.91
CA ALA M 209 17.84 -14.04 -74.55
C ALA M 209 18.13 -12.53 -74.46
N VAL M 210 18.02 -11.80 -75.57
CA VAL M 210 18.23 -10.35 -75.56
C VAL M 210 17.27 -9.73 -74.58
N GLY M 211 17.79 -8.94 -73.64
CA GLY M 211 16.94 -8.39 -72.60
C GLY M 211 16.90 -9.16 -71.29
N CYS M 212 17.55 -10.31 -71.21
CA CYS M 212 17.54 -11.03 -69.95
C CYS M 212 18.59 -10.48 -68.99
N ASP M 213 18.35 -10.67 -67.69
CA ASP M 213 19.37 -10.52 -66.66
C ASP M 213 19.73 -11.90 -66.11
N PRO M 214 20.92 -12.41 -66.43
CA PRO M 214 21.33 -13.78 -66.05
C PRO M 214 21.13 -14.13 -64.58
N ASP M 215 21.45 -13.23 -63.65
CA ASP M 215 21.17 -13.49 -62.22
C ASP M 215 19.77 -14.02 -61.95
N LEU M 216 18.77 -13.48 -62.64
CA LEU M 216 17.39 -13.89 -62.40
C LEU M 216 16.94 -14.93 -63.41
N PHE M 217 17.46 -14.79 -64.63
CA PHE M 217 16.98 -15.57 -65.77
C PHE M 217 17.47 -17.02 -65.74
N TRP M 218 18.62 -17.26 -65.11
CA TRP M 218 19.14 -18.62 -65.00
C TRP M 218 18.15 -19.54 -64.31
N SER M 219 17.35 -19.02 -63.39
CA SER M 219 16.43 -19.90 -62.64
C SER M 219 15.18 -20.28 -63.45
N LYS M 220 14.87 -19.48 -64.45
CA LYS M 220 13.77 -19.75 -65.37
C LYS M 220 14.16 -20.76 -66.45
N ILE M 221 15.42 -20.81 -66.81
CA ILE M 221 15.82 -21.55 -68.01
C ILE M 221 15.51 -23.07 -67.90
N PRO M 222 15.94 -23.73 -66.83
CA PRO M 222 15.63 -25.16 -66.69
C PRO M 222 14.12 -25.46 -66.72
N VAL M 223 13.32 -24.60 -66.09
CA VAL M 223 11.87 -24.74 -66.18
C VAL M 223 11.43 -24.67 -67.64
N LEU M 224 12.06 -23.81 -68.43
CA LEU M 224 11.64 -23.63 -69.81
C LEU M 224 12.09 -24.73 -70.74
N MET M 225 13.22 -25.37 -70.41
CA MET M 225 13.77 -26.37 -71.34
C MET M 225 13.04 -27.69 -71.24
N GLU M 226 13.04 -28.43 -72.34
CA GLU M 226 12.58 -29.81 -72.31
C GLU M 226 13.65 -30.64 -71.61
N GLU M 227 13.37 -31.93 -71.46
CA GLU M 227 14.22 -32.79 -70.66
C GLU M 227 15.66 -32.94 -71.15
N LYS M 228 15.87 -32.97 -72.46
CA LYS M 228 17.19 -33.27 -72.99
C LYS M 228 17.81 -32.09 -73.70
N LEU M 229 18.90 -31.60 -73.14
CA LEU M 229 19.62 -30.47 -73.69
C LEU M 229 20.42 -30.88 -74.89
N PHE M 230 20.63 -29.93 -75.79
CA PHE M 230 21.68 -30.05 -76.79
C PHE M 230 22.17 -28.67 -77.13
N ALA M 231 23.38 -28.61 -77.67
CA ALA M 231 24.00 -27.36 -78.06
C ALA M 231 25.28 -27.63 -78.82
N PHE M 232 25.85 -26.58 -79.41
CA PHE M 232 27.05 -26.68 -80.21
C PHE M 232 27.54 -25.25 -80.47
N ASP M 233 28.74 -25.13 -81.02
CA ASP M 233 29.30 -23.84 -81.36
C ASP M 233 29.30 -23.69 -82.88
N TYR M 234 29.34 -22.44 -83.36
CA TYR M 234 29.58 -22.17 -84.78
C TYR M 234 30.96 -21.57 -84.90
N THR M 235 31.61 -21.85 -86.02
CA THR M 235 32.82 -21.14 -86.39
C THR M 235 32.47 -20.04 -87.38
N GLY M 236 32.94 -18.82 -87.12
CA GLY M 236 32.63 -17.69 -87.98
C GLY M 236 31.17 -17.69 -88.41
N TYR M 237 30.26 -17.48 -87.47
CA TYR M 237 28.83 -17.55 -87.75
C TYR M 237 28.36 -16.51 -88.75
N ASP M 238 28.63 -15.24 -88.46
CA ASP M 238 28.21 -14.15 -89.35
C ASP M 238 28.73 -14.42 -90.75
N ALA M 239 30.06 -14.52 -90.86
CA ALA M 239 30.73 -14.67 -92.15
C ALA M 239 30.18 -15.82 -92.99
N SER M 240 29.55 -16.79 -92.35
CA SER M 240 29.12 -17.99 -93.03
C SER M 240 27.65 -17.97 -93.41
N LEU M 241 26.92 -16.96 -92.94
CA LEU M 241 25.49 -16.84 -93.27
C LEU M 241 25.29 -16.61 -94.79
N SER M 242 24.63 -17.56 -95.44
CA SER M 242 24.42 -17.47 -96.88
C SER M 242 23.16 -16.63 -97.18
N PRO M 243 22.99 -16.21 -98.45
CA PRO M 243 21.83 -15.42 -98.87
C PRO M 243 20.51 -16.12 -98.57
N ALA M 244 20.51 -17.44 -98.65
CA ALA M 244 19.30 -18.19 -98.34
C ALA M 244 18.83 -17.90 -96.91
N TRP M 245 19.77 -17.75 -95.99
CA TRP M 245 19.39 -17.49 -94.59
C TRP M 245 18.73 -16.13 -94.41
N PHE M 246 19.26 -15.14 -95.12
CA PHE M 246 18.67 -13.81 -95.08
C PHE M 246 17.32 -13.77 -95.78
N GLU M 247 17.18 -14.59 -96.81
CA GLU M 247 15.92 -14.71 -97.50
C GLU M 247 14.89 -15.32 -96.55
N ALA M 248 15.29 -16.39 -95.86
CA ALA M 248 14.42 -16.99 -94.85
C ALA M 248 14.03 -15.96 -93.79
N LEU M 249 14.99 -15.13 -93.37
CA LEU M 249 14.72 -14.04 -92.42
C LEU M 249 13.62 -13.11 -93.00
N LYS M 250 13.86 -12.60 -94.20
CA LYS M 250 12.85 -11.74 -94.84
C LYS M 250 11.49 -12.41 -94.85
N MET M 251 11.47 -13.72 -95.11
CA MET M 251 10.21 -14.46 -95.08
C MET M 251 9.54 -14.45 -93.70
N VAL M 252 10.35 -14.53 -92.65
CA VAL M 252 9.77 -14.40 -91.32
C VAL M 252 9.22 -12.98 -91.14
N LEU M 253 9.98 -11.99 -91.59
CA LEU M 253 9.52 -10.62 -91.43
C LEU M 253 8.21 -10.39 -92.16
N GLU M 254 8.09 -10.92 -93.38
CA GLU M 254 6.82 -10.77 -94.11
C GLU M 254 5.66 -11.43 -93.37
N LYS M 255 5.90 -12.62 -92.85
CA LYS M 255 4.85 -13.37 -92.17
C LYS M 255 4.34 -12.69 -90.90
N ILE M 256 5.19 -11.92 -90.22
CA ILE M 256 4.75 -11.25 -88.97
C ILE M 256 4.36 -9.78 -89.16
N GLY M 257 4.28 -9.30 -90.40
CA GLY M 257 3.72 -7.99 -90.64
C GLY M 257 4.72 -6.89 -90.99
N PHE M 258 5.96 -7.26 -91.24
CA PHE M 258 7.00 -6.28 -91.59
C PHE M 258 7.40 -6.44 -93.05
N GLY M 259 6.52 -7.10 -93.81
CA GLY M 259 6.77 -7.36 -95.23
C GLY M 259 7.19 -6.14 -96.02
N ASP M 260 6.64 -4.99 -95.67
CA ASP M 260 6.98 -3.77 -96.38
C ASP M 260 8.41 -3.19 -96.11
N ARG M 261 9.17 -3.73 -95.15
CA ARG M 261 10.57 -3.29 -95.01
C ARG M 261 11.63 -4.38 -95.14
N VAL M 262 11.28 -5.47 -95.82
CA VAL M 262 12.28 -6.51 -96.06
C VAL M 262 13.44 -5.95 -96.87
N ASP M 263 13.20 -4.90 -97.65
CA ASP M 263 14.28 -4.39 -98.46
C ASP M 263 15.42 -3.85 -97.62
N TYR M 264 15.11 -3.46 -96.38
CA TYR M 264 16.14 -3.10 -95.42
C TYR M 264 17.12 -4.25 -95.27
N ILE M 265 16.60 -5.46 -95.18
CA ILE M 265 17.48 -6.62 -95.21
C ILE M 265 18.34 -6.61 -96.46
N ASP M 266 17.72 -6.44 -97.63
CA ASP M 266 18.53 -6.42 -98.85
C ASP M 266 19.60 -5.35 -98.76
N TYR M 267 19.22 -4.18 -98.25
CA TYR M 267 20.19 -3.12 -98.03
C TYR M 267 21.36 -3.59 -97.18
N LEU M 268 21.07 -4.24 -96.05
CA LEU M 268 22.12 -4.77 -95.19
C LEU M 268 23.08 -5.72 -95.94
N ASN M 269 22.54 -6.55 -96.82
CA ASN M 269 23.34 -7.49 -97.60
C ASN M 269 24.21 -6.85 -98.69
N HIS M 270 24.14 -5.55 -98.84
CA HIS M 270 24.94 -4.88 -99.85
C HIS M 270 25.48 -3.61 -99.26
N SER M 271 26.66 -3.71 -98.70
CA SER M 271 27.19 -2.63 -97.89
C SER M 271 28.52 -2.13 -98.39
N HIS M 272 28.73 -0.83 -98.26
CA HIS M 272 29.99 -0.25 -98.61
C HIS M 272 30.73 0.15 -97.34
N HIS M 273 32.04 -0.06 -97.34
CA HIS M 273 32.84 0.16 -96.16
C HIS M 273 34.04 1.05 -96.43
N LEU M 274 34.31 1.96 -95.50
CA LEU M 274 35.48 2.83 -95.56
C LEU M 274 36.52 2.38 -94.58
N TYR M 275 37.65 1.92 -95.08
CA TYR M 275 38.75 1.52 -94.20
C TYR M 275 40.00 2.33 -94.55
N LYS M 276 40.24 3.39 -93.78
CA LYS M 276 41.37 4.27 -94.02
C LYS M 276 41.22 5.04 -95.35
N ASN M 277 42.18 4.83 -96.25
CA ASN M 277 42.18 5.50 -97.55
C ASN M 277 41.43 4.70 -98.61
N LYS M 278 40.85 3.57 -98.21
CA LYS M 278 40.20 2.68 -99.16
C LYS M 278 38.71 2.44 -98.91
N THR M 279 38.02 2.04 -99.97
CA THR M 279 36.60 1.78 -99.96
C THR M 279 36.32 0.41 -100.58
N TYR M 280 35.57 -0.43 -99.89
CA TYR M 280 35.16 -1.71 -100.48
C TYR M 280 33.66 -1.90 -100.48
N CYS M 281 33.23 -2.93 -101.19
CA CYS M 281 31.82 -3.25 -101.30
C CYS M 281 31.70 -4.71 -100.92
N VAL M 282 30.62 -5.03 -100.22
CA VAL M 282 30.43 -6.39 -99.77
C VAL M 282 29.03 -6.82 -100.19
N LYS M 283 28.94 -8.01 -100.74
CA LYS M 283 27.63 -8.58 -101.03
C LYS M 283 27.42 -9.75 -100.12
N GLY M 284 26.23 -9.83 -99.53
CA GLY M 284 25.94 -10.88 -98.58
C GLY M 284 26.42 -10.49 -97.20
N GLY M 285 25.95 -11.22 -96.19
CA GLY M 285 26.32 -10.95 -94.81
C GLY M 285 25.67 -9.69 -94.27
N MET M 286 25.93 -9.42 -93.00
CA MET M 286 25.30 -8.32 -92.30
C MET M 286 26.35 -7.74 -91.36
N PRO M 287 26.67 -6.46 -91.53
CA PRO M 287 27.70 -5.78 -90.73
C PRO M 287 27.24 -5.70 -89.27
N SER M 288 28.09 -6.12 -88.34
CA SER M 288 27.71 -6.25 -86.94
C SER M 288 27.28 -4.92 -86.30
N GLY M 289 27.85 -3.83 -86.79
CA GLY M 289 27.58 -2.51 -86.30
C GLY M 289 26.31 -1.84 -86.79
N CYS M 290 25.49 -2.55 -87.56
CA CYS M 290 24.18 -2.00 -87.95
C CYS M 290 23.21 -2.24 -86.82
N SER M 291 22.21 -1.37 -86.69
CA SER M 291 21.09 -1.63 -85.78
C SER M 291 20.41 -2.98 -86.07
N GLY M 292 20.02 -3.68 -85.00
CA GLY M 292 19.23 -4.89 -85.12
C GLY M 292 19.99 -6.20 -85.30
N THR M 293 21.31 -6.12 -85.50
CA THR M 293 22.08 -7.31 -85.85
C THR M 293 21.93 -8.41 -84.81
N SER M 294 22.04 -8.02 -83.55
CA SER M 294 21.89 -8.96 -82.45
C SER M 294 20.54 -9.71 -82.48
N ILE M 295 19.47 -8.98 -82.74
CA ILE M 295 18.16 -9.61 -82.88
C ILE M 295 18.03 -10.42 -84.21
N PHE M 296 18.52 -9.88 -85.32
CA PHE M 296 18.41 -10.62 -86.60
C PHE M 296 19.20 -11.93 -86.55
N ASN M 297 20.38 -11.88 -85.92
CA ASN M 297 21.20 -13.06 -85.73
C ASN M 297 20.54 -14.09 -84.86
N SER M 298 19.83 -13.66 -83.81
CA SER M 298 19.12 -14.60 -82.95
C SER M 298 17.97 -15.26 -83.70
N MET M 299 17.29 -14.48 -84.54
CA MET M 299 16.20 -15.00 -85.34
C MET M 299 16.73 -15.99 -86.37
N ILE M 300 17.86 -15.69 -86.98
CA ILE M 300 18.43 -16.66 -87.91
C ILE M 300 18.81 -17.98 -87.19
N ASN M 301 19.42 -17.86 -86.01
CA ASN M 301 19.72 -19.05 -85.21
C ASN M 301 18.50 -19.94 -85.02
N ASN M 302 17.35 -19.33 -84.74
CA ASN M 302 16.11 -20.08 -84.52
C ASN M 302 15.68 -20.85 -85.76
N LEU M 303 15.83 -20.21 -86.91
CA LEU M 303 15.54 -20.86 -88.19
C LEU M 303 16.53 -21.98 -88.44
N ILE M 304 17.81 -21.71 -88.17
CA ILE M 304 18.85 -22.69 -88.46
C ILE M 304 18.65 -23.94 -87.65
N ILE M 305 18.36 -23.79 -86.37
CA ILE M 305 18.16 -24.95 -85.57
C ILE M 305 16.92 -25.73 -86.03
N ARG M 306 15.84 -25.01 -86.35
CA ARG M 306 14.65 -25.71 -86.78
C ARG M 306 14.92 -26.54 -88.05
N THR M 307 15.72 -25.97 -88.94
CA THR M 307 15.99 -26.58 -90.24
C THR M 307 16.80 -27.88 -90.13
N LEU M 308 17.81 -27.87 -89.27
CA LEU M 308 18.66 -29.04 -89.10
C LEU M 308 17.90 -30.19 -88.41
N LEU M 309 17.05 -29.85 -87.48
CA LEU M 309 16.22 -30.84 -86.84
C LEU M 309 15.26 -31.50 -87.82
N LEU M 310 14.61 -30.70 -88.66
CA LEU M 310 13.65 -31.22 -89.65
C LEU M 310 14.35 -32.11 -90.66
N LYS M 311 15.48 -31.62 -91.15
CA LYS M 311 16.30 -32.37 -92.06
C LYS M 311 16.91 -33.63 -91.43
N THR M 312 17.39 -33.53 -90.19
CA THR M 312 18.08 -34.65 -89.56
C THR M 312 17.13 -35.71 -88.97
N TYR M 313 16.07 -35.26 -88.31
CA TYR M 313 15.15 -36.18 -87.61
C TYR M 313 13.78 -36.17 -88.27
N LYS M 314 13.55 -37.11 -89.17
CA LYS M 314 12.27 -37.17 -89.86
C LYS M 314 11.19 -37.39 -88.82
N GLY M 315 10.14 -36.58 -88.86
CA GLY M 315 9.03 -36.72 -87.94
C GLY M 315 9.16 -35.97 -86.62
N ILE M 316 10.23 -35.17 -86.49
CA ILE M 316 10.42 -34.36 -85.30
C ILE M 316 9.35 -33.28 -85.19
N ASP M 317 8.87 -33.04 -83.96
CA ASP M 317 7.82 -32.08 -83.69
C ASP M 317 8.36 -30.78 -83.09
N LEU M 318 8.43 -29.74 -83.90
CA LEU M 318 9.05 -28.49 -83.50
C LEU M 318 8.39 -27.80 -82.31
N ASP M 319 7.12 -28.12 -82.03
CA ASP M 319 6.42 -27.56 -80.88
C ASP M 319 7.10 -27.93 -79.57
N HIS M 320 7.88 -29.01 -79.60
CA HIS M 320 8.56 -29.50 -78.41
C HIS M 320 10.05 -29.15 -78.44
N LEU M 321 10.45 -28.34 -79.42
CA LEU M 321 11.76 -27.73 -79.39
C LEU M 321 11.67 -26.50 -78.47
N LYS M 322 12.49 -26.49 -77.42
CA LYS M 322 12.57 -25.30 -76.57
C LYS M 322 13.99 -24.78 -76.64
N MET M 323 14.17 -23.62 -77.29
CA MET M 323 15.50 -23.05 -77.42
C MET M 323 15.56 -21.54 -77.16
N ILE M 324 16.74 -21.09 -76.78
CA ILE M 324 16.99 -19.68 -76.51
C ILE M 324 18.33 -19.32 -77.10
N ALA M 325 18.35 -18.32 -77.97
CA ALA M 325 19.57 -17.93 -78.61
C ALA M 325 19.96 -16.52 -78.20
N TYR M 326 21.25 -16.22 -78.30
CA TYR M 326 21.73 -14.86 -78.18
C TYR M 326 22.73 -14.70 -79.31
N GLY M 327 22.29 -14.12 -80.42
CA GLY M 327 23.11 -14.18 -81.63
C GLY M 327 23.36 -15.64 -81.95
N ASP M 328 24.62 -16.03 -82.11
CA ASP M 328 24.94 -17.42 -82.46
C ASP M 328 25.02 -18.34 -81.24
N ASP M 329 25.01 -17.76 -80.05
CA ASP M 329 25.05 -18.52 -78.82
C ASP M 329 23.67 -19.11 -78.60
N VAL M 330 23.59 -20.30 -78.05
CA VAL M 330 22.33 -21.00 -78.00
C VAL M 330 22.33 -22.11 -76.96
N ILE M 331 21.24 -22.21 -76.22
CA ILE M 331 20.94 -23.37 -75.42
C ILE M 331 19.62 -23.94 -75.95
N ALA M 332 19.62 -25.23 -76.21
CA ALA M 332 18.47 -25.86 -76.84
C ALA M 332 18.07 -27.13 -76.10
N SER M 333 16.83 -27.57 -76.32
CA SER M 333 16.35 -28.76 -75.65
C SER M 333 15.23 -29.42 -76.44
N TYR M 334 14.95 -30.68 -76.13
CA TYR M 334 13.92 -31.45 -76.82
C TYR M 334 13.61 -32.67 -75.94
N PRO M 335 12.35 -33.15 -75.96
CA PRO M 335 12.02 -34.16 -74.96
C PRO M 335 12.82 -35.45 -75.15
N HIS M 336 13.40 -35.62 -76.34
CA HIS M 336 14.23 -36.78 -76.62
C HIS M 336 15.60 -36.35 -77.12
N GLU M 337 16.61 -37.15 -76.81
CA GLU M 337 17.98 -36.82 -77.18
C GLU M 337 18.10 -36.50 -78.65
N VAL M 338 18.76 -35.38 -78.95
CA VAL M 338 19.19 -35.09 -80.32
C VAL M 338 20.71 -34.98 -80.34
N ASP M 339 21.28 -35.48 -81.41
CA ASP M 339 22.71 -35.68 -81.52
C ASP M 339 23.34 -34.52 -82.30
N ALA M 340 24.00 -33.59 -81.60
CA ALA M 340 24.59 -32.42 -82.25
C ALA M 340 25.64 -32.78 -83.31
N SER M 341 26.25 -33.96 -83.17
CA SER M 341 27.18 -34.42 -84.20
C SER M 341 26.40 -34.66 -85.49
N LEU M 342 25.17 -35.10 -85.36
CA LEU M 342 24.31 -35.34 -86.52
C LEU M 342 23.77 -34.01 -87.08
N LEU M 343 23.42 -33.07 -86.20
CA LEU M 343 22.97 -31.75 -86.68
C LEU M 343 24.10 -31.03 -87.40
N ALA M 344 25.33 -31.23 -86.95
CA ALA M 344 26.44 -30.48 -87.50
C ALA M 344 26.73 -30.96 -88.91
N GLN M 345 26.38 -32.21 -89.17
CA GLN M 345 26.62 -32.82 -90.46
C GLN M 345 25.63 -32.22 -91.46
N SER M 346 24.35 -32.27 -91.12
CA SER M 346 23.34 -31.58 -91.90
C SER M 346 23.76 -30.13 -92.16
N GLY M 347 24.42 -29.52 -91.17
CA GLY M 347 24.80 -28.12 -91.25
C GLY M 347 25.77 -27.78 -92.36
N LYS M 348 26.67 -28.71 -92.65
CA LYS M 348 27.59 -28.56 -93.78
C LYS M 348 26.87 -28.21 -95.09
N ASP M 349 25.69 -28.78 -95.30
CA ASP M 349 24.98 -28.54 -96.55
C ASP M 349 24.54 -27.08 -96.69
N TYR M 350 24.37 -26.41 -95.56
CA TYR M 350 23.93 -25.02 -95.59
C TYR M 350 25.09 -24.04 -95.45
N GLY M 351 26.31 -24.54 -95.59
CA GLY M 351 27.48 -23.70 -95.42
C GLY M 351 27.77 -23.37 -93.96
N LEU M 352 27.23 -24.17 -93.04
CA LEU M 352 27.44 -23.96 -91.62
C LEU M 352 28.55 -24.83 -91.05
N THR M 353 29.39 -24.23 -90.21
CA THR M 353 30.46 -24.97 -89.51
C THR M 353 30.19 -25.07 -88.02
N MET M 354 29.66 -26.21 -87.60
CA MET M 354 29.27 -26.44 -86.22
C MET M 354 30.21 -27.43 -85.51
N THR M 355 30.61 -27.09 -84.29
CA THR M 355 31.52 -27.93 -83.53
C THR M 355 31.01 -28.17 -82.10
N PRO M 356 31.64 -29.09 -81.36
CA PRO M 356 31.06 -29.40 -80.05
C PRO M 356 31.10 -28.18 -79.15
N ALA M 357 30.14 -28.06 -78.25
CA ALA M 357 30.05 -26.87 -77.40
C ALA M 357 31.31 -26.65 -76.56
N ASP M 358 31.68 -25.38 -76.41
CA ASP M 358 32.81 -25.00 -75.56
C ASP M 358 34.11 -25.65 -75.98
N LYS M 359 34.38 -25.61 -77.28
CA LYS M 359 35.64 -26.10 -77.83
C LYS M 359 36.07 -27.49 -77.37
N SER M 360 35.12 -28.28 -76.86
CA SER M 360 35.38 -29.71 -76.64
C SER M 360 35.96 -30.28 -77.92
N ALA M 361 36.80 -31.30 -77.81
CA ALA M 361 37.39 -31.92 -78.98
C ALA M 361 36.36 -32.84 -79.64
N THR M 362 35.38 -33.25 -78.86
CA THR M 362 34.43 -34.26 -79.27
C THR M 362 33.02 -33.86 -78.87
N PHE M 363 32.04 -34.31 -79.65
CA PHE M 363 30.64 -34.09 -79.30
C PHE M 363 30.28 -35.00 -78.15
N GLU M 364 29.92 -34.40 -77.03
CA GLU M 364 29.51 -35.19 -75.88
C GLU M 364 28.13 -34.77 -75.41
N THR M 365 27.48 -35.63 -74.64
CA THR M 365 26.17 -35.29 -74.13
C THR M 365 26.25 -33.98 -73.36
N VAL M 366 25.26 -33.13 -73.57
CA VAL M 366 25.15 -31.88 -72.84
C VAL M 366 24.23 -32.11 -71.66
N THR M 367 24.71 -31.72 -70.47
CA THR M 367 24.00 -31.92 -69.22
C THR M 367 23.95 -30.60 -68.50
N TRP M 368 23.05 -30.50 -67.53
CA TRP M 368 22.99 -29.30 -66.72
C TRP M 368 24.33 -28.95 -66.09
N GLU M 369 25.27 -29.87 -66.19
CA GLU M 369 26.55 -29.76 -65.50
C GLU M 369 27.63 -29.14 -66.38
N ASN M 370 27.65 -29.48 -67.65
CA ASN M 370 28.66 -28.96 -68.56
C ASN M 370 28.12 -27.86 -69.50
N VAL M 371 26.81 -27.61 -69.47
CA VAL M 371 26.20 -26.68 -70.43
C VAL M 371 26.52 -25.22 -70.11
N THR M 372 26.83 -24.43 -71.13
CA THR M 372 27.02 -23.00 -70.91
C THR M 372 26.18 -22.14 -71.84
N PHE M 373 25.91 -20.93 -71.40
CA PHE M 373 25.19 -19.96 -72.18
C PHE M 373 25.68 -18.61 -71.68
N LEU M 374 25.98 -17.69 -72.59
CA LEU M 374 26.54 -16.38 -72.22
C LEU M 374 27.79 -16.51 -71.35
N LYS M 375 28.56 -17.58 -71.59
CA LYS M 375 29.79 -17.88 -70.86
C LYS M 375 29.62 -18.28 -69.38
N ARG M 376 28.38 -18.54 -68.97
CA ARG M 376 28.07 -18.93 -67.60
C ARG M 376 27.53 -20.36 -67.51
N PHE M 377 28.05 -21.10 -66.52
CA PHE M 377 27.54 -22.43 -66.22
C PHE M 377 26.26 -22.27 -65.41
N PHE M 378 25.61 -23.40 -65.10
CA PHE M 378 24.37 -23.42 -64.36
C PHE M 378 24.54 -24.27 -63.10
N ARG M 379 24.43 -23.66 -61.94
CA ARG M 379 24.60 -24.39 -60.67
C ARG M 379 23.50 -24.03 -59.69
N ALA M 380 22.74 -25.03 -59.26
CA ALA M 380 21.68 -24.78 -58.29
C ALA M 380 22.29 -24.31 -56.98
N ASP M 381 21.59 -23.43 -56.28
CA ASP M 381 22.00 -23.02 -54.96
C ASP M 381 21.97 -24.19 -53.94
N GLU M 382 23.05 -24.35 -53.17
CA GLU M 382 23.12 -25.40 -52.14
C GLU M 382 21.91 -25.32 -51.22
N LYS M 383 21.57 -24.12 -50.78
CA LYS M 383 20.44 -23.93 -49.89
C LYS M 383 19.11 -24.00 -50.62
N TYR M 384 18.99 -23.28 -51.74
CA TYR M 384 17.72 -23.19 -52.44
C TYR M 384 17.80 -23.78 -53.85
N PRO M 385 17.61 -25.10 -53.97
CA PRO M 385 17.84 -25.86 -55.19
C PRO M 385 17.12 -25.33 -56.44
N PHE M 386 15.96 -24.70 -56.28
CA PHE M 386 15.24 -24.15 -57.42
C PHE M 386 15.81 -22.81 -57.91
N LEU M 387 16.72 -22.23 -57.13
CA LEU M 387 17.37 -20.99 -57.55
C LEU M 387 18.71 -21.32 -58.18
N ILE M 388 18.89 -20.92 -59.44
CA ILE M 388 20.09 -21.25 -60.20
C ILE M 388 21.11 -20.11 -60.38
N HIS M 389 22.36 -20.40 -60.01
CA HIS M 389 23.46 -19.46 -60.17
C HIS M 389 24.01 -19.48 -61.60
N PRO M 390 24.20 -18.29 -62.19
CA PRO M 390 24.98 -18.25 -63.42
C PRO M 390 26.44 -18.27 -63.02
N VAL M 391 27.19 -19.32 -63.30
CA VAL M 391 28.57 -19.24 -62.86
C VAL M 391 29.56 -19.00 -63.98
N MET M 392 30.13 -17.82 -63.95
CA MET M 392 31.22 -17.52 -64.84
C MET M 392 32.51 -17.98 -64.20
N PRO M 393 33.30 -18.75 -64.94
CA PRO M 393 34.58 -19.20 -64.39
C PRO M 393 35.52 -18.02 -64.12
N MET M 394 36.45 -18.21 -63.19
CA MET M 394 37.30 -17.13 -62.76
C MET M 394 38.35 -16.77 -63.80
N LYS M 395 38.75 -17.76 -64.60
CA LYS M 395 39.69 -17.52 -65.67
C LYS M 395 39.43 -16.19 -66.39
N GLU M 396 38.20 -15.98 -66.83
CA GLU M 396 37.84 -14.79 -67.61
C GLU M 396 37.91 -13.53 -66.77
N ILE M 397 37.47 -13.66 -65.53
CA ILE M 397 37.54 -12.58 -64.55
C ILE M 397 38.99 -12.19 -64.27
N HIS M 398 39.86 -13.19 -64.17
CA HIS M 398 41.28 -12.92 -63.91
C HIS M 398 41.90 -12.21 -65.09
N GLU M 399 41.53 -12.61 -66.29
CA GLU M 399 41.97 -11.93 -67.50
C GLU M 399 41.53 -10.47 -67.46
N SER M 400 40.26 -10.24 -67.20
CA SER M 400 39.74 -8.88 -67.22
C SER M 400 40.45 -7.98 -66.23
N ILE M 401 40.70 -8.50 -65.03
CA ILE M 401 41.16 -7.63 -63.95
C ILE M 401 42.58 -7.15 -64.16
N ARG M 402 43.34 -7.87 -64.99
CA ARG M 402 44.73 -7.53 -65.29
C ARG M 402 44.93 -6.31 -66.17
N TRP M 403 43.84 -5.74 -66.66
CA TRP M 403 43.95 -4.62 -67.58
C TRP M 403 42.97 -3.52 -67.28
N THR M 404 43.31 -2.31 -67.71
CA THR M 404 42.47 -1.17 -67.52
C THR M 404 42.62 -0.28 -68.73
N LYS M 405 41.60 0.50 -69.04
CA LYS M 405 41.69 1.48 -70.12
C LYS M 405 41.72 2.86 -69.48
N ASP M 406 41.47 2.90 -68.19
CA ASP M 406 41.66 4.12 -67.44
C ASP M 406 41.62 3.78 -65.96
N PRO M 407 42.78 3.91 -65.28
CA PRO M 407 42.87 3.47 -63.89
C PRO M 407 41.85 4.17 -63.00
N ARG M 408 41.29 5.28 -63.42
CA ARG M 408 40.22 5.92 -62.66
C ARG M 408 38.97 5.04 -62.58
N ASN M 409 38.92 3.96 -63.36
CA ASN M 409 37.75 3.08 -63.37
C ASN M 409 37.89 1.87 -62.46
N THR M 410 39.02 1.81 -61.75
CA THR M 410 39.45 0.58 -61.10
C THR M 410 38.41 0.07 -60.12
N GLN M 411 37.88 0.98 -59.31
CA GLN M 411 36.86 0.63 -58.34
C GLN M 411 35.67 -0.02 -59.04
N ASP M 412 35.12 0.65 -60.05
CA ASP M 412 33.96 0.12 -60.77
C ASP M 412 34.23 -1.21 -61.46
N HIS M 413 35.33 -1.26 -62.19
CA HIS M 413 35.78 -2.46 -62.87
C HIS M 413 35.79 -3.63 -61.89
N VAL M 414 36.58 -3.51 -60.82
CA VAL M 414 36.71 -4.59 -59.85
C VAL M 414 35.40 -4.95 -59.15
N ARG M 415 34.61 -3.95 -58.77
CA ARG M 415 33.32 -4.25 -58.21
C ARG M 415 32.43 -5.04 -59.18
N SER M 416 32.45 -4.66 -60.46
CA SER M 416 31.67 -5.38 -61.47
C SER M 416 32.17 -6.81 -61.58
N LEU M 417 33.48 -7.00 -61.51
CA LEU M 417 34.02 -8.34 -61.50
C LEU M 417 33.52 -9.18 -60.32
N CYS M 418 33.42 -8.56 -59.14
CA CYS M 418 32.87 -9.23 -57.95
C CYS M 418 31.43 -9.76 -58.14
N LEU M 419 30.58 -8.95 -58.78
CA LEU M 419 29.20 -9.33 -59.06
C LEU M 419 29.15 -10.58 -59.94
N LEU M 420 30.19 -10.78 -60.75
CA LEU M 420 30.25 -11.97 -61.58
C LEU M 420 30.89 -13.12 -60.78
N ALA M 421 31.89 -12.80 -59.98
CA ALA M 421 32.77 -13.80 -59.36
C ALA M 421 32.10 -14.62 -58.26
N TRP M 422 31.25 -13.98 -57.47
CA TRP M 422 30.78 -14.58 -56.22
C TRP M 422 29.93 -15.83 -56.43
N HIS M 423 29.38 -15.98 -57.64
CA HIS M 423 28.57 -17.15 -57.96
C HIS M 423 29.42 -18.41 -57.95
N ASN M 424 30.74 -18.26 -58.08
CA ASN M 424 31.65 -19.39 -57.97
C ASN M 424 31.71 -19.99 -56.55
N GLY M 425 30.95 -19.43 -55.61
CA GLY M 425 30.95 -19.90 -54.24
C GLY M 425 31.77 -19.07 -53.24
N GLU M 426 31.38 -19.16 -51.97
CA GLU M 426 32.01 -18.38 -50.89
C GLU M 426 33.53 -18.55 -50.80
N GLU M 427 34.01 -19.78 -50.86
CA GLU M 427 35.45 -20.04 -50.82
C GLU M 427 36.22 -19.45 -52.02
N GLU M 428 35.73 -19.69 -53.22
CA GLU M 428 36.38 -19.11 -54.39
C GLU M 428 36.38 -17.58 -54.27
N TYR M 429 35.25 -17.03 -53.86
CA TYR M 429 35.10 -15.57 -53.83
C TYR M 429 36.04 -14.93 -52.81
N ASN M 430 36.07 -15.48 -51.58
CA ASN M 430 36.95 -14.96 -50.53
C ASN M 430 38.41 -14.99 -50.94
N LYS M 431 38.79 -16.01 -51.69
CA LYS M 431 40.14 -16.05 -52.24
C LYS M 431 40.35 -14.90 -53.25
N PHE M 432 39.38 -14.69 -54.13
CA PHE M 432 39.44 -13.60 -55.10
C PHE M 432 39.72 -12.29 -54.37
N LEU M 433 38.91 -11.99 -53.36
CA LEU M 433 39.08 -10.77 -52.61
C LEU M 433 40.46 -10.70 -51.95
N ALA M 434 40.88 -11.80 -51.33
CA ALA M 434 42.16 -11.80 -50.61
C ALA M 434 43.27 -11.41 -51.56
N LYS M 435 43.20 -11.94 -52.79
CA LYS M 435 44.23 -11.68 -53.79
C LYS M 435 44.21 -10.24 -54.24
N ILE M 436 43.02 -9.70 -54.46
CA ILE M 436 42.86 -8.28 -54.75
C ILE M 436 43.47 -7.46 -53.61
N ARG M 437 43.16 -7.85 -52.38
CA ARG M 437 43.67 -7.13 -51.23
C ARG M 437 45.15 -7.34 -50.95
N SER M 438 45.83 -8.11 -51.80
CA SER M 438 47.23 -8.41 -51.59
C SER M 438 48.15 -7.31 -52.09
N VAL M 439 47.56 -6.26 -52.67
CA VAL M 439 48.32 -5.06 -53.04
C VAL M 439 47.61 -3.81 -52.54
N PRO M 440 48.36 -2.72 -52.34
CA PRO M 440 47.81 -1.55 -51.66
C PRO M 440 46.57 -0.97 -52.35
N ILE M 441 46.60 -0.81 -53.66
CA ILE M 441 45.42 -0.26 -54.35
C ILE M 441 44.19 -1.16 -54.10
N GLY M 442 44.39 -2.47 -54.17
CA GLY M 442 43.33 -3.40 -53.84
C GLY M 442 42.77 -3.20 -52.44
N ARG M 443 43.63 -2.78 -51.50
CA ARG M 443 43.17 -2.53 -50.12
C ARG M 443 42.41 -1.22 -49.98
N ALA M 444 42.52 -0.35 -50.98
CA ALA M 444 41.77 0.91 -51.01
C ALA M 444 40.37 0.80 -51.67
N LEU M 445 40.02 -0.41 -52.12
CA LEU M 445 38.74 -0.63 -52.79
C LEU M 445 37.66 -1.12 -51.84
N ASP M 446 36.47 -0.55 -51.93
CA ASP M 446 35.32 -1.05 -51.19
C ASP M 446 34.64 -2.17 -51.99
N LEU M 447 34.81 -3.40 -51.52
CA LEU M 447 34.32 -4.57 -52.21
C LEU M 447 33.22 -5.27 -51.40
N PRO M 448 32.23 -5.83 -52.10
CA PRO M 448 31.10 -6.47 -51.41
C PRO M 448 31.52 -7.80 -50.81
N GLU M 449 31.03 -8.09 -49.61
CA GLU M 449 31.25 -9.38 -48.98
C GLU M 449 30.23 -10.40 -49.49
N TYR M 450 30.65 -11.66 -49.57
CA TYR M 450 29.84 -12.73 -50.15
C TYR M 450 28.42 -12.75 -49.60
N SER M 451 28.32 -12.66 -48.28
CA SER M 451 27.05 -12.76 -47.62
C SER M 451 26.18 -11.58 -48.01
N THR M 452 26.79 -10.43 -48.27
CA THR M 452 26.00 -9.28 -48.73
C THR M 452 25.44 -9.57 -50.12
N LEU M 453 26.24 -10.23 -50.96
CA LEU M 453 25.85 -10.43 -52.34
C LEU M 453 24.79 -11.53 -52.41
N TYR M 454 25.02 -12.57 -51.63
CA TYR M 454 24.10 -13.70 -51.56
C TYR M 454 22.73 -13.22 -51.07
N ARG M 455 22.73 -12.43 -50.02
CA ARG M 455 21.46 -11.94 -49.50
C ARG M 455 20.75 -11.12 -50.56
N ARG M 456 21.51 -10.30 -51.25
CA ARG M 456 20.94 -9.43 -52.28
C ARG M 456 20.37 -10.28 -53.43
N TRP M 457 21.09 -11.33 -53.79
CA TRP M 457 20.62 -12.22 -54.84
C TRP M 457 19.29 -12.87 -54.45
N LEU M 458 19.21 -13.42 -53.23
CA LEU M 458 17.96 -14.04 -52.77
C LEU M 458 16.82 -13.03 -52.75
N ASP M 459 17.08 -11.84 -52.23
CA ASP M 459 16.06 -10.80 -52.20
C ASP M 459 15.59 -10.42 -53.61
N SER M 460 16.46 -10.57 -54.60
CA SER M 460 16.09 -10.16 -55.96
C SER M 460 14.95 -11.02 -56.53
N PHE M 461 14.72 -12.20 -55.96
CA PHE M 461 13.61 -13.06 -56.36
C PHE M 461 12.32 -12.74 -55.61
P O2C O 15 29.56 -14.82 -80.05
O1P O2C O 15 29.76 -16.29 -80.21
O2P O2C O 15 30.82 -14.10 -79.34
O5' O2C O 15 29.35 -14.05 -81.46
C5' O2C O 15 30.21 -13.01 -81.91
C4' O2C O 15 29.27 -12.17 -82.75
O4' O2C O 15 28.51 -11.38 -81.84
C1' O2C O 15 28.44 -10.03 -82.28
N1 O2C O 15 29.33 -9.19 -81.48
C6 O2C O 15 30.26 -9.70 -80.67
C2 O2C O 15 29.17 -7.80 -81.63
O2 O2C O 15 28.27 -7.38 -82.41
N3 O2C O 15 29.96 -6.95 -80.97
C4 O2C O 15 30.90 -7.44 -80.12
N4 O2C O 15 31.67 -6.57 -79.44
C5 O2C O 15 31.07 -8.82 -79.95
C2' O2C O 15 29.00 -10.05 -83.69
O2' O2C O 15 27.91 -10.27 -84.60
C3' O2C O 15 29.94 -11.23 -83.74
P1 POP Q . -30.60 17.29 83.64
O1 POP Q . -31.47 16.08 83.40
O2 POP Q . -29.14 16.84 83.69
O3 POP Q . -30.99 17.88 84.98
O POP Q . -30.83 18.32 82.42
P2 POP Q . -31.31 19.86 82.61
O4 POP Q . -30.31 20.77 81.95
O5 POP Q . -31.42 20.24 84.06
O6 POP Q . -32.67 20.03 81.96
C1 IPA R . -48.76 8.10 64.63
C2 IPA R . -48.04 7.34 65.75
C3 IPA R . -46.55 7.29 65.45
O2 IPA R . -48.19 7.99 67.00
C1 IPA S . -27.36 0.35 63.44
C2 IPA S . -27.25 0.77 64.90
C3 IPA S . -26.89 -0.43 65.80
O2 IPA S . -26.31 1.81 65.08
C1 IPA T . -41.68 8.56 58.10
C2 IPA T . -40.78 7.82 59.08
C3 IPA T . -40.16 8.80 60.09
O2 IPA T . -41.51 6.82 59.75
C1 IPA U . -18.53 24.91 72.20
C2 IPA U . -17.31 24.47 73.00
C3 IPA U . -16.22 23.97 72.07
O2 IPA U . -17.68 23.41 73.86
C1 IPA V . -20.32 7.82 108.90
C2 IPA V . -21.06 7.10 107.78
C3 IPA V . -21.86 5.93 108.33
O2 IPA V . -21.97 8.02 107.19
ZN ZN W . -23.00 8.33 105.19
P1 POP X . 19.59 -23.45 17.53
O1 POP X . 20.14 -22.85 16.25
O2 POP X . 20.31 -22.80 18.69
O3 POP X . 19.84 -24.94 17.53
O POP X . 18.01 -23.13 17.64
P2 POP X . 17.10 -22.75 16.35
O4 POP X . 15.85 -23.59 16.40
O5 POP X . 17.82 -23.08 15.07
O6 POP X . 16.76 -21.26 16.38
C1 IPA Y . -2.04 -20.26 31.47
C2 IPA Y . -1.45 -20.32 32.86
C3 IPA Y . -1.13 -18.93 33.35
O2 IPA Y . -2.46 -20.86 33.71
C1 IPA Z . 3.72 -36.35 38.13
C2 IPA Z . 3.00 -35.41 37.16
C3 IPA Z . 4.02 -34.69 36.26
O2 IPA Z . 2.08 -36.14 36.37
C1 IPA AA . 12.53 -7.52 -8.00
C2 IPA AA . 11.44 -8.37 -7.35
C3 IPA AA . 10.64 -9.11 -8.42
O2 IPA AA . 12.07 -9.34 -6.54
ZN ZN BA . 12.16 -11.01 -4.91
P1 POP CA . -13.44 25.10 -16.23
O1 POP CA . -13.33 24.92 -17.74
O2 POP CA . -12.07 25.26 -15.62
O3 POP CA . -14.08 23.87 -15.63
O POP CA . -14.41 26.36 -15.89
P2 POP CA . -14.34 27.81 -16.60
O4 POP CA . -12.92 28.34 -16.58
O5 POP CA . -15.22 28.76 -15.83
O6 POP CA . -14.81 27.69 -18.04
C1 IPA DA . -32.83 15.42 -34.64
C2 IPA DA . -31.32 15.57 -34.69
C3 IPA DA . -30.99 16.91 -35.33
O2 IPA DA . -30.78 15.49 -33.37
C1 IPA EA . -2.89 8.34 -5.24
C2 IPA EA . -1.39 8.19 -5.06
C3 IPA EA . -0.69 8.63 -6.34
O2 IPA EA . -0.99 9.05 -4.01
C1 IPA FA . -1.15 32.66 -27.13
C2 IPA FA . -0.05 32.01 -26.31
C3 IPA FA . 1.12 31.74 -27.26
O2 IPA FA . -0.52 30.80 -25.74
ZN ZN GA . -5.36 15.92 6.30
P1 POP HA . 36.05 -15.28 -82.22
O1 POP HA . 37.02 -16.22 -82.91
O2 POP HA . 36.68 -13.92 -82.06
O3 POP HA . 35.65 -15.84 -80.86
O POP HA . 34.74 -15.19 -83.16
P2 POP HA . 33.51 -14.15 -82.89
O4 POP HA . 33.95 -12.73 -83.12
O5 POP HA . 33.02 -14.28 -81.46
O6 POP HA . 32.42 -14.51 -83.86
C1 IPA IA . 16.06 -11.84 -66.73
C2 IPA IA . 14.59 -11.64 -66.53
C3 IPA IA . 14.47 -10.45 -65.58
O2 IPA IA . 14.08 -12.81 -65.93
C1 IPA JA . 20.37 -0.64 -93.53
C2 IPA JA . 20.04 0.60 -94.33
C3 IPA JA . 18.78 0.31 -95.11
O2 IPA JA . 19.75 1.65 -93.43
C1 IPA KA . 31.63 -24.27 -62.14
C2 IPA KA . 32.82 -24.51 -63.06
C3 IPA KA . 32.44 -25.53 -64.12
O2 IPA KA . 33.23 -23.30 -63.67
ZN ZN LA . 28.70 -1.92 -104.80
C1 IPA MA . 39.99 -4.68 -69.18
C2 IPA MA . 39.48 -3.40 -69.86
C3 IPA MA . 38.20 -3.64 -70.66
O2 IPA MA . 39.23 -2.40 -68.90
#